data_7LXC
#
_entry.id   7LXC
#
_entity_poly.entity_id   1
_entity_poly.type   'polypeptide(L)'
_entity_poly.pdbx_seq_one_letter_code
;MHHHHHHMSAEVIHQVEEALSSSELTELKYLCLGRVGKRKLERVQSGVRDLLDILRERGKLSVGDLAELLYRVRRFDLLK
RILKMDRKAVETHLLRNPHLVSDYR
;
_entity_poly.pdbx_strand_id   A
#
# COMPACT_ATOMS: atom_id res chain seq x y z
N HIS A 7 14.31 -3.79 2.53
CA HIS A 7 13.40 -4.20 3.58
C HIS A 7 12.17 -4.88 3.01
N MET A 8 11.35 -4.12 2.29
CA MET A 8 10.15 -4.66 1.65
C MET A 8 10.49 -5.33 0.32
N SER A 9 9.89 -6.49 0.09
CA SER A 9 10.16 -7.24 -1.14
C SER A 9 8.88 -7.46 -1.94
N ALA A 10 8.92 -8.40 -2.87
CA ALA A 10 7.76 -8.71 -3.71
C ALA A 10 6.63 -9.29 -2.88
N GLU A 11 6.97 -10.00 -1.81
CA GLU A 11 5.97 -10.58 -0.92
C GLU A 11 5.15 -9.50 -0.24
N VAL A 12 5.80 -8.41 0.15
CA VAL A 12 5.14 -7.30 0.80
C VAL A 12 4.09 -6.67 -0.12
N ILE A 13 4.53 -6.26 -1.31
CA ILE A 13 3.65 -5.59 -2.26
C ILE A 13 2.60 -6.55 -2.80
N HIS A 14 2.93 -7.84 -2.81
CA HIS A 14 1.95 -8.87 -3.14
C HIS A 14 0.80 -8.88 -2.16
N GLN A 15 1.12 -8.88 -0.87
CA GLN A 15 0.11 -8.84 0.18
C GLN A 15 -0.76 -7.60 0.07
N VAL A 16 -0.14 -6.47 -0.29
CA VAL A 16 -0.86 -5.24 -0.52
C VAL A 16 -1.90 -5.41 -1.62
N GLU A 17 -1.49 -6.05 -2.72
CA GLU A 17 -2.40 -6.32 -3.83
C GLU A 17 -3.54 -7.23 -3.41
N GLU A 18 -3.23 -8.20 -2.56
CA GLU A 18 -4.25 -9.13 -2.07
C GLU A 18 -5.27 -8.43 -1.20
N ALA A 19 -4.80 -7.54 -0.33
CA ALA A 19 -5.67 -6.87 0.63
C ALA A 19 -6.51 -5.79 -0.05
N LEU A 20 -5.85 -4.89 -0.77
CA LEU A 20 -6.51 -3.74 -1.36
C LEU A 20 -6.98 -4.05 -2.77
N SER A 21 -8.12 -3.46 -3.15
CA SER A 21 -8.71 -3.71 -4.46
C SER A 21 -7.88 -3.07 -5.57
N SER A 22 -8.09 -3.53 -6.80
CA SER A 22 -7.40 -2.98 -7.96
C SER A 22 -7.53 -1.46 -7.99
N SER A 23 -8.74 -0.97 -7.75
CA SER A 23 -9.01 0.46 -7.74
C SER A 23 -8.25 1.15 -6.61
N GLU A 24 -8.25 0.52 -5.44
CA GLU A 24 -7.54 1.06 -4.28
C GLU A 24 -6.04 1.10 -4.53
N LEU A 25 -5.55 0.13 -5.29
CA LEU A 25 -4.14 0.09 -5.67
C LEU A 25 -3.79 1.25 -6.59
N THR A 26 -4.71 1.61 -7.48
CA THR A 26 -4.59 2.83 -8.28
C THR A 26 -4.64 4.06 -7.39
N GLU A 27 -5.49 4.02 -6.36
CA GLU A 27 -5.62 5.13 -5.43
C GLU A 27 -4.32 5.36 -4.66
N LEU A 28 -3.58 4.28 -4.42
CA LEU A 28 -2.27 4.38 -3.78
C LEU A 28 -1.32 5.25 -4.60
N LYS A 29 -1.34 5.07 -5.92
CA LYS A 29 -0.57 5.91 -6.82
C LYS A 29 -0.92 7.38 -6.62
N TYR A 30 -2.21 7.68 -6.60
CA TYR A 30 -2.68 9.07 -6.46
C TYR A 30 -2.52 9.55 -5.02
N LEU A 31 -2.50 8.60 -4.09
CA LEU A 31 -2.24 8.92 -2.68
C LEU A 31 -0.82 9.40 -2.48
N CYS A 32 0.12 8.81 -3.20
CA CYS A 32 1.49 9.29 -3.23
C CYS A 32 1.60 10.62 -3.96
N LEU A 33 0.93 10.71 -5.11
CA LEU A 33 1.07 11.86 -5.99
C LEU A 33 0.24 13.04 -5.51
N GLY A 34 -1.08 12.89 -5.60
CA GLY A 34 -2.00 14.00 -5.36
C GLY A 34 -2.60 13.92 -3.97
N ARG A 35 -2.10 12.99 -3.16
CA ARG A 35 -2.60 12.82 -1.79
C ARG A 35 -4.08 12.48 -1.78
N VAL A 36 -4.50 11.63 -2.72
CA VAL A 36 -5.89 11.19 -2.78
C VAL A 36 -6.08 9.89 -2.01
N GLY A 37 -6.81 9.97 -0.90
CA GLY A 37 -6.99 8.83 -0.02
C GLY A 37 -8.44 8.35 -0.03
N LYS A 38 -8.95 8.05 -1.22
CA LYS A 38 -10.31 7.56 -1.37
C LYS A 38 -10.34 6.04 -1.35
N ARG A 39 -11.43 5.49 -0.82
CA ARG A 39 -11.59 4.04 -0.74
C ARG A 39 -12.45 3.50 -1.88
N LYS A 40 -12.16 2.29 -2.31
CA LYS A 40 -12.84 1.69 -3.46
C LYS A 40 -13.15 0.21 -3.21
N LEU A 41 -14.36 -0.07 -2.75
CA LEU A 41 -14.76 -1.44 -2.44
C LEU A 41 -14.94 -2.26 -3.71
N GLU A 42 -13.82 -2.64 -4.32
CA GLU A 42 -13.84 -3.40 -5.56
C GLU A 42 -13.14 -4.75 -5.39
N ARG A 43 -13.08 -5.51 -6.48
CA ARG A 43 -12.44 -6.83 -6.46
C ARG A 43 -10.92 -6.69 -6.38
N VAL A 44 -10.31 -7.54 -5.55
CA VAL A 44 -8.86 -7.56 -5.42
C VAL A 44 -8.22 -8.43 -6.48
N GLN A 45 -6.94 -8.20 -6.73
CA GLN A 45 -6.19 -8.96 -7.73
C GLN A 45 -5.27 -9.98 -7.05
N SER A 46 -4.90 -11.02 -7.81
CA SER A 46 -4.04 -12.07 -7.28
C SER A 46 -2.71 -12.13 -8.03
N GLY A 47 -2.18 -10.96 -8.35
CA GLY A 47 -0.93 -10.88 -9.11
C GLY A 47 -1.17 -10.39 -10.53
N VAL A 48 -1.69 -9.18 -10.65
CA VAL A 48 -2.03 -8.61 -11.96
C VAL A 48 -1.45 -7.21 -12.11
N ARG A 49 -1.54 -6.43 -11.05
CA ARG A 49 -1.15 -5.02 -11.10
C ARG A 49 0.36 -4.87 -10.98
N ASP A 50 1.07 -5.13 -12.07
CA ASP A 50 2.52 -5.04 -12.09
C ASP A 50 2.99 -3.60 -11.89
N LEU A 51 2.08 -2.66 -12.12
CA LEU A 51 2.36 -1.24 -11.88
C LEU A 51 2.91 -1.03 -10.47
N LEU A 52 2.46 -1.85 -9.54
CA LEU A 52 2.91 -1.75 -8.15
C LEU A 52 4.42 -1.91 -8.04
N ASP A 53 4.97 -2.83 -8.83
CA ASP A 53 6.41 -3.07 -8.84
C ASP A 53 7.14 -1.94 -9.56
N ILE A 54 6.52 -1.43 -10.62
CA ILE A 54 7.06 -0.27 -11.33
C ILE A 54 7.17 0.95 -10.42
N LEU A 55 6.09 1.21 -9.67
CA LEU A 55 6.06 2.35 -8.76
C LEU A 55 7.00 2.13 -7.58
N ARG A 56 7.15 0.88 -7.17
CA ARG A 56 8.09 0.53 -6.11
C ARG A 56 9.52 0.92 -6.49
N GLU A 57 9.93 0.54 -7.69
CA GLU A 57 11.25 0.89 -8.20
C GLU A 57 11.34 2.38 -8.53
N ARG A 58 10.24 2.93 -9.02
CA ARG A 58 10.18 4.35 -9.35
C ARG A 58 10.48 5.21 -8.13
N GLY A 59 9.93 4.82 -6.99
CA GLY A 59 10.12 5.57 -5.75
C GLY A 59 8.80 6.15 -5.24
N LYS A 60 7.70 5.59 -5.71
CA LYS A 60 6.37 6.01 -5.27
C LYS A 60 5.79 5.04 -4.25
N LEU A 61 6.15 3.77 -4.39
CA LEU A 61 5.77 2.76 -3.41
C LEU A 61 7.00 2.17 -2.73
N SER A 62 7.89 3.05 -2.26
CA SER A 62 9.09 2.63 -1.54
C SER A 62 8.75 2.12 -0.15
N VAL A 63 9.76 1.62 0.55
CA VAL A 63 9.57 1.09 1.90
C VAL A 63 8.87 2.11 2.80
N GLY A 64 9.42 3.31 2.86
CA GLY A 64 8.87 4.36 3.71
C GLY A 64 7.55 4.89 3.15
N ASP A 65 7.50 5.07 1.83
CA ASP A 65 6.35 5.66 1.19
C ASP A 65 5.13 4.76 1.30
N LEU A 66 5.31 3.48 0.98
CA LEU A 66 4.23 2.51 1.06
C LEU A 66 3.68 2.42 2.47
N ALA A 67 4.58 2.39 3.46
CA ALA A 67 4.18 2.36 4.86
C ALA A 67 3.26 3.52 5.20
N GLU A 68 3.64 4.72 4.76
CA GLU A 68 2.82 5.91 4.96
C GLU A 68 1.48 5.77 4.25
N LEU A 69 1.52 5.34 2.99
CA LEU A 69 0.32 5.19 2.19
C LEU A 69 -0.67 4.23 2.87
N LEU A 70 -0.16 3.11 3.35
CA LEU A 70 -1.00 2.09 3.98
C LEU A 70 -1.55 2.58 5.31
N TYR A 71 -0.77 3.41 6.00
CA TYR A 71 -1.26 4.11 7.18
C TYR A 71 -2.44 5.02 6.83
N ARG A 72 -2.28 5.81 5.79
CA ARG A 72 -3.32 6.75 5.37
C ARG A 72 -4.57 6.02 4.91
N VAL A 73 -4.37 4.87 4.27
CA VAL A 73 -5.47 3.98 3.93
C VAL A 73 -6.07 3.35 5.18
N ARG A 74 -5.23 3.07 6.16
CA ARG A 74 -5.67 2.48 7.42
C ARG A 74 -6.12 1.04 7.23
N ARG A 75 -5.36 0.28 6.44
CA ARG A 75 -5.65 -1.12 6.21
C ARG A 75 -4.91 -2.01 7.21
N PHE A 76 -5.63 -2.44 8.25
CA PHE A 76 -5.01 -3.14 9.36
C PHE A 76 -4.59 -4.55 8.95
N ASP A 77 -5.19 -5.06 7.89
CA ASP A 77 -4.80 -6.35 7.33
C ASP A 77 -3.38 -6.30 6.79
N LEU A 78 -2.87 -5.10 6.54
CA LEU A 78 -1.51 -4.92 6.08
C LEU A 78 -0.63 -4.32 7.16
N LEU A 79 -1.18 -3.37 7.92
CA LEU A 79 -0.43 -2.67 8.95
C LEU A 79 0.04 -3.63 10.03
N LYS A 80 -0.79 -4.63 10.33
CA LYS A 80 -0.47 -5.60 11.37
C LYS A 80 -0.04 -6.93 10.78
N ARG A 81 0.42 -6.89 9.53
CA ARG A 81 0.96 -8.08 8.88
C ARG A 81 2.29 -7.79 8.20
N ILE A 82 2.30 -6.76 7.34
CA ILE A 82 3.53 -6.28 6.74
C ILE A 82 4.40 -5.55 7.76
N LEU A 83 3.80 -4.59 8.46
CA LEU A 83 4.52 -3.80 9.45
C LEU A 83 4.37 -4.42 10.85
N LYS A 84 3.37 -5.27 11.01
CA LYS A 84 3.22 -6.06 12.23
C LYS A 84 3.15 -5.16 13.45
N MET A 85 2.37 -4.09 13.35
CA MET A 85 2.19 -3.17 14.46
C MET A 85 0.91 -2.35 14.30
N ASP A 86 0.47 -1.73 15.38
CA ASP A 86 -0.74 -0.91 15.35
C ASP A 86 -0.57 0.29 14.42
N ARG A 87 -1.67 0.77 13.87
CA ARG A 87 -1.66 1.93 13.00
C ARG A 87 -0.97 3.11 13.68
N LYS A 88 -1.25 3.29 14.96
CA LYS A 88 -0.64 4.37 15.73
C LYS A 88 0.87 4.16 15.85
N ALA A 89 1.27 2.92 16.06
CA ALA A 89 2.70 2.57 16.11
C ALA A 89 3.40 2.92 14.79
N VAL A 90 2.70 2.68 13.68
CA VAL A 90 3.21 3.06 12.37
C VAL A 90 3.41 4.56 12.26
N GLU A 91 2.43 5.32 12.76
CA GLU A 91 2.49 6.78 12.73
C GLU A 91 3.82 7.28 13.29
N THR A 92 4.28 6.66 14.36
CA THR A 92 5.48 7.12 15.06
C THR A 92 6.73 6.84 14.25
N HIS A 93 6.58 6.07 13.18
CA HIS A 93 7.70 5.77 12.28
C HIS A 93 7.59 6.56 10.99
N LEU A 94 6.66 7.51 10.95
CA LEU A 94 6.46 8.35 9.77
C LEU A 94 6.92 9.78 10.02
N HIS A 7 14.56 -1.79 -0.17
CA HIS A 7 14.43 -2.23 1.21
C HIS A 7 13.53 -3.45 1.32
N MET A 8 12.23 -3.23 1.16
CA MET A 8 11.25 -4.32 1.25
C MET A 8 11.30 -5.19 0.00
N SER A 9 10.87 -6.43 0.13
CA SER A 9 10.91 -7.39 -0.97
C SER A 9 9.70 -7.24 -1.88
N ALA A 10 9.75 -7.90 -3.04
CA ALA A 10 8.62 -7.95 -3.94
C ALA A 10 7.42 -8.63 -3.29
N GLU A 11 7.70 -9.64 -2.47
CA GLU A 11 6.66 -10.33 -1.70
C GLU A 11 5.85 -9.33 -0.87
N VAL A 12 6.55 -8.43 -0.19
CA VAL A 12 5.90 -7.43 0.65
C VAL A 12 4.87 -6.63 -0.13
N ILE A 13 5.30 -6.05 -1.24
CA ILE A 13 4.45 -5.17 -2.04
C ILE A 13 3.36 -5.98 -2.75
N HIS A 14 3.64 -7.26 -3.00
CA HIS A 14 2.67 -8.15 -3.62
C HIS A 14 1.51 -8.45 -2.68
N GLN A 15 1.81 -8.53 -1.39
CA GLN A 15 0.80 -8.83 -0.39
C GLN A 15 -0.18 -7.68 -0.25
N VAL A 16 0.24 -6.49 -0.62
CA VAL A 16 -0.56 -5.29 -0.43
C VAL A 16 -1.90 -5.39 -1.15
N GLU A 17 -1.86 -5.85 -2.39
CA GLU A 17 -3.04 -5.86 -3.24
C GLU A 17 -4.01 -6.95 -2.83
N GLU A 18 -3.60 -7.79 -1.88
CA GLU A 18 -4.44 -8.85 -1.36
C GLU A 18 -5.37 -8.34 -0.28
N ALA A 19 -5.22 -7.08 0.08
CA ALA A 19 -6.12 -6.42 1.03
C ALA A 19 -6.63 -5.09 0.49
N LEU A 20 -5.83 -4.47 -0.37
CA LEU A 20 -6.27 -3.31 -1.13
C LEU A 20 -6.55 -3.66 -2.58
N SER A 21 -7.67 -3.17 -3.10
CA SER A 21 -8.05 -3.43 -4.49
C SER A 21 -7.18 -2.64 -5.45
N SER A 22 -7.13 -3.09 -6.70
CA SER A 22 -6.38 -2.40 -7.74
C SER A 22 -6.96 -1.01 -8.00
N SER A 23 -8.25 -0.84 -7.69
CA SER A 23 -8.90 0.46 -7.82
C SER A 23 -8.50 1.39 -6.68
N GLU A 24 -8.38 0.83 -5.48
CA GLU A 24 -7.89 1.58 -4.33
C GLU A 24 -6.42 1.97 -4.52
N LEU A 25 -5.62 1.02 -4.99
CA LEU A 25 -4.19 1.26 -5.20
C LEU A 25 -3.97 2.31 -6.29
N THR A 26 -4.84 2.29 -7.30
CA THR A 26 -4.82 3.32 -8.33
C THR A 26 -5.11 4.70 -7.75
N GLU A 27 -6.09 4.75 -6.85
CA GLU A 27 -6.45 5.99 -6.17
C GLU A 27 -5.33 6.47 -5.26
N LEU A 28 -4.62 5.52 -4.66
CA LEU A 28 -3.49 5.83 -3.78
C LEU A 28 -2.32 6.38 -4.57
N LYS A 29 -2.17 5.92 -5.81
CA LYS A 29 -1.25 6.55 -6.76
C LYS A 29 -1.59 8.01 -6.95
N TYR A 30 -2.87 8.30 -7.16
CA TYR A 30 -3.32 9.67 -7.35
C TYR A 30 -3.26 10.47 -6.05
N LEU A 31 -3.40 9.76 -4.93
CA LEU A 31 -3.20 10.36 -3.62
C LEU A 31 -1.81 10.98 -3.50
N CYS A 32 -0.80 10.22 -3.90
CA CYS A 32 0.58 10.72 -3.90
C CYS A 32 0.78 11.74 -5.01
N LEU A 33 0.18 11.50 -6.17
CA LEU A 33 0.41 12.33 -7.35
C LEU A 33 -0.38 13.63 -7.27
N GLY A 34 -1.70 13.52 -7.39
CA GLY A 34 -2.55 14.70 -7.53
C GLY A 34 -3.24 15.04 -6.22
N ARG A 35 -2.79 14.42 -5.14
CA ARG A 35 -3.36 14.68 -3.81
C ARG A 35 -4.83 14.31 -3.76
N VAL A 36 -5.16 13.16 -4.33
CA VAL A 36 -6.53 12.67 -4.31
C VAL A 36 -6.76 11.73 -3.13
N GLY A 37 -7.59 12.17 -2.19
CA GLY A 37 -7.85 11.39 -0.98
C GLY A 37 -9.11 10.56 -1.13
N LYS A 38 -9.17 9.75 -2.18
CA LYS A 38 -10.33 8.92 -2.46
C LYS A 38 -9.96 7.45 -2.51
N ARG A 39 -10.97 6.59 -2.52
CA ARG A 39 -10.75 5.15 -2.64
C ARG A 39 -12.00 4.44 -3.13
N LYS A 40 -11.81 3.40 -3.93
CA LYS A 40 -12.93 2.63 -4.47
C LYS A 40 -12.84 1.16 -4.06
N LEU A 41 -13.63 0.78 -3.07
CA LEU A 41 -13.59 -0.58 -2.53
C LEU A 41 -14.02 -1.60 -3.58
N GLU A 42 -13.10 -2.50 -3.92
CA GLU A 42 -13.38 -3.53 -4.91
C GLU A 42 -12.75 -4.86 -4.52
N ARG A 43 -12.90 -5.86 -5.38
CA ARG A 43 -12.31 -7.17 -5.14
C ARG A 43 -10.78 -7.10 -5.13
N VAL A 44 -10.18 -7.71 -4.12
CA VAL A 44 -8.73 -7.68 -3.96
C VAL A 44 -8.04 -8.60 -4.96
N GLN A 45 -6.78 -8.34 -5.22
CA GLN A 45 -6.03 -9.09 -6.24
C GLN A 45 -4.90 -9.90 -5.60
N SER A 46 -4.23 -10.70 -6.42
CA SER A 46 -3.04 -11.42 -5.98
C SER A 46 -2.15 -11.77 -7.16
N GLY A 47 -1.03 -11.06 -7.27
CA GLY A 47 -0.07 -11.31 -8.35
C GLY A 47 -0.55 -10.72 -9.67
N VAL A 48 -1.27 -9.60 -9.57
CA VAL A 48 -1.91 -9.00 -10.74
C VAL A 48 -1.29 -7.65 -11.09
N ARG A 49 -1.38 -6.71 -10.16
CA ARG A 49 -0.96 -5.35 -10.40
C ARG A 49 0.55 -5.27 -10.60
N ASP A 50 0.97 -5.13 -11.86
CA ASP A 50 2.39 -5.09 -12.19
C ASP A 50 3.05 -3.83 -11.65
N LEU A 51 2.24 -2.80 -11.41
CA LEU A 51 2.76 -1.51 -10.97
C LEU A 51 3.35 -1.62 -9.56
N LEU A 52 3.03 -2.71 -8.87
CA LEU A 52 3.57 -2.95 -7.54
C LEU A 52 5.09 -3.10 -7.58
N ASP A 53 5.60 -3.53 -8.73
CA ASP A 53 7.04 -3.69 -8.91
C ASP A 53 7.62 -2.55 -9.75
N ILE A 54 6.83 -2.09 -10.73
CA ILE A 54 7.25 -1.02 -11.61
C ILE A 54 7.50 0.27 -10.83
N LEU A 55 6.51 0.67 -10.03
CA LEU A 55 6.61 1.90 -9.25
C LEU A 55 7.51 1.71 -8.04
N ARG A 56 7.57 0.48 -7.54
CA ARG A 56 8.47 0.16 -6.43
C ARG A 56 9.93 0.32 -6.84
N GLU A 57 10.27 -0.23 -8.00
CA GLU A 57 11.62 -0.09 -8.54
C GLU A 57 11.88 1.35 -8.98
N ARG A 58 10.86 2.01 -9.49
CA ARG A 58 10.95 3.41 -9.90
C ARG A 58 11.31 4.29 -8.70
N GLY A 59 10.67 4.03 -7.57
CA GLY A 59 10.90 4.81 -6.36
C GLY A 59 9.65 5.55 -5.91
N LYS A 60 8.52 5.15 -6.49
CA LYS A 60 7.23 5.75 -6.13
C LYS A 60 6.51 4.93 -5.07
N LEU A 61 6.87 3.66 -4.97
CA LEU A 61 6.36 2.80 -3.90
C LEU A 61 7.50 2.21 -3.08
N SER A 62 8.15 3.06 -2.29
CA SER A 62 9.14 2.60 -1.32
C SER A 62 8.47 2.06 -0.07
N VAL A 63 9.26 1.48 0.82
CA VAL A 63 8.75 0.93 2.07
C VAL A 63 8.19 2.04 2.96
N GLY A 64 8.76 3.24 2.82
CA GLY A 64 8.24 4.40 3.53
C GLY A 64 6.93 4.89 2.93
N ASP A 65 6.87 4.89 1.59
CA ASP A 65 5.65 5.25 0.89
C ASP A 65 4.51 4.30 1.24
N LEU A 66 4.81 3.01 1.25
CA LEU A 66 3.81 1.99 1.57
C LEU A 66 3.28 2.17 2.99
N ALA A 67 4.21 2.30 3.94
CA ALA A 67 3.83 2.50 5.34
C ALA A 67 2.85 3.64 5.50
N GLU A 68 3.13 4.76 4.83
CA GLU A 68 2.24 5.91 4.86
C GLU A 68 0.87 5.56 4.30
N LEU A 69 0.86 4.95 3.11
CA LEU A 69 -0.38 4.65 2.42
C LEU A 69 -1.23 3.67 3.23
N LEU A 70 -0.59 2.70 3.85
CA LEU A 70 -1.29 1.72 4.68
C LEU A 70 -1.92 2.38 5.90
N TYR A 71 -1.21 3.36 6.47
CA TYR A 71 -1.76 4.15 7.56
C TYR A 71 -2.99 4.93 7.12
N ARG A 72 -2.90 5.56 5.96
CA ARG A 72 -3.97 6.43 5.48
C ARG A 72 -5.25 5.64 5.25
N VAL A 73 -5.13 4.45 4.69
CA VAL A 73 -6.28 3.59 4.44
C VAL A 73 -6.70 2.85 5.70
N ARG A 74 -5.77 2.71 6.64
CA ARG A 74 -6.06 2.09 7.93
C ARG A 74 -6.51 0.64 7.75
N ARG A 75 -5.74 -0.13 7.00
CA ARG A 75 -6.07 -1.52 6.73
C ARG A 75 -5.18 -2.46 7.53
N PHE A 76 -5.69 -2.94 8.66
CA PHE A 76 -4.88 -3.71 9.60
C PHE A 76 -4.57 -5.10 9.05
N ASP A 77 -5.21 -5.45 7.94
CA ASP A 77 -4.89 -6.68 7.23
C ASP A 77 -3.51 -6.61 6.60
N LEU A 78 -2.95 -5.40 6.52
CA LEU A 78 -1.61 -5.21 6.01
C LEU A 78 -0.70 -4.59 7.06
N LEU A 79 -1.27 -3.76 7.92
CA LEU A 79 -0.52 -3.12 8.99
C LEU A 79 0.02 -4.16 9.98
N LYS A 80 -0.81 -5.15 10.28
CA LYS A 80 -0.41 -6.21 11.21
C LYS A 80 0.16 -7.40 10.47
N ARG A 81 0.06 -7.38 9.14
CA ARG A 81 0.63 -8.43 8.31
C ARG A 81 2.04 -8.05 7.86
N ILE A 82 2.14 -6.99 7.07
CA ILE A 82 3.42 -6.53 6.56
C ILE A 82 4.24 -5.84 7.64
N LEU A 83 3.64 -4.85 8.29
CA LEU A 83 4.35 -4.03 9.26
C LEU A 83 4.26 -4.62 10.66
N LYS A 84 3.31 -5.53 10.85
CA LYS A 84 3.22 -6.28 12.09
C LYS A 84 3.09 -5.37 13.30
N MET A 85 2.25 -4.35 13.17
CA MET A 85 1.98 -3.43 14.28
C MET A 85 0.78 -2.54 13.99
N ASP A 86 0.22 -1.94 15.03
CA ASP A 86 -0.93 -1.07 14.88
C ASP A 86 -0.56 0.22 14.15
N ARG A 87 -1.56 0.89 13.61
CA ARG A 87 -1.33 2.09 12.79
C ARG A 87 -0.74 3.22 13.62
N LYS A 88 -0.96 3.18 14.93
CA LYS A 88 -0.36 4.14 15.84
C LYS A 88 1.14 3.96 15.91
N ALA A 89 1.58 2.71 15.97
CA ALA A 89 3.01 2.39 15.94
C ALA A 89 3.62 2.73 14.58
N VAL A 90 2.86 2.51 13.52
CA VAL A 90 3.30 2.85 12.18
C VAL A 90 3.58 4.34 12.05
N GLU A 91 2.64 5.15 12.52
CA GLU A 91 2.82 6.60 12.55
C GLU A 91 4.07 6.98 13.34
N THR A 92 4.24 6.36 14.50
CA THR A 92 5.42 6.60 15.32
C THR A 92 6.70 6.32 14.55
N HIS A 93 6.68 5.25 13.75
CA HIS A 93 7.85 4.86 12.97
C HIS A 93 7.73 5.30 11.52
N LEU A 94 7.00 6.40 11.30
CA LEU A 94 6.80 6.93 9.96
C LEU A 94 7.21 8.41 9.89
N HIS A 7 13.96 -3.03 4.08
CA HIS A 7 13.19 -2.32 3.05
C HIS A 7 12.19 -3.26 2.38
N MET A 8 11.05 -2.71 1.97
CA MET A 8 10.01 -3.50 1.32
C MET A 8 10.50 -4.11 0.02
N SER A 9 9.98 -5.28 -0.32
CA SER A 9 10.41 -5.99 -1.52
C SER A 9 9.24 -6.19 -2.48
N ALA A 10 9.51 -6.89 -3.58
CA ALA A 10 8.46 -7.28 -4.51
C ALA A 10 7.44 -8.19 -3.85
N GLU A 11 7.90 -9.02 -2.93
CA GLU A 11 7.03 -9.92 -2.19
C GLU A 11 6.09 -9.13 -1.28
N VAL A 12 6.61 -8.10 -0.64
CA VAL A 12 5.83 -7.27 0.28
C VAL A 12 4.66 -6.61 -0.44
N ILE A 13 4.94 -5.99 -1.58
CA ILE A 13 3.92 -5.32 -2.37
C ILE A 13 2.96 -6.32 -2.99
N HIS A 14 3.43 -7.54 -3.19
CA HIS A 14 2.59 -8.64 -3.63
C HIS A 14 1.64 -9.09 -2.53
N GLN A 15 2.06 -8.89 -1.28
CA GLN A 15 1.19 -9.11 -0.13
C GLN A 15 0.15 -8.02 0.00
N VAL A 16 0.51 -6.81 -0.43
CA VAL A 16 -0.41 -5.68 -0.42
C VAL A 16 -1.60 -5.93 -1.33
N GLU A 17 -1.32 -6.39 -2.54
CA GLU A 17 -2.36 -6.56 -3.56
C GLU A 17 -3.29 -7.72 -3.20
N GLU A 18 -2.89 -8.51 -2.22
CA GLU A 18 -3.72 -9.61 -1.74
C GLU A 18 -4.76 -9.12 -0.75
N ALA A 19 -4.65 -7.85 -0.35
CA ALA A 19 -5.57 -7.27 0.61
C ALA A 19 -6.32 -6.08 0.03
N LEU A 20 -5.75 -5.49 -1.03
CA LEU A 20 -6.36 -4.34 -1.68
C LEU A 20 -6.90 -4.70 -3.06
N SER A 21 -7.95 -4.01 -3.48
CA SER A 21 -8.48 -4.16 -4.83
C SER A 21 -7.70 -3.31 -5.83
N SER A 22 -7.98 -3.49 -7.12
CA SER A 22 -7.38 -2.67 -8.16
C SER A 22 -7.73 -1.20 -7.96
N SER A 23 -8.96 -0.93 -7.52
CA SER A 23 -9.42 0.43 -7.31
C SER A 23 -8.76 1.05 -6.08
N GLU A 24 -8.57 0.24 -5.05
CA GLU A 24 -7.86 0.67 -3.85
C GLU A 24 -6.39 0.96 -4.15
N LEU A 25 -5.81 0.17 -5.02
CA LEU A 25 -4.43 0.38 -5.46
C LEU A 25 -4.33 1.57 -6.41
N THR A 26 -5.43 1.85 -7.11
CA THR A 26 -5.53 3.06 -7.91
C THR A 26 -5.51 4.31 -7.03
N GLU A 27 -6.24 4.25 -5.92
CA GLU A 27 -6.22 5.33 -4.95
C GLU A 27 -4.88 5.42 -4.24
N LEU A 28 -4.26 4.26 -4.01
CA LEU A 28 -2.89 4.21 -3.52
C LEU A 28 -1.95 5.00 -4.43
N LYS A 29 -2.07 4.76 -5.74
CA LYS A 29 -1.32 5.53 -6.72
C LYS A 29 -1.59 7.02 -6.60
N TYR A 30 -2.86 7.36 -6.40
CA TYR A 30 -3.26 8.76 -6.27
C TYR A 30 -2.70 9.39 -5.01
N LEU A 31 -2.55 8.58 -3.97
CA LEU A 31 -1.87 9.00 -2.75
C LEU A 31 -0.40 9.30 -3.02
N CYS A 32 0.22 8.48 -3.86
CA CYS A 32 1.60 8.70 -4.25
C CYS A 32 1.75 9.94 -5.12
N LEU A 33 0.72 10.23 -5.91
CA LEU A 33 0.77 11.32 -6.86
C LEU A 33 0.31 12.63 -6.23
N GLY A 34 -1.00 12.75 -6.02
CA GLY A 34 -1.60 14.00 -5.59
C GLY A 34 -2.00 13.95 -4.12
N ARG A 35 -1.70 12.83 -3.47
CA ARG A 35 -2.05 12.64 -2.07
C ARG A 35 -3.56 12.70 -1.87
N VAL A 36 -4.29 12.02 -2.75
CA VAL A 36 -5.75 12.01 -2.68
C VAL A 36 -6.25 11.05 -1.60
N GLY A 37 -6.78 11.60 -0.52
CA GLY A 37 -7.17 10.80 0.63
C GLY A 37 -8.53 10.16 0.40
N LYS A 38 -8.60 9.25 -0.57
CA LYS A 38 -9.82 8.52 -0.86
C LYS A 38 -9.57 7.02 -0.92
N ARG A 39 -10.64 6.24 -0.84
CA ARG A 39 -10.52 4.79 -0.90
C ARG A 39 -11.77 4.17 -1.54
N LYS A 40 -11.56 3.18 -2.41
CA LYS A 40 -12.65 2.51 -3.08
C LYS A 40 -12.67 1.02 -2.76
N LEU A 41 -13.27 0.67 -1.62
CA LEU A 41 -13.28 -0.71 -1.16
C LEU A 41 -14.01 -1.60 -2.14
N GLU A 42 -13.28 -2.56 -2.71
CA GLU A 42 -13.85 -3.51 -3.66
C GLU A 42 -13.23 -4.89 -3.51
N ARG A 43 -13.56 -5.78 -4.44
CA ARG A 43 -13.01 -7.13 -4.42
C ARG A 43 -11.51 -7.13 -4.70
N VAL A 44 -10.77 -7.90 -3.92
CA VAL A 44 -9.32 -7.97 -4.07
C VAL A 44 -8.93 -8.46 -5.45
N GLN A 45 -7.96 -7.80 -6.07
CA GLN A 45 -7.57 -8.09 -7.44
C GLN A 45 -6.77 -9.40 -7.51
N SER A 46 -6.74 -9.99 -8.70
CA SER A 46 -5.98 -11.21 -8.93
C SER A 46 -4.51 -10.90 -9.20
N GLY A 47 -4.22 -9.64 -9.48
CA GLY A 47 -2.85 -9.21 -9.75
C GLY A 47 -2.69 -8.75 -11.19
N VAL A 48 -3.00 -7.48 -11.45
CA VAL A 48 -2.86 -6.91 -12.78
C VAL A 48 -1.96 -5.69 -12.75
N ARG A 49 -1.75 -5.13 -11.56
CA ARG A 49 -0.99 -3.90 -11.41
C ARG A 49 0.51 -4.16 -11.39
N ASP A 50 1.11 -4.24 -12.58
CA ASP A 50 2.54 -4.47 -12.70
C ASP A 50 3.33 -3.30 -12.12
N LEU A 51 2.69 -2.15 -11.99
CA LEU A 51 3.33 -0.95 -11.46
C LEU A 51 3.72 -1.14 -10.00
N LEU A 52 3.13 -2.14 -9.36
CA LEU A 52 3.45 -2.46 -7.97
C LEU A 52 4.92 -2.81 -7.82
N ASP A 53 5.50 -3.42 -8.86
CA ASP A 53 6.90 -3.79 -8.84
C ASP A 53 7.76 -2.74 -9.55
N ILE A 54 7.20 -2.14 -10.60
CA ILE A 54 7.91 -1.13 -11.36
C ILE A 54 8.19 0.11 -10.51
N LEU A 55 7.17 0.58 -9.80
CA LEU A 55 7.30 1.77 -8.98
C LEU A 55 8.17 1.50 -7.75
N ARG A 56 8.18 0.25 -7.29
CA ARG A 56 9.08 -0.17 -6.23
C ARG A 56 10.54 -0.02 -6.64
N GLU A 57 10.84 -0.43 -7.86
CA GLU A 57 12.19 -0.30 -8.41
C GLU A 57 12.49 1.16 -8.76
N ARG A 58 11.46 1.87 -9.22
CA ARG A 58 11.60 3.27 -9.59
C ARG A 58 11.94 4.12 -8.37
N GLY A 59 11.28 3.84 -7.24
CA GLY A 59 11.50 4.58 -6.02
C GLY A 59 10.25 5.34 -5.59
N LYS A 60 9.13 5.00 -6.22
CA LYS A 60 7.85 5.64 -5.88
C LYS A 60 7.09 4.81 -4.86
N LEU A 61 7.50 3.55 -4.68
CA LEU A 61 6.99 2.73 -3.60
C LEU A 61 8.11 2.25 -2.69
N SER A 62 8.67 3.17 -1.91
CA SER A 62 9.66 2.83 -0.91
C SER A 62 9.01 2.30 0.36
N VAL A 63 9.83 1.80 1.28
CA VAL A 63 9.33 1.27 2.55
C VAL A 63 8.68 2.37 3.38
N GLY A 64 9.16 3.60 3.22
CA GLY A 64 8.56 4.75 3.88
C GLY A 64 7.23 5.11 3.23
N ASP A 65 7.17 5.05 1.91
CA ASP A 65 5.93 5.29 1.17
C ASP A 65 4.85 4.30 1.58
N LEU A 66 5.19 3.02 1.58
CA LEU A 66 4.23 1.97 1.90
C LEU A 66 3.65 2.18 3.29
N ALA A 67 4.52 2.45 4.26
CA ALA A 67 4.08 2.71 5.62
C ALA A 67 2.99 3.78 5.66
N GLU A 68 3.25 4.90 5.01
CA GLU A 68 2.28 5.98 4.92
C GLU A 68 1.03 5.54 4.17
N LEU A 69 1.22 4.91 3.03
CA LEU A 69 0.11 4.56 2.14
C LEU A 69 -0.90 3.66 2.86
N LEU A 70 -0.40 2.68 3.59
CA LEU A 70 -1.26 1.77 4.33
C LEU A 70 -1.92 2.45 5.51
N TYR A 71 -1.22 3.42 6.10
CA TYR A 71 -1.81 4.29 7.11
C TYR A 71 -2.94 5.13 6.53
N ARG A 72 -2.70 5.69 5.35
CA ARG A 72 -3.66 6.58 4.72
C ARG A 72 -4.99 5.87 4.45
N VAL A 73 -4.91 4.63 3.98
CA VAL A 73 -6.10 3.84 3.72
C VAL A 73 -6.53 3.07 4.96
N ARG A 74 -5.62 2.93 5.91
CA ARG A 74 -5.93 2.27 7.17
C ARG A 74 -6.36 0.82 6.95
N ARG A 75 -5.53 0.06 6.24
CA ARG A 75 -5.83 -1.33 5.95
C ARG A 75 -5.33 -2.24 7.06
N PHE A 76 -6.24 -2.69 7.92
CA PHE A 76 -5.87 -3.41 9.13
C PHE A 76 -4.99 -4.61 8.81
N ASP A 77 -5.40 -5.40 7.82
CA ASP A 77 -4.71 -6.64 7.51
C ASP A 77 -3.24 -6.39 7.19
N LEU A 78 -2.98 -5.37 6.38
CA LEU A 78 -1.64 -5.09 5.92
C LEU A 78 -0.83 -4.34 6.98
N LEU A 79 -1.52 -3.62 7.85
CA LEU A 79 -0.88 -2.97 8.98
C LEU A 79 -0.40 -3.99 10.01
N LYS A 80 -1.04 -5.16 10.01
CA LYS A 80 -0.64 -6.25 10.89
C LYS A 80 0.20 -7.27 10.16
N ARG A 81 0.02 -7.35 8.84
CA ARG A 81 0.74 -8.32 8.02
C ARG A 81 2.14 -7.83 7.68
N ILE A 82 2.23 -6.58 7.24
CA ILE A 82 3.50 -6.01 6.80
C ILE A 82 4.12 -5.15 7.89
N LEU A 83 3.35 -4.20 8.40
CA LEU A 83 3.83 -3.30 9.45
C LEU A 83 3.88 -4.00 10.79
N LYS A 84 2.95 -4.92 11.01
CA LYS A 84 2.93 -5.71 12.24
C LYS A 84 2.85 -4.82 13.47
N MET A 85 1.97 -3.82 13.41
CA MET A 85 1.79 -2.90 14.53
C MET A 85 0.56 -2.02 14.31
N ASP A 86 0.12 -1.36 15.38
CA ASP A 86 -1.01 -0.44 15.31
C ASP A 86 -0.68 0.75 14.42
N ARG A 87 -1.72 1.32 13.79
CA ARG A 87 -1.54 2.43 12.87
C ARG A 87 -0.95 3.64 13.57
N LYS A 88 -1.18 3.73 14.88
CA LYS A 88 -0.56 4.77 15.70
C LYS A 88 0.95 4.61 15.76
N ALA A 89 1.40 3.36 15.90
CA ALA A 89 2.83 3.07 15.87
C ALA A 89 3.42 3.30 14.50
N VAL A 90 2.65 2.98 13.46
CA VAL A 90 3.08 3.22 12.09
C VAL A 90 3.36 4.69 11.84
N GLU A 91 2.44 5.55 12.28
CA GLU A 91 2.60 6.99 12.17
C GLU A 91 3.76 7.47 13.03
N THR A 92 3.87 6.92 14.24
CA THR A 92 4.97 7.26 15.14
C THR A 92 6.32 7.00 14.49
N HIS A 93 6.42 5.88 13.77
CA HIS A 93 7.68 5.49 13.14
C HIS A 93 7.67 5.84 11.64
N LEU A 94 6.88 6.84 11.29
CA LEU A 94 6.80 7.30 9.90
C LEU A 94 7.43 8.68 9.74
N HIS A 7 13.56 -2.35 0.90
CA HIS A 7 12.13 -2.04 0.89
C HIS A 7 11.29 -3.31 0.80
N MET A 8 10.05 -3.16 0.35
CA MET A 8 9.13 -4.30 0.27
C MET A 8 9.60 -5.32 -0.75
N SER A 9 9.53 -6.59 -0.38
CA SER A 9 9.89 -7.68 -1.29
C SER A 9 8.74 -8.04 -2.21
N ALA A 10 8.98 -8.95 -3.13
CA ALA A 10 7.95 -9.44 -4.03
C ALA A 10 6.80 -10.08 -3.25
N GLU A 11 7.14 -10.76 -2.16
CA GLU A 11 6.14 -11.37 -1.29
C GLU A 11 5.31 -10.31 -0.57
N VAL A 12 5.99 -9.28 -0.07
CA VAL A 12 5.33 -8.23 0.68
C VAL A 12 4.36 -7.45 -0.19
N ILE A 13 4.83 -7.05 -1.37
CA ILE A 13 4.01 -6.28 -2.31
C ILE A 13 2.88 -7.13 -2.89
N HIS A 14 3.12 -8.43 -2.97
CA HIS A 14 2.06 -9.39 -3.29
C HIS A 14 0.94 -9.35 -2.26
N GLN A 15 1.32 -9.36 -0.98
CA GLN A 15 0.35 -9.29 0.10
C GLN A 15 -0.47 -8.02 0.03
N VAL A 16 0.17 -6.92 -0.39
CA VAL A 16 -0.54 -5.67 -0.65
C VAL A 16 -1.63 -5.87 -1.69
N GLU A 17 -1.29 -6.57 -2.77
CA GLU A 17 -2.24 -6.85 -3.84
C GLU A 17 -3.40 -7.72 -3.34
N GLU A 18 -3.09 -8.61 -2.41
CA GLU A 18 -4.10 -9.48 -1.82
C GLU A 18 -5.13 -8.67 -1.05
N ALA A 19 -4.67 -7.65 -0.33
CA ALA A 19 -5.54 -6.86 0.53
C ALA A 19 -6.27 -5.79 -0.26
N LEU A 20 -5.59 -5.23 -1.26
CA LEU A 20 -6.09 -4.08 -1.98
C LEU A 20 -6.43 -4.42 -3.42
N SER A 21 -7.46 -3.78 -3.96
CA SER A 21 -7.76 -3.86 -5.38
C SER A 21 -6.89 -2.90 -6.17
N SER A 22 -6.83 -3.12 -7.49
CA SER A 22 -6.09 -2.22 -8.38
C SER A 22 -6.73 -0.83 -8.41
N SER A 23 -8.03 -0.78 -8.15
CA SER A 23 -8.74 0.50 -8.04
C SER A 23 -8.29 1.26 -6.80
N GLU A 24 -8.23 0.56 -5.67
CA GLU A 24 -7.78 1.16 -4.42
C GLU A 24 -6.34 1.62 -4.51
N LEU A 25 -5.50 0.80 -5.15
CA LEU A 25 -4.10 1.15 -5.36
C LEU A 25 -3.96 2.40 -6.22
N THR A 26 -4.84 2.52 -7.21
CA THR A 26 -4.91 3.74 -8.02
C THR A 26 -5.30 4.95 -7.17
N GLU A 27 -6.25 4.73 -6.26
CA GLU A 27 -6.70 5.80 -5.37
C GLU A 27 -5.60 6.21 -4.40
N LEU A 28 -4.79 5.23 -3.98
CA LEU A 28 -3.67 5.49 -3.10
C LEU A 28 -2.58 6.31 -3.81
N LYS A 29 -2.41 6.05 -5.09
CA LYS A 29 -1.58 6.89 -5.94
C LYS A 29 -2.08 8.33 -5.93
N TYR A 30 -3.39 8.50 -6.07
CA TYR A 30 -4.00 9.83 -6.05
C TYR A 30 -3.95 10.43 -4.65
N LEU A 31 -3.98 9.57 -3.64
CA LEU A 31 -3.79 10.00 -2.27
C LEU A 31 -2.41 10.61 -2.06
N CYS A 32 -1.40 10.00 -2.66
CA CYS A 32 -0.05 10.53 -2.63
C CYS A 32 0.04 11.83 -3.42
N LEU A 33 -0.60 11.86 -4.58
CA LEU A 33 -0.45 12.97 -5.51
C LEU A 33 -1.41 14.11 -5.17
N GLY A 34 -2.70 13.86 -5.34
CA GLY A 34 -3.70 14.93 -5.25
C GLY A 34 -4.43 14.87 -3.91
N ARG A 35 -3.92 14.05 -3.00
CA ARG A 35 -4.52 13.91 -1.68
C ARG A 35 -5.96 13.43 -1.78
N VAL A 36 -6.22 12.51 -2.71
CA VAL A 36 -7.55 11.93 -2.88
C VAL A 36 -7.72 10.68 -2.03
N GLY A 37 -8.83 10.62 -1.31
CA GLY A 37 -9.09 9.50 -0.39
C GLY A 37 -9.32 8.21 -1.15
N LYS A 38 -9.36 7.10 -0.42
CA LYS A 38 -9.48 5.78 -1.03
C LYS A 38 -10.94 5.36 -1.11
N ARG A 39 -11.31 4.71 -2.21
CA ARG A 39 -12.66 4.21 -2.40
C ARG A 39 -12.89 2.94 -1.59
N LYS A 40 -14.13 2.45 -1.60
CA LYS A 40 -14.49 1.27 -0.84
C LYS A 40 -13.87 0.01 -1.43
N LEU A 41 -13.86 -1.05 -0.64
CA LEU A 41 -13.19 -2.29 -1.04
C LEU A 41 -13.82 -2.88 -2.30
N GLU A 42 -13.01 -3.04 -3.34
CA GLU A 42 -13.43 -3.75 -4.54
C GLU A 42 -12.73 -5.10 -4.66
N ARG A 43 -13.05 -5.83 -5.72
CA ARG A 43 -12.36 -7.08 -6.02
C ARG A 43 -10.85 -6.90 -5.99
N VAL A 44 -10.21 -7.60 -5.05
CA VAL A 44 -8.78 -7.41 -4.81
C VAL A 44 -7.94 -7.94 -5.96
N GLN A 45 -6.74 -7.41 -6.10
CA GLN A 45 -5.84 -7.82 -7.18
C GLN A 45 -5.33 -9.23 -6.97
N SER A 46 -5.18 -9.97 -8.06
CA SER A 46 -4.87 -11.40 -8.00
C SER A 46 -3.41 -11.63 -7.65
N GLY A 47 -2.56 -10.66 -8.00
CA GLY A 47 -1.14 -10.74 -7.71
C GLY A 47 -0.30 -10.67 -8.98
N VAL A 48 -0.76 -9.87 -9.94
CA VAL A 48 -0.14 -9.81 -11.25
C VAL A 48 0.25 -8.39 -11.62
N ARG A 49 0.09 -7.48 -10.67
CA ARG A 49 0.34 -6.07 -10.91
C ARG A 49 1.83 -5.74 -10.84
N ASP A 50 2.54 -5.97 -11.94
CA ASP A 50 3.97 -5.74 -11.98
C ASP A 50 4.30 -4.25 -11.92
N LEU A 51 3.27 -3.43 -12.07
CA LEU A 51 3.42 -1.98 -11.95
C LEU A 51 3.95 -1.59 -10.58
N LEU A 52 3.56 -2.35 -9.56
CA LEU A 52 4.01 -2.10 -8.20
C LEU A 52 5.49 -2.41 -8.05
N ASP A 53 5.94 -3.46 -8.72
CA ASP A 53 7.36 -3.80 -8.76
C ASP A 53 8.18 -2.68 -9.40
N ILE A 54 7.63 -2.10 -10.47
CA ILE A 54 8.27 -0.98 -11.14
C ILE A 54 8.39 0.23 -10.21
N LEU A 55 7.29 0.53 -9.52
CA LEU A 55 7.24 1.71 -8.65
C LEU A 55 8.24 1.58 -7.50
N ARG A 56 8.30 0.40 -6.90
CA ARG A 56 9.14 0.17 -5.73
C ARG A 56 10.60 -0.03 -6.12
N GLU A 57 10.81 -0.48 -7.36
CA GLU A 57 12.16 -0.59 -7.90
C GLU A 57 12.73 0.78 -8.24
N ARG A 58 11.91 1.64 -8.83
CA ARG A 58 12.32 2.99 -9.18
C ARG A 58 12.48 3.85 -7.93
N GLY A 59 11.56 3.69 -6.99
CA GLY A 59 11.54 4.51 -5.78
C GLY A 59 10.34 5.42 -5.74
N LYS A 60 9.39 5.18 -6.64
CA LYS A 60 8.15 5.96 -6.68
C LYS A 60 7.19 5.50 -5.60
N LEU A 61 7.29 4.24 -5.20
CA LEU A 61 6.50 3.71 -4.09
C LEU A 61 7.34 2.81 -3.20
N SER A 62 8.07 3.42 -2.26
CA SER A 62 8.90 2.67 -1.34
C SER A 62 8.08 2.10 -0.19
N VAL A 63 8.72 1.30 0.66
CA VAL A 63 8.07 0.73 1.83
C VAL A 63 7.56 1.83 2.76
N GLY A 64 8.27 2.96 2.77
CA GLY A 64 7.86 4.10 3.58
C GLY A 64 6.70 4.84 2.95
N ASP A 65 6.75 5.00 1.63
CA ASP A 65 5.70 5.71 0.90
C ASP A 65 4.36 5.01 1.05
N LEU A 66 4.34 3.70 0.80
CA LEU A 66 3.11 2.93 0.83
C LEU A 66 2.60 2.78 2.27
N ALA A 67 3.51 2.55 3.20
CA ALA A 67 3.15 2.43 4.61
C ALA A 67 2.43 3.68 5.10
N GLU A 68 2.91 4.84 4.68
CA GLU A 68 2.24 6.10 4.96
C GLU A 68 0.82 6.10 4.38
N LEU A 69 0.71 5.73 3.10
CA LEU A 69 -0.58 5.69 2.44
C LEU A 69 -1.53 4.71 3.13
N LEU A 70 -1.00 3.58 3.57
CA LEU A 70 -1.79 2.59 4.28
C LEU A 70 -2.23 3.11 5.64
N TYR A 71 -1.37 3.88 6.29
CA TYR A 71 -1.73 4.56 7.52
C TYR A 71 -2.90 5.52 7.30
N ARG A 72 -2.81 6.31 6.24
CA ARG A 72 -3.79 7.35 5.98
C ARG A 72 -5.18 6.76 5.78
N VAL A 73 -5.24 5.60 5.14
CA VAL A 73 -6.50 4.90 4.93
C VAL A 73 -6.75 3.86 6.03
N ARG A 74 -5.72 3.59 6.83
CA ARG A 74 -5.85 2.71 7.97
C ARG A 74 -6.22 1.30 7.53
N ARG A 75 -5.47 0.77 6.57
CA ARG A 75 -5.67 -0.59 6.10
C ARG A 75 -4.96 -1.61 6.99
N PHE A 76 -5.64 -2.05 8.04
CA PHE A 76 -5.01 -2.84 9.08
C PHE A 76 -4.70 -4.25 8.60
N ASP A 77 -5.29 -4.63 7.47
CA ASP A 77 -5.01 -5.92 6.85
C ASP A 77 -3.57 -5.97 6.33
N LEU A 78 -2.93 -4.81 6.25
CA LEU A 78 -1.54 -4.73 5.83
C LEU A 78 -0.67 -4.12 6.92
N LEU A 79 -1.25 -3.20 7.67
CA LEU A 79 -0.54 -2.53 8.75
C LEU A 79 -0.24 -3.50 9.90
N LYS A 80 -1.14 -4.45 10.10
CA LYS A 80 -0.95 -5.47 11.13
C LYS A 80 -0.52 -6.80 10.50
N ARG A 81 -0.22 -6.77 9.21
CA ARG A 81 0.27 -7.94 8.51
C ARG A 81 1.71 -7.75 8.04
N ILE A 82 1.92 -6.75 7.20
CA ILE A 82 3.26 -6.42 6.73
C ILE A 82 4.04 -5.67 7.80
N LEU A 83 3.44 -4.61 8.33
CA LEU A 83 4.06 -3.81 9.39
C LEU A 83 3.99 -4.51 10.73
N LYS A 84 2.91 -5.28 10.93
CA LYS A 84 2.76 -6.08 12.15
C LYS A 84 2.76 -5.19 13.39
N MET A 85 1.98 -4.13 13.35
CA MET A 85 1.87 -3.21 14.48
C MET A 85 0.70 -2.26 14.31
N ASP A 86 0.32 -1.59 15.40
CA ASP A 86 -0.72 -0.57 15.35
C ASP A 86 -0.31 0.59 14.45
N ARG A 87 -1.30 1.27 13.88
CA ARG A 87 -1.04 2.34 12.92
C ARG A 87 -0.30 3.49 13.58
N LYS A 88 -0.45 3.62 14.90
CA LYS A 88 0.29 4.62 15.66
C LYS A 88 1.78 4.33 15.65
N ALA A 89 2.13 3.06 15.81
CA ALA A 89 3.52 2.63 15.72
C ALA A 89 4.06 2.80 14.31
N VAL A 90 3.22 2.51 13.32
CA VAL A 90 3.58 2.71 11.92
C VAL A 90 3.98 4.15 11.64
N GLU A 91 3.15 5.08 12.10
CA GLU A 91 3.46 6.49 12.00
C GLU A 91 4.78 6.82 12.69
N THR A 92 4.97 6.26 13.88
CA THR A 92 6.19 6.48 14.64
C THR A 92 7.42 6.10 13.83
N HIS A 93 7.30 5.03 13.04
CA HIS A 93 8.42 4.54 12.24
C HIS A 93 8.36 5.07 10.82
N LEU A 94 7.69 6.20 10.64
CA LEU A 94 7.69 6.90 9.35
C LEU A 94 8.17 8.33 9.50
N HIS A 7 14.05 0.63 -1.18
CA HIS A 7 12.60 0.49 -1.23
C HIS A 7 12.17 -0.89 -0.73
N MET A 8 10.86 -1.15 -0.79
CA MET A 8 10.31 -2.42 -0.32
C MET A 8 10.38 -3.49 -1.40
N SER A 9 10.39 -4.75 -0.98
CA SER A 9 10.65 -5.86 -1.89
C SER A 9 9.40 -6.20 -2.70
N ALA A 10 9.58 -7.01 -3.74
CA ALA A 10 8.47 -7.49 -4.55
C ALA A 10 7.49 -8.30 -3.72
N GLU A 11 8.02 -9.10 -2.80
CA GLU A 11 7.20 -9.89 -1.89
C GLU A 11 6.24 -9.00 -1.11
N VAL A 12 6.76 -7.90 -0.59
CA VAL A 12 5.96 -6.97 0.19
C VAL A 12 4.76 -6.46 -0.60
N ILE A 13 5.03 -5.96 -1.81
CA ILE A 13 4.00 -5.32 -2.62
C ILE A 13 3.02 -6.36 -3.15
N HIS A 14 3.47 -7.61 -3.25
CA HIS A 14 2.59 -8.72 -3.62
C HIS A 14 1.66 -9.08 -2.47
N GLN A 15 2.13 -8.87 -1.24
CA GLN A 15 1.28 -9.04 -0.06
C GLN A 15 0.28 -7.90 0.04
N VAL A 16 0.68 -6.71 -0.39
CA VAL A 16 -0.20 -5.55 -0.37
C VAL A 16 -1.45 -5.79 -1.21
N GLU A 17 -1.25 -6.24 -2.44
CA GLU A 17 -2.35 -6.37 -3.39
C GLU A 17 -3.29 -7.49 -3.00
N GLU A 18 -2.84 -8.35 -2.08
CA GLU A 18 -3.66 -9.45 -1.59
C GLU A 18 -4.78 -8.94 -0.69
N ALA A 19 -4.64 -7.70 -0.21
CA ALA A 19 -5.60 -7.11 0.71
C ALA A 19 -6.36 -5.97 0.05
N LEU A 20 -5.62 -5.09 -0.63
CA LEU A 20 -6.20 -3.89 -1.20
C LEU A 20 -6.91 -4.18 -2.51
N SER A 21 -7.93 -3.38 -2.81
CA SER A 21 -8.64 -3.50 -4.08
C SER A 21 -7.85 -2.86 -5.22
N SER A 22 -8.26 -3.15 -6.45
CA SER A 22 -7.66 -2.52 -7.62
C SER A 22 -7.78 -1.00 -7.54
N SER A 23 -8.90 -0.52 -7.00
CA SER A 23 -9.13 0.91 -6.86
C SER A 23 -8.25 1.51 -5.77
N GLU A 24 -8.08 0.77 -4.69
CA GLU A 24 -7.23 1.20 -3.59
C GLU A 24 -5.76 1.26 -4.01
N LEU A 25 -5.34 0.26 -4.76
CA LEU A 25 -3.98 0.22 -5.29
C LEU A 25 -3.73 1.36 -6.27
N THR A 26 -4.76 1.71 -7.04
CA THR A 26 -4.73 2.89 -7.88
C THR A 26 -4.61 4.16 -7.04
N GLU A 27 -5.34 4.21 -5.93
CA GLU A 27 -5.30 5.35 -5.04
C GLU A 27 -3.94 5.46 -4.34
N LEU A 28 -3.31 4.32 -4.13
CA LEU A 28 -1.94 4.29 -3.63
C LEU A 28 -1.00 5.07 -4.55
N LYS A 29 -1.12 4.84 -5.84
CA LYS A 29 -0.41 5.63 -6.84
C LYS A 29 -0.76 7.11 -6.72
N TYR A 30 -2.04 7.39 -6.55
CA TYR A 30 -2.53 8.76 -6.49
C TYR A 30 -2.12 9.44 -5.19
N LEU A 31 -1.94 8.64 -4.14
CA LEU A 31 -1.38 9.12 -2.89
C LEU A 31 0.05 9.59 -3.07
N CYS A 32 0.80 8.86 -3.89
CA CYS A 32 2.16 9.27 -4.25
C CYS A 32 2.14 10.48 -5.19
N LEU A 33 1.11 10.56 -6.02
CA LEU A 33 1.03 11.59 -7.04
C LEU A 33 0.32 12.84 -6.51
N GLY A 34 -1.00 12.76 -6.39
CA GLY A 34 -1.81 13.94 -6.12
C GLY A 34 -2.31 13.95 -4.69
N ARG A 35 -1.90 12.97 -3.90
CA ARG A 35 -2.29 12.88 -2.51
C ARG A 35 -3.78 12.62 -2.37
N VAL A 36 -4.29 11.72 -3.20
CA VAL A 36 -5.72 11.40 -3.20
C VAL A 36 -6.00 10.21 -2.28
N GLY A 37 -7.06 10.32 -1.49
CA GLY A 37 -7.29 9.40 -0.38
C GLY A 37 -7.81 8.06 -0.88
N LYS A 38 -8.26 7.22 0.04
CA LYS A 38 -8.58 5.83 -0.29
C LYS A 38 -9.93 5.74 -0.98
N ARG A 39 -10.23 4.58 -1.56
CA ARG A 39 -11.47 4.36 -2.27
C ARG A 39 -11.99 2.95 -2.05
N LYS A 40 -13.30 2.83 -1.85
CA LYS A 40 -13.92 1.55 -1.53
C LYS A 40 -14.93 1.14 -2.58
N LEU A 41 -14.57 1.32 -3.85
CA LEU A 41 -15.50 1.09 -4.95
C LEU A 41 -14.95 0.04 -5.92
N GLU A 42 -14.40 -1.04 -5.36
CA GLU A 42 -13.85 -2.12 -6.17
C GLU A 42 -13.50 -3.33 -5.31
N ARG A 43 -13.48 -4.50 -5.93
CA ARG A 43 -13.18 -5.74 -5.22
C ARG A 43 -11.68 -5.93 -5.06
N VAL A 44 -11.30 -6.85 -4.18
CA VAL A 44 -9.89 -7.06 -3.86
C VAL A 44 -9.11 -7.50 -5.08
N GLN A 45 -7.93 -6.91 -5.26
CA GLN A 45 -7.07 -7.23 -6.40
C GLN A 45 -6.77 -8.72 -6.45
N SER A 46 -6.96 -9.33 -7.63
CA SER A 46 -6.80 -10.76 -7.79
C SER A 46 -5.36 -11.19 -7.56
N GLY A 47 -4.42 -10.28 -7.83
CA GLY A 47 -3.02 -10.49 -7.51
C GLY A 47 -2.15 -10.41 -8.75
N VAL A 48 -2.50 -9.52 -9.66
CA VAL A 48 -1.78 -9.37 -10.92
C VAL A 48 -1.48 -7.91 -11.22
N ARG A 49 -1.43 -7.10 -10.17
CA ARG A 49 -1.27 -5.65 -10.33
C ARG A 49 0.19 -5.28 -10.55
N ASP A 50 0.62 -5.35 -11.80
CA ASP A 50 2.02 -5.08 -12.14
C ASP A 50 2.36 -3.62 -11.91
N LEU A 51 1.34 -2.78 -11.78
CA LEU A 51 1.53 -1.37 -11.46
C LEU A 51 2.43 -1.20 -10.23
N LEU A 52 2.25 -2.08 -9.26
CA LEU A 52 3.03 -2.02 -8.02
C LEU A 52 4.50 -2.31 -8.28
N ASP A 53 4.76 -3.25 -9.18
CA ASP A 53 6.13 -3.57 -9.57
C ASP A 53 6.79 -2.41 -10.32
N ILE A 54 5.99 -1.70 -11.12
CA ILE A 54 6.45 -0.49 -11.77
C ILE A 54 6.81 0.58 -10.75
N LEU A 55 5.95 0.78 -9.78
CA LEU A 55 6.16 1.78 -8.74
C LEU A 55 7.30 1.37 -7.82
N ARG A 56 7.50 0.06 -7.67
CA ARG A 56 8.62 -0.46 -6.91
C ARG A 56 9.96 -0.08 -7.55
N GLU A 57 10.07 -0.34 -8.85
CA GLU A 57 11.27 0.01 -9.60
C GLU A 57 11.40 1.52 -9.74
N ARG A 58 10.26 2.19 -9.89
CA ARG A 58 10.24 3.65 -9.98
C ARG A 58 10.80 4.29 -8.72
N GLY A 59 10.48 3.72 -7.57
CA GLY A 59 10.99 4.21 -6.30
C GLY A 59 9.91 4.94 -5.52
N LYS A 60 8.65 4.65 -5.84
CA LYS A 60 7.52 5.27 -5.15
C LYS A 60 7.11 4.44 -3.93
N LEU A 61 7.20 3.12 -4.06
CA LEU A 61 6.88 2.22 -2.96
C LEU A 61 8.10 1.99 -2.07
N SER A 62 8.55 3.05 -1.42
CA SER A 62 9.70 2.96 -0.52
C SER A 62 9.28 2.53 0.87
N VAL A 63 10.26 2.34 1.75
CA VAL A 63 10.00 1.92 3.13
C VAL A 63 9.04 2.88 3.81
N GLY A 64 9.36 4.17 3.78
CA GLY A 64 8.55 5.19 4.44
C GLY A 64 7.24 5.42 3.70
N ASP A 65 7.32 5.43 2.38
CA ASP A 65 6.16 5.75 1.55
C ASP A 65 5.10 4.67 1.63
N LEU A 66 5.52 3.42 1.42
CA LEU A 66 4.60 2.28 1.51
C LEU A 66 3.96 2.20 2.88
N ALA A 67 4.76 2.40 3.92
CA ALA A 67 4.26 2.44 5.28
C ALA A 67 3.13 3.46 5.43
N GLU A 68 3.36 4.65 4.89
CA GLU A 68 2.33 5.68 4.86
C GLU A 68 1.10 5.22 4.09
N LEU A 69 1.32 4.64 2.93
CA LEU A 69 0.23 4.21 2.06
C LEU A 69 -0.72 3.26 2.80
N LEU A 70 -0.14 2.34 3.57
CA LEU A 70 -0.93 1.41 4.37
C LEU A 70 -1.68 2.15 5.46
N TYR A 71 -1.05 3.15 6.04
CA TYR A 71 -1.71 4.01 7.03
C TYR A 71 -2.87 4.77 6.42
N ARG A 72 -2.67 5.30 5.22
CA ARG A 72 -3.66 6.15 4.57
C ARG A 72 -4.94 5.37 4.29
N VAL A 73 -4.80 4.12 3.91
CA VAL A 73 -5.94 3.25 3.66
C VAL A 73 -6.39 2.54 4.93
N ARG A 74 -5.50 2.48 5.91
CA ARG A 74 -5.81 1.87 7.20
C ARG A 74 -6.20 0.42 7.04
N ARG A 75 -5.39 -0.33 6.29
CA ARG A 75 -5.63 -1.75 6.07
C ARG A 75 -4.86 -2.61 7.07
N PHE A 76 -5.54 -3.03 8.13
CA PHE A 76 -4.89 -3.71 9.24
C PHE A 76 -4.44 -5.12 8.84
N ASP A 77 -5.01 -5.62 7.75
CA ASP A 77 -4.58 -6.90 7.17
C ASP A 77 -3.14 -6.82 6.69
N LEU A 78 -2.69 -5.61 6.39
CA LEU A 78 -1.32 -5.39 5.94
C LEU A 78 -0.47 -4.73 7.02
N LEU A 79 -1.09 -3.85 7.79
CA LEU A 79 -0.40 -3.16 8.88
C LEU A 79 0.12 -4.15 9.92
N LYS A 80 -0.68 -5.17 10.21
CA LYS A 80 -0.30 -6.18 11.18
C LYS A 80 0.36 -7.38 10.50
N ARG A 81 0.65 -7.23 9.21
CA ARG A 81 1.27 -8.30 8.45
C ARG A 81 2.65 -7.87 7.93
N ILE A 82 2.66 -6.89 7.04
CA ILE A 82 3.91 -6.36 6.50
C ILE A 82 4.67 -5.58 7.57
N LEU A 83 3.97 -4.70 8.27
CA LEU A 83 4.60 -3.84 9.26
C LEU A 83 4.49 -4.44 10.65
N LYS A 84 3.47 -5.26 10.86
CA LYS A 84 3.28 -5.95 12.14
C LYS A 84 3.09 -4.94 13.27
N MET A 85 2.11 -4.06 13.11
CA MET A 85 1.82 -3.05 14.12
C MET A 85 0.50 -2.33 13.82
N ASP A 86 -0.01 -1.62 14.82
CA ASP A 86 -1.21 -0.81 14.64
C ASP A 86 -0.91 0.41 13.78
N ARG A 87 -1.96 1.02 13.23
CA ARG A 87 -1.82 2.20 12.38
C ARG A 87 -1.35 3.39 13.20
N LYS A 88 -1.63 3.37 14.50
CA LYS A 88 -1.16 4.41 15.41
C LYS A 88 0.34 4.30 15.65
N ALA A 89 0.83 3.05 15.72
CA ALA A 89 2.25 2.80 15.82
C ALA A 89 2.98 3.28 14.57
N VAL A 90 2.38 3.06 13.41
CA VAL A 90 2.90 3.58 12.16
C VAL A 90 2.95 5.11 12.18
N GLU A 91 1.84 5.72 12.59
CA GLU A 91 1.78 7.18 12.74
C GLU A 91 2.92 7.69 13.61
N THR A 92 3.14 7.03 14.74
CA THR A 92 4.22 7.40 15.65
C THR A 92 5.56 7.40 14.93
N HIS A 93 5.78 6.40 14.08
CA HIS A 93 7.04 6.27 13.36
C HIS A 93 6.89 6.72 11.90
N LEU A 94 6.01 7.69 11.68
CA LEU A 94 5.78 8.22 10.35
C LEU A 94 5.75 9.74 10.36
N HIS A 7 16.01 -2.85 -0.99
CA HIS A 7 14.74 -2.16 -1.06
C HIS A 7 13.59 -3.07 -0.65
N MET A 8 12.37 -2.59 -0.85
CA MET A 8 11.17 -3.34 -0.46
C MET A 8 11.03 -4.61 -1.29
N SER A 9 10.69 -5.70 -0.62
CA SER A 9 10.62 -7.00 -1.27
C SER A 9 9.33 -7.14 -2.09
N ALA A 10 9.41 -7.91 -3.16
CA ALA A 10 8.24 -8.18 -3.99
C ALA A 10 7.14 -8.87 -3.19
N GLU A 11 7.54 -9.60 -2.15
CA GLU A 11 6.58 -10.23 -1.25
C GLU A 11 5.68 -9.20 -0.59
N VAL A 12 6.24 -8.03 -0.28
CA VAL A 12 5.51 -6.99 0.42
C VAL A 12 4.46 -6.35 -0.48
N ILE A 13 4.88 -5.93 -1.66
CA ILE A 13 3.97 -5.30 -2.62
C ILE A 13 2.92 -6.28 -3.11
N HIS A 14 3.25 -7.57 -3.09
CA HIS A 14 2.28 -8.61 -3.38
C HIS A 14 1.18 -8.66 -2.34
N GLN A 15 1.57 -8.58 -1.06
CA GLN A 15 0.61 -8.53 0.03
C GLN A 15 -0.27 -7.30 -0.08
N VAL A 16 0.30 -6.19 -0.54
CA VAL A 16 -0.46 -4.97 -0.75
C VAL A 16 -1.57 -5.17 -1.77
N GLU A 17 -1.19 -5.65 -2.95
CA GLU A 17 -2.14 -5.85 -4.04
C GLU A 17 -3.11 -6.98 -3.71
N GLU A 18 -2.72 -7.85 -2.80
CA GLU A 18 -3.59 -8.93 -2.33
C GLU A 18 -4.72 -8.38 -1.48
N ALA A 19 -4.38 -7.53 -0.52
CA ALA A 19 -5.36 -6.94 0.38
C ALA A 19 -6.22 -5.91 -0.33
N LEU A 20 -5.59 -5.09 -1.16
CA LEU A 20 -6.27 -3.98 -1.83
C LEU A 20 -6.94 -4.44 -3.12
N SER A 21 -8.09 -3.85 -3.43
CA SER A 21 -8.73 -4.06 -4.71
C SER A 21 -8.07 -3.26 -5.82
N SER A 22 -8.43 -3.56 -7.06
CA SER A 22 -7.92 -2.82 -8.21
C SER A 22 -8.34 -1.36 -8.16
N SER A 23 -9.49 -1.10 -7.53
CA SER A 23 -9.97 0.26 -7.35
C SER A 23 -9.21 0.96 -6.23
N GLU A 24 -8.92 0.22 -5.16
CA GLU A 24 -8.14 0.75 -4.05
C GLU A 24 -6.69 1.00 -4.47
N LEU A 25 -6.18 0.15 -5.35
CA LEU A 25 -4.84 0.34 -5.90
C LEU A 25 -4.80 1.51 -6.87
N THR A 26 -5.91 1.73 -7.58
CA THR A 26 -6.08 2.95 -8.37
C THR A 26 -6.07 4.19 -7.49
N GLU A 27 -6.77 4.11 -6.36
CA GLU A 27 -6.77 5.20 -5.38
C GLU A 27 -5.41 5.34 -4.72
N LEU A 28 -4.72 4.22 -4.54
CA LEU A 28 -3.37 4.23 -4.00
C LEU A 28 -2.44 5.09 -4.84
N LYS A 29 -2.55 4.96 -6.15
CA LYS A 29 -1.86 5.85 -7.07
C LYS A 29 -2.18 7.31 -6.78
N TYR A 30 -3.46 7.62 -6.64
CA TYR A 30 -3.90 8.98 -6.36
C TYR A 30 -3.51 9.41 -4.96
N LEU A 31 -3.36 8.44 -4.06
CA LEU A 31 -2.85 8.71 -2.72
C LEU A 31 -1.40 9.18 -2.77
N CYS A 32 -0.62 8.57 -3.66
CA CYS A 32 0.75 9.02 -3.90
C CYS A 32 0.78 10.38 -4.58
N LEU A 33 -0.19 10.62 -5.46
CA LEU A 33 -0.20 11.83 -6.27
C LEU A 33 -0.89 12.97 -5.56
N GLY A 34 -2.21 12.89 -5.46
CA GLY A 34 -3.02 14.00 -4.96
C GLY A 34 -3.45 13.75 -3.52
N ARG A 35 -2.96 12.66 -2.94
CA ARG A 35 -3.27 12.32 -1.55
C ARG A 35 -4.74 11.99 -1.37
N VAL A 36 -5.30 11.24 -2.30
CA VAL A 36 -6.69 10.82 -2.22
C VAL A 36 -6.81 9.37 -1.77
N GLY A 37 -7.33 9.18 -0.56
CA GLY A 37 -7.42 7.86 0.04
C GLY A 37 -8.87 7.42 0.20
N LYS A 38 -9.61 7.43 -0.90
CA LYS A 38 -11.00 7.00 -0.90
C LYS A 38 -11.11 5.49 -0.72
N ARG A 39 -12.04 5.07 0.12
CA ARG A 39 -12.23 3.64 0.40
C ARG A 39 -13.02 2.97 -0.73
N LYS A 40 -12.37 2.05 -1.44
CA LYS A 40 -12.98 1.37 -2.56
C LYS A 40 -12.99 -0.14 -2.36
N LEU A 41 -13.36 -0.57 -1.16
CA LEU A 41 -13.37 -1.99 -0.82
C LEU A 41 -14.12 -2.81 -1.87
N GLU A 42 -13.37 -3.57 -2.65
CA GLU A 42 -13.96 -4.40 -3.69
C GLU A 42 -13.20 -5.71 -3.85
N ARG A 43 -13.52 -6.44 -4.92
CA ARG A 43 -12.76 -7.65 -5.26
C ARG A 43 -11.27 -7.35 -5.36
N VAL A 44 -10.47 -8.19 -4.70
CA VAL A 44 -9.04 -7.95 -4.59
C VAL A 44 -8.35 -8.10 -5.94
N GLN A 45 -7.21 -7.42 -6.11
CA GLN A 45 -6.44 -7.51 -7.34
C GLN A 45 -5.79 -8.87 -7.49
N SER A 46 -6.08 -9.55 -8.60
CA SER A 46 -5.54 -10.88 -8.83
C SER A 46 -4.07 -10.83 -9.25
N GLY A 47 -3.67 -9.71 -9.84
CA GLY A 47 -2.28 -9.51 -10.24
C GLY A 47 -2.20 -9.00 -11.68
N VAL A 48 -2.45 -7.70 -11.86
CA VAL A 48 -2.42 -7.09 -13.18
C VAL A 48 -1.55 -5.84 -13.17
N ARG A 49 -1.63 -5.07 -12.09
CA ARG A 49 -0.95 -3.79 -12.00
C ARG A 49 0.53 -3.98 -11.70
N ASP A 50 1.29 -4.39 -12.72
CA ASP A 50 2.71 -4.66 -12.56
C ASP A 50 3.49 -3.36 -12.28
N LEU A 51 2.85 -2.23 -12.56
CA LEU A 51 3.43 -0.93 -12.25
C LEU A 51 3.87 -0.86 -10.79
N LEU A 52 3.11 -1.53 -9.92
CA LEU A 52 3.43 -1.55 -8.50
C LEU A 52 4.80 -2.18 -8.25
N ASP A 53 5.09 -3.25 -8.97
CA ASP A 53 6.39 -3.91 -8.88
C ASP A 53 7.49 -3.07 -9.50
N ILE A 54 7.15 -2.40 -10.61
CA ILE A 54 8.09 -1.49 -11.26
C ILE A 54 8.50 -0.35 -10.34
N LEU A 55 7.50 0.28 -9.71
CA LEU A 55 7.75 1.40 -8.82
C LEU A 55 8.48 0.95 -7.56
N ARG A 56 8.20 -0.28 -7.13
CA ARG A 56 8.92 -0.88 -6.00
C ARG A 56 10.42 -0.88 -6.24
N GLU A 57 10.84 -1.40 -7.39
CA GLU A 57 12.25 -1.50 -7.73
C GLU A 57 12.79 -0.14 -8.17
N ARG A 58 11.92 0.68 -8.76
CA ARG A 58 12.30 2.01 -9.20
C ARG A 58 12.75 2.88 -8.02
N GLY A 59 12.03 2.77 -6.91
CA GLY A 59 12.34 3.55 -5.72
C GLY A 59 11.22 4.51 -5.38
N LYS A 60 10.05 4.28 -5.96
CA LYS A 60 8.89 5.12 -5.70
C LYS A 60 7.97 4.48 -4.67
N LEU A 61 8.06 3.16 -4.54
CA LEU A 61 7.36 2.43 -3.49
C LEU A 61 8.33 1.67 -2.59
N SER A 62 9.09 2.40 -1.80
CA SER A 62 9.97 1.79 -0.81
C SER A 62 9.21 1.40 0.45
N VAL A 63 9.92 0.78 1.39
CA VAL A 63 9.30 0.37 2.65
C VAL A 63 8.72 1.56 3.40
N GLY A 64 9.49 2.64 3.47
CA GLY A 64 9.04 3.85 4.14
C GLY A 64 7.87 4.49 3.41
N ASP A 65 7.95 4.51 2.08
CA ASP A 65 6.88 5.06 1.25
C ASP A 65 5.57 4.31 1.50
N LEU A 66 5.63 2.99 1.45
CA LEU A 66 4.44 2.17 1.66
C LEU A 66 3.87 2.36 3.06
N ALA A 67 4.74 2.37 4.05
CA ALA A 67 4.32 2.54 5.44
C ALA A 67 3.44 3.76 5.60
N GLU A 68 3.85 4.88 5.02
CA GLU A 68 3.04 6.09 5.02
C GLU A 68 1.72 5.87 4.32
N LEU A 69 1.78 5.25 3.14
CA LEU A 69 0.58 5.03 2.33
C LEU A 69 -0.43 4.15 3.08
N LEU A 70 0.08 3.12 3.75
CA LEU A 70 -0.76 2.21 4.51
C LEU A 70 -1.43 2.92 5.68
N TYR A 71 -0.69 3.82 6.32
CA TYR A 71 -1.24 4.65 7.37
C TYR A 71 -2.38 5.53 6.85
N ARG A 72 -2.14 6.19 5.73
CA ARG A 72 -3.09 7.15 5.18
C ARG A 72 -4.39 6.47 4.80
N VAL A 73 -4.29 5.31 4.17
CA VAL A 73 -5.46 4.53 3.78
C VAL A 73 -6.04 3.78 4.97
N ARG A 74 -5.20 3.52 5.97
CA ARG A 74 -5.66 2.95 7.23
C ARG A 74 -6.16 1.53 7.05
N ARG A 75 -5.40 0.74 6.28
CA ARG A 75 -5.75 -0.66 6.05
C ARG A 75 -5.02 -1.58 7.01
N PHE A 76 -5.72 -2.06 8.04
CA PHE A 76 -5.09 -2.78 9.13
C PHE A 76 -4.67 -4.19 8.69
N ASP A 77 -5.22 -4.62 7.55
CA ASP A 77 -4.85 -5.92 6.98
C ASP A 77 -3.41 -5.89 6.45
N LEU A 78 -2.85 -4.70 6.34
CA LEU A 78 -1.48 -4.54 5.88
C LEU A 78 -0.62 -3.88 6.95
N LEU A 79 -1.23 -3.00 7.73
CA LEU A 79 -0.55 -2.35 8.85
C LEU A 79 -0.09 -3.39 9.88
N LYS A 80 -0.95 -4.35 10.18
CA LYS A 80 -0.64 -5.38 11.16
C LYS A 80 -0.14 -6.65 10.49
N ARG A 81 0.12 -6.55 9.20
CA ARG A 81 0.66 -7.69 8.44
C ARG A 81 2.06 -7.39 7.92
N ILE A 82 2.16 -6.40 7.05
CA ILE A 82 3.45 -5.97 6.52
C ILE A 82 4.30 -5.30 7.59
N LEU A 83 3.70 -4.33 8.28
CA LEU A 83 4.40 -3.58 9.31
C LEU A 83 4.28 -4.24 10.68
N LYS A 84 3.29 -5.13 10.81
CA LYS A 84 3.13 -5.93 12.01
C LYS A 84 3.00 -5.04 13.25
N MET A 85 2.20 -3.99 13.13
CA MET A 85 1.95 -3.09 14.24
C MET A 85 0.68 -2.28 14.03
N ASP A 86 0.17 -1.68 15.11
CA ASP A 86 -1.04 -0.89 15.04
C ASP A 86 -0.82 0.41 14.26
N ARG A 87 -1.91 0.98 13.76
CA ARG A 87 -1.83 2.20 12.96
C ARG A 87 -1.14 3.32 13.72
N LYS A 88 -1.46 3.43 15.01
CA LYS A 88 -0.87 4.46 15.85
C LYS A 88 0.63 4.25 16.00
N ALA A 89 1.04 2.99 16.10
CA ALA A 89 2.46 2.64 16.16
C ALA A 89 3.18 3.06 14.89
N VAL A 90 2.52 2.87 13.75
CA VAL A 90 3.07 3.30 12.46
C VAL A 90 3.26 4.81 12.43
N GLU A 91 2.25 5.53 12.90
CA GLU A 91 2.35 6.99 13.02
C GLU A 91 3.63 7.38 13.75
N THR A 92 3.90 6.72 14.86
CA THR A 92 5.12 6.96 15.62
C THR A 92 6.36 6.78 14.76
N HIS A 93 6.32 5.79 13.87
CA HIS A 93 7.46 5.46 13.03
C HIS A 93 7.34 6.13 11.66
N LEU A 94 6.58 7.22 11.60
CA LEU A 94 6.54 8.06 10.41
C LEU A 94 7.00 9.48 10.73
N HIS A 7 14.38 -4.78 3.82
CA HIS A 7 13.57 -3.85 3.05
C HIS A 7 12.38 -4.55 2.42
N MET A 8 11.55 -3.78 1.71
CA MET A 8 10.36 -4.32 1.07
C MET A 8 10.67 -4.85 -0.32
N SER A 9 9.89 -5.83 -0.76
CA SER A 9 10.10 -6.46 -2.07
C SER A 9 8.79 -6.75 -2.76
N ALA A 10 8.84 -7.59 -3.79
CA ALA A 10 7.64 -7.97 -4.53
C ALA A 10 6.63 -8.67 -3.61
N GLU A 11 7.15 -9.49 -2.70
CA GLU A 11 6.31 -10.18 -1.73
C GLU A 11 5.43 -9.19 -0.97
N VAL A 12 6.02 -8.06 -0.58
CA VAL A 12 5.32 -7.07 0.23
C VAL A 12 4.18 -6.43 -0.56
N ILE A 13 4.49 -5.97 -1.77
CA ILE A 13 3.51 -5.28 -2.60
C ILE A 13 2.42 -6.23 -3.08
N HIS A 14 2.76 -7.51 -3.18
CA HIS A 14 1.78 -8.53 -3.53
C HIS A 14 0.78 -8.74 -2.39
N GLN A 15 1.28 -8.68 -1.16
CA GLN A 15 0.41 -8.73 0.01
C GLN A 15 -0.53 -7.54 0.05
N VAL A 16 -0.04 -6.38 -0.37
CA VAL A 16 -0.89 -5.20 -0.52
C VAL A 16 -1.99 -5.44 -1.54
N GLU A 17 -1.64 -6.10 -2.64
CA GLU A 17 -2.62 -6.43 -3.68
C GLU A 17 -3.72 -7.35 -3.13
N GLU A 18 -3.32 -8.27 -2.26
CA GLU A 18 -4.27 -9.21 -1.67
C GLU A 18 -5.30 -8.49 -0.81
N ALA A 19 -4.83 -7.52 -0.01
CA ALA A 19 -5.70 -6.82 0.92
C ALA A 19 -6.61 -5.84 0.19
N LEU A 20 -6.04 -5.08 -0.74
CA LEU A 20 -6.75 -3.98 -1.38
C LEU A 20 -7.35 -4.40 -2.71
N SER A 21 -8.35 -3.65 -3.17
CA SER A 21 -8.94 -3.90 -4.48
C SER A 21 -8.09 -3.28 -5.59
N SER A 22 -8.35 -3.70 -6.83
CA SER A 22 -7.60 -3.21 -7.98
C SER A 22 -7.73 -1.69 -8.11
N SER A 23 -8.87 -1.16 -7.69
CA SER A 23 -9.11 0.28 -7.73
C SER A 23 -8.38 0.99 -6.59
N GLU A 24 -8.42 0.37 -5.40
CA GLU A 24 -7.71 0.91 -4.25
C GLU A 24 -6.21 0.95 -4.49
N LEU A 25 -5.71 -0.02 -5.23
CA LEU A 25 -4.30 -0.05 -5.61
C LEU A 25 -3.94 1.13 -6.50
N THR A 26 -4.87 1.50 -7.38
CA THR A 26 -4.73 2.72 -8.17
C THR A 26 -4.80 3.96 -7.29
N GLU A 27 -5.66 3.91 -6.28
CA GLU A 27 -5.81 5.02 -5.35
C GLU A 27 -4.52 5.28 -4.57
N LEU A 28 -3.74 4.23 -4.37
CA LEU A 28 -2.43 4.36 -3.75
C LEU A 28 -1.55 5.34 -4.53
N LYS A 29 -1.56 5.22 -5.85
CA LYS A 29 -0.86 6.16 -6.71
C LYS A 29 -1.42 7.57 -6.55
N TYR A 30 -2.74 7.68 -6.46
CA TYR A 30 -3.39 8.97 -6.35
C TYR A 30 -3.10 9.63 -5.01
N LEU A 31 -2.89 8.80 -3.98
CA LEU A 31 -2.46 9.29 -2.68
C LEU A 31 -1.08 9.94 -2.77
N CYS A 32 -0.21 9.36 -3.59
CA CYS A 32 1.12 9.92 -3.83
C CYS A 32 1.06 11.06 -4.84
N LEU A 33 0.10 10.99 -5.75
CA LEU A 33 -0.01 11.96 -6.83
C LEU A 33 -0.53 13.30 -6.31
N GLY A 34 -1.68 13.27 -5.67
CA GLY A 34 -2.33 14.49 -5.21
C GLY A 34 -3.06 14.27 -3.88
N ARG A 35 -2.77 13.14 -3.25
CA ARG A 35 -3.32 12.84 -1.92
C ARG A 35 -4.83 12.68 -1.97
N VAL A 36 -5.31 11.94 -2.98
CA VAL A 36 -6.73 11.69 -3.14
C VAL A 36 -7.21 10.58 -2.21
N GLY A 37 -8.25 10.88 -1.44
CA GLY A 37 -8.77 9.93 -0.45
C GLY A 37 -9.18 8.62 -1.12
N LYS A 38 -8.88 7.51 -0.46
CA LYS A 38 -9.17 6.19 -1.00
C LYS A 38 -10.67 5.96 -1.10
N ARG A 39 -11.10 5.30 -2.17
CA ARG A 39 -12.50 4.96 -2.36
C ARG A 39 -12.88 3.73 -1.54
N LYS A 40 -14.04 3.17 -1.84
CA LYS A 40 -14.55 2.00 -1.11
C LYS A 40 -14.01 0.71 -1.70
N LEU A 41 -14.15 -0.38 -0.96
CA LEU A 41 -13.65 -1.68 -1.40
C LEU A 41 -14.39 -2.15 -2.65
N GLU A 42 -13.63 -2.55 -3.67
CA GLU A 42 -14.21 -3.10 -4.88
C GLU A 42 -13.63 -4.47 -5.20
N ARG A 43 -13.69 -4.85 -6.47
CA ARG A 43 -13.14 -6.13 -6.92
C ARG A 43 -11.70 -6.30 -6.43
N VAL A 44 -11.48 -7.31 -5.60
CA VAL A 44 -10.17 -7.55 -5.01
C VAL A 44 -9.16 -7.96 -6.08
N GLN A 45 -7.98 -7.37 -6.02
CA GLN A 45 -6.93 -7.65 -7.01
C GLN A 45 -6.40 -9.06 -6.87
N SER A 46 -6.39 -9.78 -7.99
CA SER A 46 -5.95 -11.18 -7.98
C SER A 46 -4.47 -11.30 -7.66
N GLY A 47 -3.71 -10.26 -7.99
CA GLY A 47 -2.31 -10.19 -7.62
C GLY A 47 -1.42 -10.20 -8.86
N VAL A 48 -1.73 -9.33 -9.81
CA VAL A 48 -0.96 -9.24 -11.05
C VAL A 48 -0.60 -7.80 -11.37
N ARG A 49 -0.74 -6.92 -10.38
CA ARG A 49 -0.43 -5.51 -10.56
C ARG A 49 1.07 -5.25 -10.42
N ASP A 50 1.80 -5.51 -11.49
CA ASP A 50 3.25 -5.39 -11.47
C ASP A 50 3.69 -3.93 -11.52
N LEU A 51 2.76 -3.05 -11.86
CA LEU A 51 3.05 -1.63 -11.99
C LEU A 51 3.54 -1.05 -10.67
N LEU A 52 2.96 -1.52 -9.57
CA LEU A 52 3.35 -1.06 -8.24
C LEU A 52 4.76 -1.54 -7.88
N ASP A 53 5.09 -2.76 -8.31
CA ASP A 53 6.41 -3.31 -8.10
C ASP A 53 7.46 -2.56 -8.91
N ILE A 54 7.08 -2.15 -10.11
CA ILE A 54 7.92 -1.31 -10.95
C ILE A 54 8.20 0.03 -10.28
N LEU A 55 7.17 0.64 -9.74
CA LEU A 55 7.30 1.92 -9.05
C LEU A 55 8.16 1.76 -7.79
N ARG A 56 8.05 0.62 -7.13
CA ARG A 56 8.87 0.33 -5.97
C ARG A 56 10.36 0.33 -6.33
N GLU A 57 10.70 -0.38 -7.41
CA GLU A 57 12.07 -0.41 -7.89
C GLU A 57 12.49 0.94 -8.46
N ARG A 58 11.53 1.63 -9.09
CA ARG A 58 11.79 2.94 -9.67
C ARG A 58 12.21 3.95 -8.61
N GLY A 59 11.55 3.89 -7.46
CA GLY A 59 11.84 4.81 -6.36
C GLY A 59 10.64 5.69 -6.04
N LYS A 60 9.49 5.35 -6.64
CA LYS A 60 8.26 6.08 -6.39
C LYS A 60 7.49 5.48 -5.21
N LEU A 61 7.69 4.18 -4.99
CA LEU A 61 7.12 3.51 -3.84
C LEU A 61 8.19 2.85 -2.98
N SER A 62 8.95 3.67 -2.26
CA SER A 62 9.98 3.17 -1.35
C SER A 62 9.37 2.54 -0.12
N VAL A 63 10.22 2.01 0.75
CA VAL A 63 9.76 1.39 1.99
C VAL A 63 8.94 2.36 2.83
N GLY A 64 9.44 3.57 2.97
CA GLY A 64 8.75 4.61 3.73
C GLY A 64 7.45 5.02 3.05
N ASP A 65 7.50 5.12 1.73
CA ASP A 65 6.33 5.50 0.94
C ASP A 65 5.19 4.51 1.13
N LEU A 66 5.51 3.22 1.00
CA LEU A 66 4.50 2.17 1.13
C LEU A 66 3.95 2.10 2.55
N ALA A 67 4.84 2.24 3.53
CA ALA A 67 4.44 2.27 4.93
C ALA A 67 3.47 3.41 5.20
N GLU A 68 3.76 4.58 4.63
CA GLU A 68 2.87 5.72 4.72
C GLU A 68 1.51 5.42 4.11
N LEU A 69 1.52 4.82 2.92
CA LEU A 69 0.29 4.50 2.22
C LEU A 69 -0.58 3.55 3.03
N LEU A 70 0.05 2.54 3.63
CA LEU A 70 -0.67 1.61 4.50
C LEU A 70 -1.37 2.34 5.63
N TYR A 71 -0.69 3.33 6.20
CA TYR A 71 -1.30 4.18 7.23
C TYR A 71 -2.46 4.96 6.66
N ARG A 72 -2.26 5.57 5.50
CA ARG A 72 -3.26 6.45 4.90
C ARG A 72 -4.55 5.71 4.61
N VAL A 73 -4.43 4.49 4.08
CA VAL A 73 -5.58 3.66 3.79
C VAL A 73 -6.10 2.98 5.04
N ARG A 74 -5.24 2.84 6.04
CA ARG A 74 -5.64 2.31 7.33
C ARG A 74 -6.06 0.85 7.23
N ARG A 75 -5.29 0.07 6.47
CA ARG A 75 -5.61 -1.34 6.26
C ARG A 75 -4.84 -2.22 7.24
N PHE A 76 -5.55 -2.73 8.25
CA PHE A 76 -4.91 -3.48 9.33
C PHE A 76 -4.48 -4.86 8.84
N ASP A 77 -5.02 -5.27 7.71
CA ASP A 77 -4.56 -6.51 7.04
C ASP A 77 -3.17 -6.33 6.46
N LEU A 78 -2.69 -5.09 6.45
CA LEU A 78 -1.34 -4.79 5.99
C LEU A 78 -0.49 -4.17 7.09
N LEU A 79 -1.13 -3.38 7.94
CA LEU A 79 -0.43 -2.73 9.06
C LEU A 79 0.12 -3.76 10.03
N LYS A 80 -0.67 -4.78 10.32
CA LYS A 80 -0.27 -5.82 11.27
C LYS A 80 0.32 -7.02 10.54
N ARG A 81 0.24 -7.00 9.21
CA ARG A 81 0.82 -8.06 8.39
C ARG A 81 2.21 -7.70 7.90
N ILE A 82 2.29 -6.64 7.10
CA ILE A 82 3.57 -6.20 6.54
C ILE A 82 4.40 -5.48 7.59
N LEU A 83 3.80 -4.49 8.24
CA LEU A 83 4.51 -3.66 9.21
C LEU A 83 4.47 -4.29 10.60
N LYS A 84 3.52 -5.18 10.81
CA LYS A 84 3.45 -5.94 12.06
C LYS A 84 3.37 -5.03 13.27
N MET A 85 2.50 -4.04 13.19
CA MET A 85 2.30 -3.10 14.29
C MET A 85 0.98 -2.36 14.17
N ASP A 86 0.55 -1.72 15.25
CA ASP A 86 -0.69 -0.96 15.26
C ASP A 86 -0.58 0.27 14.36
N ARG A 87 -1.73 0.75 13.90
CA ARG A 87 -1.77 1.94 13.06
C ARG A 87 -1.12 3.13 13.75
N LYS A 88 -1.40 3.28 15.04
CA LYS A 88 -0.82 4.37 15.83
C LYS A 88 0.70 4.20 15.95
N ALA A 89 1.14 2.95 16.05
CA ALA A 89 2.57 2.66 16.10
C ALA A 89 3.27 3.10 14.81
N VAL A 90 2.60 2.89 13.68
CA VAL A 90 3.10 3.36 12.40
C VAL A 90 3.23 4.88 12.38
N GLU A 91 2.18 5.55 12.85
CA GLU A 91 2.21 7.00 12.97
C GLU A 91 3.44 7.47 13.75
N THR A 92 3.70 6.82 14.88
CA THR A 92 4.87 7.13 15.69
C THR A 92 6.15 7.02 14.88
N HIS A 93 6.23 6.00 14.04
CA HIS A 93 7.42 5.76 13.23
C HIS A 93 7.21 6.24 11.80
N LEU A 94 6.36 7.24 11.63
CA LEU A 94 6.08 7.80 10.31
C LEU A 94 6.15 9.32 10.34
N HIS A 7 15.10 -3.27 2.95
CA HIS A 7 13.89 -2.78 2.29
C HIS A 7 12.97 -3.94 1.93
N MET A 8 11.66 -3.67 1.89
CA MET A 8 10.67 -4.68 1.58
C MET A 8 10.89 -5.26 0.18
N SER A 9 10.76 -6.58 0.07
CA SER A 9 10.99 -7.26 -1.20
C SER A 9 9.72 -7.31 -2.03
N ALA A 10 9.83 -7.84 -3.25
CA ALA A 10 8.69 -7.94 -4.15
C ALA A 10 7.57 -8.78 -3.53
N GLU A 11 7.96 -9.78 -2.75
CA GLU A 11 6.99 -10.58 -2.01
C GLU A 11 6.04 -9.70 -1.21
N VAL A 12 6.58 -8.64 -0.61
CA VAL A 12 5.80 -7.79 0.28
C VAL A 12 4.80 -6.95 -0.51
N ILE A 13 5.28 -6.30 -1.56
CA ILE A 13 4.44 -5.45 -2.38
C ILE A 13 3.37 -6.25 -3.11
N HIS A 14 3.65 -7.54 -3.32
CA HIS A 14 2.67 -8.45 -3.91
C HIS A 14 1.57 -8.79 -2.92
N GLN A 15 1.92 -8.83 -1.64
CA GLN A 15 0.95 -9.10 -0.58
C GLN A 15 -0.02 -7.93 -0.41
N VAL A 16 0.45 -6.73 -0.72
CA VAL A 16 -0.34 -5.52 -0.56
C VAL A 16 -1.69 -5.65 -1.26
N GLU A 17 -1.65 -6.12 -2.50
CA GLU A 17 -2.84 -6.15 -3.35
C GLU A 17 -3.85 -7.19 -2.87
N GLU A 18 -3.40 -8.06 -1.97
CA GLU A 18 -4.26 -9.10 -1.41
C GLU A 18 -5.23 -8.53 -0.38
N ALA A 19 -4.92 -7.33 0.10
CA ALA A 19 -5.79 -6.65 1.06
C ALA A 19 -6.40 -5.39 0.45
N LEU A 20 -5.60 -4.66 -0.31
CA LEU A 20 -6.09 -3.48 -1.00
C LEU A 20 -6.32 -3.76 -2.49
N SER A 21 -7.47 -3.32 -3.00
CA SER A 21 -7.81 -3.53 -4.40
C SER A 21 -6.98 -2.65 -5.32
N SER A 22 -6.89 -3.03 -6.58
CA SER A 22 -6.15 -2.26 -7.57
C SER A 22 -6.79 -0.90 -7.79
N SER A 23 -8.09 -0.80 -7.53
CA SER A 23 -8.79 0.48 -7.57
C SER A 23 -8.36 1.39 -6.43
N GLU A 24 -8.29 0.82 -5.23
CA GLU A 24 -7.79 1.54 -4.07
C GLU A 24 -6.33 1.94 -4.25
N LEU A 25 -5.53 1.01 -4.77
CA LEU A 25 -4.11 1.25 -4.97
C LEU A 25 -3.88 2.30 -6.05
N THR A 26 -4.76 2.32 -7.05
CA THR A 26 -4.73 3.35 -8.08
C THR A 26 -5.02 4.73 -7.48
N GLU A 27 -6.00 4.79 -6.58
CA GLU A 27 -6.33 6.03 -5.90
C GLU A 27 -5.20 6.48 -4.98
N LEU A 28 -4.52 5.51 -4.38
CA LEU A 28 -3.36 5.80 -3.54
C LEU A 28 -2.18 6.30 -4.35
N LYS A 29 -2.05 5.76 -5.57
CA LYS A 29 -1.12 6.31 -6.55
C LYS A 29 -1.42 7.78 -6.83
N TYR A 30 -2.69 8.07 -7.08
CA TYR A 30 -3.12 9.44 -7.36
C TYR A 30 -2.98 10.32 -6.12
N LEU A 31 -3.15 9.71 -4.95
CA LEU A 31 -2.92 10.41 -3.68
C LEU A 31 -1.50 10.96 -3.62
N CYS A 32 -0.53 10.11 -3.94
CA CYS A 32 0.87 10.54 -3.99
C CYS A 32 1.14 11.46 -5.17
N LEU A 33 0.50 11.16 -6.31
CA LEU A 33 0.77 11.87 -7.55
C LEU A 33 0.13 13.26 -7.54
N GLY A 34 -1.19 13.29 -7.61
CA GLY A 34 -1.92 14.54 -7.81
C GLY A 34 -2.62 14.98 -6.52
N ARG A 35 -2.21 14.41 -5.41
CA ARG A 35 -2.78 14.75 -4.12
C ARG A 35 -4.28 14.48 -4.08
N VAL A 36 -4.67 13.33 -4.63
CA VAL A 36 -6.08 12.94 -4.66
C VAL A 36 -6.44 12.14 -3.41
N GLY A 37 -7.33 12.70 -2.60
CA GLY A 37 -7.73 12.05 -1.36
C GLY A 37 -9.02 11.26 -1.53
N LYS A 38 -9.02 10.36 -2.51
CA LYS A 38 -10.19 9.53 -2.79
C LYS A 38 -9.89 8.06 -2.59
N ARG A 39 -10.93 7.23 -2.63
CA ARG A 39 -10.79 5.80 -2.41
C ARG A 39 -11.99 5.04 -2.97
N LYS A 40 -11.70 4.04 -3.80
CA LYS A 40 -12.75 3.23 -4.41
C LYS A 40 -12.65 1.78 -3.95
N LEU A 41 -13.53 1.40 -3.03
CA LEU A 41 -13.51 0.05 -2.47
C LEU A 41 -13.91 -0.99 -3.51
N GLU A 42 -13.02 -1.93 -3.77
CA GLU A 42 -13.28 -2.99 -4.74
C GLU A 42 -12.72 -4.32 -4.26
N ARG A 43 -12.86 -5.35 -5.09
CA ARG A 43 -12.36 -6.68 -4.77
C ARG A 43 -10.83 -6.71 -4.81
N VAL A 44 -10.24 -7.44 -3.87
CA VAL A 44 -8.79 -7.54 -3.79
C VAL A 44 -8.23 -8.34 -4.97
N GLN A 45 -6.94 -8.21 -5.20
CA GLN A 45 -6.30 -8.82 -6.36
C GLN A 45 -5.35 -9.94 -5.96
N SER A 46 -4.87 -10.69 -6.94
CA SER A 46 -3.89 -11.75 -6.69
C SER A 46 -2.97 -11.93 -7.90
N GLY A 47 -1.90 -11.13 -7.93
CA GLY A 47 -0.95 -11.18 -9.04
C GLY A 47 -1.51 -10.47 -10.26
N VAL A 48 -2.12 -9.31 -10.05
CA VAL A 48 -2.80 -8.59 -11.12
C VAL A 48 -2.09 -7.28 -11.42
N ARG A 49 -1.79 -6.51 -10.37
CA ARG A 49 -1.27 -5.16 -10.54
C ARG A 49 0.23 -5.17 -10.78
N ASP A 50 0.63 -4.98 -12.03
CA ASP A 50 2.04 -4.99 -12.41
C ASP A 50 2.77 -3.78 -11.85
N LEU A 51 2.01 -2.73 -11.53
CA LEU A 51 2.60 -1.49 -11.03
C LEU A 51 3.22 -1.68 -9.66
N LEU A 52 2.90 -2.81 -9.02
CA LEU A 52 3.47 -3.15 -7.72
C LEU A 52 4.99 -3.25 -7.80
N ASP A 53 5.50 -3.67 -8.96
CA ASP A 53 6.93 -3.81 -9.16
C ASP A 53 7.49 -2.63 -9.96
N ILE A 54 6.69 -2.12 -10.88
CA ILE A 54 7.09 -0.98 -11.69
C ILE A 54 7.33 0.27 -10.83
N LEU A 55 6.36 0.58 -9.99
CA LEU A 55 6.44 1.77 -9.14
C LEU A 55 7.38 1.52 -7.96
N ARG A 56 7.47 0.27 -7.53
CA ARG A 56 8.39 -0.12 -6.47
C ARG A 56 9.84 0.11 -6.89
N GLU A 57 10.17 -0.36 -8.09
CA GLU A 57 11.50 -0.15 -8.66
C GLU A 57 11.73 1.33 -8.98
N ARG A 58 10.67 2.00 -9.41
CA ARG A 58 10.75 3.44 -9.70
C ARG A 58 11.06 4.23 -8.45
N GLY A 59 10.45 3.84 -7.33
CA GLY A 59 10.66 4.53 -6.06
C GLY A 59 9.38 5.22 -5.58
N LYS A 60 8.26 4.85 -6.19
CA LYS A 60 6.97 5.43 -5.82
C LYS A 60 6.23 4.53 -4.84
N LEU A 61 6.66 3.27 -4.75
CA LEU A 61 6.17 2.37 -3.72
C LEU A 61 7.31 1.84 -2.86
N SER A 62 7.91 2.72 -2.08
CA SER A 62 8.91 2.32 -1.10
C SER A 62 8.26 1.86 0.21
N VAL A 63 9.08 1.32 1.11
CA VAL A 63 8.59 0.92 2.43
C VAL A 63 8.08 2.12 3.21
N GLY A 64 8.64 3.29 2.94
CA GLY A 64 8.17 4.53 3.54
C GLY A 64 6.83 4.96 2.97
N ASP A 65 6.66 4.76 1.66
CA ASP A 65 5.40 5.06 0.99
C ASP A 65 4.30 4.13 1.47
N LEU A 66 4.62 2.85 1.62
CA LEU A 66 3.66 1.87 2.10
C LEU A 66 3.20 2.20 3.52
N ALA A 67 4.15 2.56 4.37
CA ALA A 67 3.84 2.95 5.75
C ALA A 67 2.75 4.02 5.78
N GLU A 68 2.93 5.06 4.97
CA GLU A 68 1.97 6.15 4.91
C GLU A 68 0.64 5.68 4.33
N LEU A 69 0.70 5.06 3.15
CA LEU A 69 -0.49 4.74 2.39
C LEU A 69 -1.36 3.72 3.12
N LEU A 70 -0.72 2.72 3.70
CA LEU A 70 -1.43 1.70 4.47
C LEU A 70 -2.02 2.29 5.74
N TYR A 71 -1.33 3.25 6.34
CA TYR A 71 -1.85 3.99 7.48
C TYR A 71 -3.11 4.76 7.09
N ARG A 72 -3.06 5.46 5.97
CA ARG A 72 -4.16 6.32 5.55
C ARG A 72 -5.43 5.53 5.33
N VAL A 73 -5.30 4.35 4.72
CA VAL A 73 -6.45 3.47 4.49
C VAL A 73 -6.76 2.66 5.74
N ARG A 74 -5.77 2.53 6.62
CA ARG A 74 -5.95 1.82 7.88
C ARG A 74 -6.32 0.36 7.65
N ARG A 75 -5.57 -0.30 6.78
CA ARG A 75 -5.81 -1.71 6.48
C ARG A 75 -4.91 -2.61 7.32
N PHE A 76 -5.49 -3.17 8.38
CA PHE A 76 -4.71 -3.94 9.35
C PHE A 76 -4.34 -5.30 8.80
N ASP A 77 -4.91 -5.65 7.65
CA ASP A 77 -4.51 -6.85 6.92
C ASP A 77 -3.11 -6.71 6.35
N LEU A 78 -2.60 -5.48 6.35
CA LEU A 78 -1.23 -5.21 5.89
C LEU A 78 -0.39 -4.62 7.01
N LEU A 79 -1.02 -3.81 7.86
CA LEU A 79 -0.33 -3.17 8.96
C LEU A 79 0.19 -4.19 9.97
N LYS A 80 -0.63 -5.20 10.25
CA LYS A 80 -0.25 -6.25 11.17
C LYS A 80 0.36 -7.45 10.45
N ARG A 81 0.29 -7.42 9.12
CA ARG A 81 0.88 -8.47 8.30
C ARG A 81 2.28 -8.10 7.85
N ILE A 82 2.38 -7.03 7.06
CA ILE A 82 3.67 -6.58 6.54
C ILE A 82 4.48 -5.88 7.62
N LEU A 83 3.87 -4.89 8.27
CA LEU A 83 4.57 -4.06 9.25
C LEU A 83 4.49 -4.68 10.63
N LYS A 84 3.49 -5.53 10.85
CA LYS A 84 3.36 -6.26 12.11
C LYS A 84 3.25 -5.30 13.29
N MET A 85 2.37 -4.32 13.16
CA MET A 85 2.15 -3.34 14.22
C MET A 85 0.83 -2.60 14.02
N ASP A 86 0.37 -1.94 15.08
CA ASP A 86 -0.81 -1.08 15.00
C ASP A 86 -0.52 0.17 14.19
N ARG A 87 -1.58 0.80 13.68
CA ARG A 87 -1.44 2.01 12.87
C ARG A 87 -0.92 3.17 13.70
N LYS A 88 -1.12 3.10 15.01
CA LYS A 88 -0.58 4.09 15.93
C LYS A 88 0.93 4.00 16.01
N ALA A 89 1.44 2.77 16.01
CA ALA A 89 2.88 2.54 15.97
C ALA A 89 3.47 3.02 14.65
N VAL A 90 2.76 2.80 13.56
CA VAL A 90 3.17 3.30 12.25
C VAL A 90 3.26 4.82 12.25
N GLU A 91 2.24 5.47 12.78
CA GLU A 91 2.25 6.93 12.92
C GLU A 91 3.49 7.40 13.68
N THR A 92 3.78 6.74 14.79
CA THR A 92 4.96 7.06 15.59
C THR A 92 6.22 6.98 14.74
N HIS A 93 6.30 5.98 13.87
CA HIS A 93 7.48 5.77 13.03
C HIS A 93 7.21 6.25 11.61
N LEU A 94 6.36 7.26 11.47
CA LEU A 94 6.04 7.81 10.16
C LEU A 94 6.15 9.33 10.16
N HIS A 7 13.64 -1.79 2.27
CA HIS A 7 12.72 -1.31 1.25
C HIS A 7 11.60 -2.31 1.00
N MET A 8 10.73 -1.99 0.05
CA MET A 8 9.62 -2.85 -0.29
C MET A 8 10.08 -4.08 -1.06
N SER A 9 9.78 -5.26 -0.52
CA SER A 9 10.13 -6.52 -1.17
C SER A 9 8.99 -7.04 -2.03
N ALA A 10 9.27 -8.08 -2.81
CA ALA A 10 8.24 -8.72 -3.62
C ALA A 10 7.13 -9.29 -2.76
N GLU A 11 7.49 -9.79 -1.59
CA GLU A 11 6.51 -10.35 -0.66
C GLU A 11 5.60 -9.27 -0.10
N VAL A 12 6.20 -8.13 0.24
CA VAL A 12 5.44 -7.00 0.76
C VAL A 12 4.40 -6.53 -0.25
N ILE A 13 4.84 -6.20 -1.46
CA ILE A 13 3.96 -5.66 -2.48
C ILE A 13 2.95 -6.69 -2.95
N HIS A 14 3.33 -7.96 -2.83
CA HIS A 14 2.39 -9.06 -3.07
C HIS A 14 1.21 -9.00 -2.12
N GLN A 15 1.50 -8.86 -0.83
CA GLN A 15 0.45 -8.77 0.19
C GLN A 15 -0.38 -7.51 0.00
N VAL A 16 0.28 -6.42 -0.39
CA VAL A 16 -0.41 -5.17 -0.68
C VAL A 16 -1.48 -5.36 -1.74
N GLU A 17 -1.07 -5.89 -2.89
CA GLU A 17 -1.99 -6.13 -3.99
C GLU A 17 -3.04 -7.17 -3.63
N GLU A 18 -2.63 -8.16 -2.84
CA GLU A 18 -3.54 -9.20 -2.37
C GLU A 18 -4.73 -8.61 -1.64
N ALA A 19 -4.47 -7.67 -0.73
CA ALA A 19 -5.50 -7.11 0.12
C ALA A 19 -6.27 -6.01 -0.60
N LEU A 20 -5.60 -5.35 -1.54
CA LEU A 20 -6.18 -4.19 -2.21
C LEU A 20 -6.71 -4.57 -3.59
N SER A 21 -7.69 -3.82 -4.07
CA SER A 21 -8.12 -3.90 -5.46
C SER A 21 -7.30 -2.97 -6.34
N SER A 22 -7.43 -3.14 -7.66
CA SER A 22 -6.75 -2.27 -8.62
C SER A 22 -7.28 -0.84 -8.53
N SER A 23 -8.53 -0.70 -8.12
CA SER A 23 -9.12 0.60 -7.89
C SER A 23 -8.50 1.27 -6.66
N GLU A 24 -8.38 0.51 -5.58
CA GLU A 24 -7.76 1.01 -4.36
C GLU A 24 -6.29 1.40 -4.61
N LEU A 25 -5.58 0.53 -5.32
CA LEU A 25 -4.18 0.79 -5.65
C LEU A 25 -4.03 2.05 -6.48
N THR A 26 -4.95 2.26 -7.40
CA THR A 26 -4.95 3.46 -8.23
C THR A 26 -5.20 4.70 -7.39
N GLU A 27 -6.15 4.61 -6.46
CA GLU A 27 -6.53 5.75 -5.63
C GLU A 27 -5.42 6.11 -4.65
N LEU A 28 -4.67 5.11 -4.22
CA LEU A 28 -3.54 5.31 -3.32
C LEU A 28 -2.45 6.14 -4.00
N LYS A 29 -2.26 5.91 -5.29
CA LYS A 29 -1.43 6.78 -6.11
C LYS A 29 -1.90 8.23 -6.04
N TYR A 30 -3.20 8.44 -6.18
CA TYR A 30 -3.78 9.78 -6.12
C TYR A 30 -3.83 10.30 -4.70
N LEU A 31 -3.81 9.38 -3.74
CA LEU A 31 -3.75 9.75 -2.33
C LEU A 31 -2.44 10.45 -1.99
N CYS A 32 -1.33 9.88 -2.46
CA CYS A 32 -0.01 10.46 -2.23
C CYS A 32 0.25 11.61 -3.20
N LEU A 33 -0.51 11.66 -4.28
CA LEU A 33 -0.35 12.70 -5.29
C LEU A 33 -1.20 13.91 -4.96
N GLY A 34 -2.52 13.77 -5.12
CA GLY A 34 -3.43 14.90 -5.02
C GLY A 34 -4.30 14.79 -3.78
N ARG A 35 -3.91 13.92 -2.85
CA ARG A 35 -4.63 13.75 -1.60
C ARG A 35 -6.05 13.28 -1.85
N VAL A 36 -6.20 12.29 -2.73
CA VAL A 36 -7.51 11.71 -3.02
C VAL A 36 -7.74 10.44 -2.19
N GLY A 37 -8.94 10.33 -1.62
CA GLY A 37 -9.26 9.23 -0.72
C GLY A 37 -9.30 7.90 -1.47
N LYS A 38 -9.40 6.81 -0.72
CA LYS A 38 -9.32 5.48 -1.29
C LYS A 38 -10.70 4.97 -1.71
N ARG A 39 -10.73 4.17 -2.77
CA ARG A 39 -11.98 3.57 -3.24
C ARG A 39 -12.45 2.48 -2.31
N LYS A 40 -13.76 2.40 -2.11
CA LYS A 40 -14.35 1.33 -1.31
C LYS A 40 -13.84 -0.04 -1.77
N LEU A 41 -13.62 -0.93 -0.80
CA LEU A 41 -13.05 -2.25 -1.10
C LEU A 41 -13.78 -2.92 -2.24
N GLU A 42 -13.12 -3.03 -3.39
CA GLU A 42 -13.65 -3.80 -4.51
C GLU A 42 -12.94 -5.14 -4.63
N ARG A 43 -13.31 -5.91 -5.66
CA ARG A 43 -12.66 -7.18 -5.94
C ARG A 43 -11.14 -7.02 -5.94
N VAL A 44 -10.48 -7.73 -5.03
CA VAL A 44 -9.04 -7.59 -4.85
C VAL A 44 -8.27 -8.29 -5.98
N GLN A 45 -7.03 -7.86 -6.19
CA GLN A 45 -6.20 -8.43 -7.25
C GLN A 45 -5.29 -9.52 -6.72
N SER A 46 -4.73 -10.31 -7.62
CA SER A 46 -3.87 -11.42 -7.25
C SER A 46 -2.69 -11.57 -8.21
N GLY A 47 -2.20 -10.44 -8.70
CA GLY A 47 -1.06 -10.44 -9.61
C GLY A 47 -1.43 -9.86 -10.97
N VAL A 48 -1.76 -8.58 -10.98
CA VAL A 48 -2.20 -7.90 -12.20
C VAL A 48 -1.42 -6.61 -12.43
N ARG A 49 -1.27 -5.83 -11.36
CA ARG A 49 -0.65 -4.52 -11.45
C ARG A 49 0.87 -4.62 -11.43
N ASP A 50 1.43 -5.21 -12.47
CA ASP A 50 2.86 -5.46 -12.54
C ASP A 50 3.64 -4.16 -12.57
N LEU A 51 3.01 -3.10 -13.06
CA LEU A 51 3.62 -1.77 -13.08
C LEU A 51 4.12 -1.38 -11.70
N LEU A 52 3.38 -1.76 -10.67
CA LEU A 52 3.72 -1.41 -9.30
C LEU A 52 4.99 -2.10 -8.85
N ASP A 53 5.18 -3.34 -9.31
CA ASP A 53 6.40 -4.09 -9.03
C ASP A 53 7.59 -3.47 -9.73
N ILE A 54 7.37 -2.95 -10.94
CA ILE A 54 8.39 -2.21 -11.66
C ILE A 54 8.80 -0.96 -10.90
N LEU A 55 7.81 -0.22 -10.42
CA LEU A 55 8.07 0.99 -9.63
C LEU A 55 8.72 0.66 -8.29
N ARG A 56 8.38 -0.49 -7.75
CA ARG A 56 9.01 -0.98 -6.53
C ARG A 56 10.51 -1.16 -6.72
N GLU A 57 10.89 -1.86 -7.78
CA GLU A 57 12.30 -2.06 -8.10
C GLU A 57 12.94 -0.76 -8.56
N ARG A 58 12.17 0.07 -9.24
CA ARG A 58 12.67 1.36 -9.71
C ARG A 58 13.09 2.26 -8.56
N GLY A 59 12.33 2.20 -7.47
CA GLY A 59 12.62 3.00 -6.28
C GLY A 59 11.61 4.11 -6.10
N LYS A 60 10.44 3.95 -6.71
CA LYS A 60 9.37 4.94 -6.59
C LYS A 60 8.36 4.54 -5.52
N LEU A 61 8.19 3.23 -5.34
CA LEU A 61 7.31 2.71 -4.30
C LEU A 61 8.11 2.00 -3.21
N SER A 62 8.44 2.73 -2.16
CA SER A 62 9.14 2.17 -1.01
C SER A 62 8.17 1.68 0.06
N VAL A 63 8.68 0.89 1.01
CA VAL A 63 7.87 0.41 2.10
C VAL A 63 7.47 1.54 3.05
N GLY A 64 8.29 2.58 3.08
CA GLY A 64 7.95 3.79 3.83
C GLY A 64 6.77 4.51 3.19
N ASP A 65 6.77 4.59 1.87
CA ASP A 65 5.63 5.12 1.13
C ASP A 65 4.36 4.31 1.42
N LEU A 66 4.50 2.99 1.43
CA LEU A 66 3.39 2.10 1.76
C LEU A 66 2.87 2.39 3.17
N ALA A 67 3.78 2.47 4.13
CA ALA A 67 3.41 2.71 5.52
C ALA A 67 2.51 3.93 5.65
N GLU A 68 2.88 5.01 4.96
CA GLU A 68 2.07 6.22 4.95
C GLU A 68 0.69 5.96 4.34
N LEU A 69 0.68 5.31 3.18
CA LEU A 69 -0.56 5.04 2.47
C LEU A 69 -1.52 4.22 3.33
N LEU A 70 -0.99 3.16 3.95
CA LEU A 70 -1.80 2.27 4.76
C LEU A 70 -2.28 2.97 6.03
N TYR A 71 -1.44 3.85 6.57
CA TYR A 71 -1.80 4.66 7.73
C TYR A 71 -2.99 5.55 7.41
N ARG A 72 -2.93 6.25 6.28
CA ARG A 72 -3.94 7.23 5.92
C ARG A 72 -5.30 6.57 5.75
N VAL A 73 -5.31 5.40 5.12
CA VAL A 73 -6.55 4.67 4.88
C VAL A 73 -6.87 3.71 6.02
N ARG A 74 -5.86 3.45 6.86
CA ARG A 74 -6.07 2.64 8.06
C ARG A 74 -6.47 1.23 7.71
N ARG A 75 -5.78 0.63 6.75
CA ARG A 75 -6.02 -0.75 6.36
C ARG A 75 -5.25 -1.72 7.25
N PHE A 76 -5.87 -2.11 8.36
CA PHE A 76 -5.17 -2.85 9.41
C PHE A 76 -4.79 -4.24 8.94
N ASP A 77 -5.44 -4.71 7.88
CA ASP A 77 -5.10 -5.99 7.28
C ASP A 77 -3.63 -6.05 6.88
N LEU A 78 -3.09 -4.91 6.46
CA LEU A 78 -1.71 -4.85 5.97
C LEU A 78 -0.81 -4.19 7.00
N LEU A 79 -1.40 -3.42 7.91
CA LEU A 79 -0.66 -2.79 9.00
C LEU A 79 -0.19 -3.84 9.99
N LYS A 80 -0.89 -4.96 10.05
CA LYS A 80 -0.55 -6.04 10.98
C LYS A 80 0.27 -7.13 10.29
N ARG A 81 0.18 -7.17 8.97
CA ARG A 81 0.85 -8.21 8.19
C ARG A 81 2.20 -7.73 7.67
N ILE A 82 2.22 -6.48 7.21
CA ILE A 82 3.44 -5.91 6.65
C ILE A 82 4.15 -5.02 7.66
N LEU A 83 3.43 -4.07 8.23
CA LEU A 83 3.97 -3.19 9.26
C LEU A 83 4.11 -3.91 10.59
N LYS A 84 3.21 -4.86 10.85
CA LYS A 84 3.29 -5.69 12.04
C LYS A 84 3.36 -4.84 13.30
N MET A 85 2.51 -3.81 13.36
CA MET A 85 2.47 -2.93 14.52
C MET A 85 1.20 -2.08 14.51
N ASP A 86 0.90 -1.48 15.66
CA ASP A 86 -0.26 -0.61 15.77
C ASP A 86 -0.17 0.59 14.84
N ARG A 87 -1.32 1.11 14.42
CA ARG A 87 -1.36 2.26 13.52
C ARG A 87 -0.57 3.43 14.10
N LYS A 88 -0.72 3.66 15.39
CA LYS A 88 0.02 4.71 16.08
C LYS A 88 1.52 4.46 16.03
N ALA A 89 1.90 3.20 16.15
CA ALA A 89 3.30 2.80 16.08
C ALA A 89 3.87 3.07 14.68
N VAL A 90 3.05 2.84 13.67
CA VAL A 90 3.44 3.12 12.29
C VAL A 90 3.80 4.59 12.11
N GLU A 91 2.94 5.47 12.64
CA GLU A 91 3.22 6.90 12.63
C GLU A 91 4.54 7.21 13.32
N THR A 92 4.75 6.61 14.49
CA THR A 92 6.00 6.79 15.22
C THR A 92 7.21 6.41 14.37
N HIS A 93 7.07 5.34 13.60
CA HIS A 93 8.15 4.86 12.75
C HIS A 93 7.95 5.29 11.31
N LEU A 94 7.28 6.42 11.11
CA LEU A 94 7.04 6.95 9.78
C LEU A 94 7.50 8.40 9.67
N HIS A 7 16.00 -1.53 -2.41
CA HIS A 7 14.54 -1.56 -2.45
C HIS A 7 13.98 -2.66 -1.57
N MET A 8 12.66 -2.70 -1.43
CA MET A 8 12.00 -3.67 -0.59
C MET A 8 11.73 -4.97 -1.34
N SER A 9 11.34 -6.01 -0.61
CA SER A 9 11.08 -7.31 -1.21
C SER A 9 9.77 -7.31 -2.00
N ALA A 10 9.59 -8.29 -2.85
CA ALA A 10 8.41 -8.39 -3.69
C ALA A 10 7.22 -8.94 -2.92
N GLU A 11 7.50 -9.51 -1.76
CA GLU A 11 6.46 -10.15 -0.94
C GLU A 11 5.46 -9.12 -0.43
N VAL A 12 5.97 -7.99 0.05
CA VAL A 12 5.14 -7.03 0.76
C VAL A 12 4.23 -6.27 -0.20
N ILE A 13 4.72 -6.06 -1.42
CA ILE A 13 3.94 -5.36 -2.44
C ILE A 13 2.89 -6.29 -3.05
N HIS A 14 3.19 -7.59 -3.05
CA HIS A 14 2.21 -8.59 -3.46
C HIS A 14 1.12 -8.77 -2.40
N GLN A 15 1.51 -8.59 -1.14
CA GLN A 15 0.54 -8.56 -0.05
C GLN A 15 -0.45 -7.41 -0.21
N VAL A 16 0.08 -6.25 -0.60
CA VAL A 16 -0.75 -5.06 -0.78
C VAL A 16 -1.86 -5.32 -1.80
N GLU A 17 -1.47 -5.78 -2.99
CA GLU A 17 -2.43 -6.01 -4.07
C GLU A 17 -3.34 -7.19 -3.76
N GLU A 18 -2.89 -8.06 -2.88
CA GLU A 18 -3.70 -9.19 -2.44
C GLU A 18 -4.84 -8.75 -1.53
N ALA A 19 -4.53 -7.82 -0.62
CA ALA A 19 -5.50 -7.39 0.38
C ALA A 19 -6.36 -6.25 -0.16
N LEU A 20 -5.77 -5.41 -1.00
CA LEU A 20 -6.46 -4.22 -1.49
C LEU A 20 -6.92 -4.41 -2.93
N SER A 21 -7.89 -3.61 -3.35
CA SER A 21 -8.39 -3.67 -4.72
C SER A 21 -7.59 -2.77 -5.65
N SER A 22 -7.77 -2.95 -6.94
CA SER A 22 -7.14 -2.08 -7.94
C SER A 22 -7.72 -0.67 -7.87
N SER A 23 -8.95 -0.56 -7.40
CA SER A 23 -9.60 0.73 -7.21
C SER A 23 -9.02 1.47 -6.00
N GLU A 24 -8.71 0.70 -4.95
CA GLU A 24 -8.02 1.25 -3.79
C GLU A 24 -6.60 1.64 -4.13
N LEU A 25 -5.93 0.82 -4.93
CA LEU A 25 -4.58 1.12 -5.38
C LEU A 25 -4.57 2.38 -6.24
N THR A 26 -5.61 2.55 -7.05
CA THR A 26 -5.75 3.76 -7.86
C THR A 26 -5.87 5.00 -6.99
N GLU A 27 -6.67 4.90 -5.93
CA GLU A 27 -6.86 6.01 -5.01
C GLU A 27 -5.61 6.27 -4.18
N LEU A 28 -4.89 5.20 -3.86
CA LEU A 28 -3.63 5.30 -3.14
C LEU A 28 -2.55 5.92 -4.02
N LYS A 29 -2.61 5.64 -5.31
CA LYS A 29 -1.78 6.33 -6.30
C LYS A 29 -2.04 7.83 -6.27
N TYR A 30 -3.30 8.21 -6.22
CA TYR A 30 -3.69 9.62 -6.11
C TYR A 30 -3.26 10.20 -4.77
N LEU A 31 -3.34 9.39 -3.72
CA LEU A 31 -2.84 9.80 -2.41
C LEU A 31 -1.35 10.09 -2.45
N CYS A 32 -0.61 9.25 -3.16
CA CYS A 32 0.83 9.45 -3.32
C CYS A 32 1.12 10.70 -4.14
N LEU A 33 0.41 10.85 -5.26
CA LEU A 33 0.72 11.90 -6.22
C LEU A 33 0.04 13.21 -5.85
N GLY A 34 -1.29 13.20 -5.82
CA GLY A 34 -2.06 14.43 -5.67
C GLY A 34 -2.57 14.59 -4.24
N ARG A 35 -2.21 13.64 -3.39
CA ARG A 35 -2.57 13.71 -1.98
C ARG A 35 -4.07 13.61 -1.79
N VAL A 36 -4.71 12.73 -2.57
CA VAL A 36 -6.14 12.49 -2.45
C VAL A 36 -6.44 11.39 -1.44
N GLY A 37 -7.16 11.75 -0.39
CA GLY A 37 -7.45 10.82 0.69
C GLY A 37 -8.82 10.16 0.52
N LYS A 38 -9.04 9.57 -0.65
CA LYS A 38 -10.29 8.89 -0.93
C LYS A 38 -10.09 7.38 -1.03
N ARG A 39 -11.19 6.64 -1.05
CA ARG A 39 -11.14 5.18 -1.09
C ARG A 39 -12.34 4.61 -1.82
N LYS A 40 -12.08 3.66 -2.72
CA LYS A 40 -13.15 3.00 -3.47
C LYS A 40 -13.19 1.51 -3.16
N LEU A 41 -14.16 1.10 -2.35
CA LEU A 41 -14.30 -0.29 -1.95
C LEU A 41 -14.65 -1.17 -3.15
N GLU A 42 -13.85 -2.22 -3.34
CA GLU A 42 -14.04 -3.12 -4.48
C GLU A 42 -13.37 -4.47 -4.23
N ARG A 43 -13.77 -5.47 -5.00
CA ARG A 43 -13.09 -6.76 -5.00
C ARG A 43 -11.59 -6.60 -5.18
N VAL A 44 -10.81 -7.41 -4.49
CA VAL A 44 -9.36 -7.26 -4.45
C VAL A 44 -8.75 -7.52 -5.83
N GLN A 45 -7.56 -6.97 -6.05
CA GLN A 45 -6.87 -7.13 -7.33
C GLN A 45 -6.40 -8.56 -7.51
N SER A 46 -6.56 -9.08 -8.73
CA SER A 46 -6.22 -10.46 -9.03
C SER A 46 -4.71 -10.68 -8.98
N GLY A 47 -3.96 -9.62 -9.26
CA GLY A 47 -2.51 -9.66 -9.13
C GLY A 47 -1.83 -9.62 -10.49
N VAL A 48 -2.33 -8.77 -11.37
CA VAL A 48 -1.82 -8.68 -12.73
C VAL A 48 -1.19 -7.33 -13.01
N ARG A 49 -0.79 -6.64 -11.94
CA ARG A 49 -0.19 -5.32 -12.06
C ARG A 49 1.32 -5.37 -11.81
N ASP A 50 2.07 -5.65 -12.86
CA ASP A 50 3.52 -5.78 -12.75
C ASP A 50 4.16 -4.43 -12.39
N LEU A 51 3.44 -3.35 -12.69
CA LEU A 51 3.93 -2.02 -12.39
C LEU A 51 4.35 -1.89 -10.94
N LEU A 52 3.66 -2.62 -10.07
CA LEU A 52 3.93 -2.56 -8.63
C LEU A 52 5.36 -3.02 -8.32
N ASP A 53 5.83 -3.99 -9.08
CA ASP A 53 7.20 -4.50 -8.91
C ASP A 53 8.20 -3.62 -9.63
N ILE A 54 7.78 -3.04 -10.75
CA ILE A 54 8.61 -2.09 -11.48
C ILE A 54 8.92 -0.86 -10.63
N LEU A 55 7.89 -0.29 -10.03
CA LEU A 55 8.05 0.90 -9.19
C LEU A 55 8.73 0.56 -7.88
N ARG A 56 8.47 -0.64 -7.38
CA ARG A 56 9.15 -1.13 -6.18
C ARG A 56 10.66 -1.15 -6.36
N GLU A 57 11.12 -1.78 -7.44
CA GLU A 57 12.54 -1.90 -7.72
C GLU A 57 13.11 -0.57 -8.22
N ARG A 58 12.27 0.22 -8.87
CA ARG A 58 12.67 1.55 -9.31
C ARG A 58 13.02 2.45 -8.12
N GLY A 59 12.22 2.36 -7.07
CA GLY A 59 12.46 3.14 -5.86
C GLY A 59 11.32 4.12 -5.61
N LYS A 60 10.19 3.90 -6.28
CA LYS A 60 9.03 4.75 -6.13
C LYS A 60 8.07 4.20 -5.08
N LEU A 61 8.07 2.87 -4.93
CA LEU A 61 7.29 2.22 -3.89
C LEU A 61 8.20 1.61 -2.83
N SER A 62 8.41 2.35 -1.74
CA SER A 62 9.18 1.84 -0.61
C SER A 62 8.25 1.44 0.54
N VAL A 63 8.84 0.89 1.60
CA VAL A 63 8.08 0.54 2.80
C VAL A 63 7.56 1.79 3.50
N GLY A 64 8.37 2.84 3.51
CA GLY A 64 7.96 4.12 4.08
C GLY A 64 6.77 4.69 3.32
N ASP A 65 6.73 4.45 2.01
CA ASP A 65 5.58 4.84 1.19
C ASP A 65 4.35 4.03 1.55
N LEU A 66 4.54 2.73 1.76
CA LEU A 66 3.46 1.85 2.18
C LEU A 66 2.92 2.25 3.55
N ALA A 67 3.82 2.70 4.42
CA ALA A 67 3.43 3.16 5.75
C ALA A 67 2.33 4.22 5.67
N GLU A 68 2.55 5.22 4.82
CA GLU A 68 1.56 6.28 4.63
C GLU A 68 0.31 5.74 3.95
N LEU A 69 0.50 5.02 2.85
CA LEU A 69 -0.62 4.55 2.05
C LEU A 69 -1.51 3.60 2.83
N LEU A 70 -0.90 2.70 3.60
CA LEU A 70 -1.64 1.71 4.37
C LEU A 70 -2.26 2.34 5.61
N TYR A 71 -1.61 3.38 6.13
CA TYR A 71 -2.17 4.14 7.24
C TYR A 71 -3.50 4.78 6.86
N ARG A 72 -3.53 5.41 5.69
CA ARG A 72 -4.72 6.15 5.26
C ARG A 72 -5.86 5.20 4.96
N VAL A 73 -5.57 4.12 4.25
CA VAL A 73 -6.58 3.14 3.88
C VAL A 73 -7.01 2.31 5.09
N ARG A 74 -6.14 2.23 6.08
CA ARG A 74 -6.48 1.61 7.35
C ARG A 74 -6.70 0.11 7.20
N ARG A 75 -5.78 -0.54 6.48
CA ARG A 75 -5.86 -1.98 6.29
C ARG A 75 -5.10 -2.73 7.39
N PHE A 76 -5.86 -3.30 8.33
CA PHE A 76 -5.26 -3.95 9.49
C PHE A 76 -4.25 -5.02 9.07
N ASP A 77 -4.67 -5.87 8.15
CA ASP A 77 -3.86 -7.02 7.75
C ASP A 77 -2.47 -6.58 7.31
N LEU A 78 -2.41 -5.55 6.47
CA LEU A 78 -1.16 -5.13 5.86
C LEU A 78 -0.32 -4.33 6.84
N LEU A 79 -0.97 -3.67 7.79
CA LEU A 79 -0.28 -2.95 8.84
C LEU A 79 0.41 -3.92 9.80
N LYS A 80 -0.05 -5.16 9.81
CA LYS A 80 0.55 -6.20 10.64
C LYS A 80 1.51 -7.07 9.84
N ARG A 81 1.19 -7.27 8.57
CA ARG A 81 1.97 -8.15 7.70
C ARG A 81 3.19 -7.42 7.16
N ILE A 82 3.02 -6.14 6.85
CA ILE A 82 4.10 -5.35 6.25
C ILE A 82 4.74 -4.44 7.28
N LEU A 83 3.92 -3.62 7.92
CA LEU A 83 4.41 -2.67 8.94
C LEU A 83 4.75 -3.39 10.24
N LYS A 84 4.01 -4.46 10.53
CA LYS A 84 4.27 -5.27 11.72
C LYS A 84 4.19 -4.43 12.98
N MET A 85 3.17 -3.59 13.07
CA MET A 85 2.98 -2.74 14.24
C MET A 85 1.60 -2.10 14.24
N ASP A 86 1.20 -1.56 15.39
CA ASP A 86 -0.08 -0.87 15.50
C ASP A 86 -0.13 0.36 14.59
N ARG A 87 -1.32 0.71 14.13
CA ARG A 87 -1.50 1.85 13.25
C ARG A 87 -0.99 3.14 13.90
N LYS A 88 -1.19 3.25 15.20
CA LYS A 88 -0.67 4.39 15.97
C LYS A 88 0.85 4.40 15.94
N ALA A 89 1.46 3.23 16.01
CA ALA A 89 2.91 3.12 15.92
C ALA A 89 3.41 3.51 14.54
N VAL A 90 2.65 3.16 13.51
CA VAL A 90 2.96 3.56 12.15
C VAL A 90 3.01 5.08 12.02
N GLU A 91 2.01 5.75 12.57
CA GLU A 91 1.99 7.20 12.63
C GLU A 91 3.24 7.75 13.31
N THR A 92 3.57 7.17 14.45
CA THR A 92 4.76 7.57 15.20
C THR A 92 6.01 7.46 14.33
N HIS A 93 6.09 6.40 13.53
CA HIS A 93 7.24 6.15 12.68
C HIS A 93 6.98 6.59 11.24
N LEU A 94 6.09 7.57 11.09
CA LEU A 94 5.75 8.09 9.76
C LEU A 94 5.83 9.61 9.73
N HIS A 7 15.33 -5.24 2.05
CA HIS A 7 14.24 -5.27 3.02
C HIS A 7 12.93 -5.70 2.38
N MET A 8 12.38 -4.83 1.54
CA MET A 8 11.11 -5.11 0.89
C MET A 8 11.26 -6.21 -0.17
N SER A 9 10.73 -7.39 0.15
CA SER A 9 10.72 -8.50 -0.80
C SER A 9 9.52 -8.40 -1.74
N ALA A 10 9.53 -9.23 -2.78
CA ALA A 10 8.43 -9.25 -3.74
C ALA A 10 7.12 -9.61 -3.06
N GLU A 11 7.21 -10.39 -1.99
CA GLU A 11 6.01 -10.83 -1.26
C GLU A 11 5.25 -9.64 -0.70
N VAL A 12 5.97 -8.57 -0.39
CA VAL A 12 5.38 -7.41 0.26
C VAL A 12 4.40 -6.70 -0.65
N ILE A 13 4.82 -6.46 -1.89
CA ILE A 13 3.98 -5.78 -2.87
C ILE A 13 2.83 -6.67 -3.31
N HIS A 14 3.02 -7.98 -3.19
CA HIS A 14 1.94 -8.93 -3.44
C HIS A 14 0.90 -8.90 -2.33
N GLN A 15 1.36 -8.65 -1.11
CA GLN A 15 0.45 -8.44 0.01
C GLN A 15 -0.38 -7.18 -0.18
N VAL A 16 0.26 -6.13 -0.70
CA VAL A 16 -0.43 -4.88 -0.99
C VAL A 16 -1.65 -5.13 -1.88
N GLU A 17 -1.44 -5.82 -3.00
CA GLU A 17 -2.52 -6.09 -3.94
C GLU A 17 -3.45 -7.18 -3.42
N GLU A 18 -2.94 -7.98 -2.49
CA GLU A 18 -3.77 -8.98 -1.82
C GLU A 18 -4.93 -8.34 -1.09
N ALA A 19 -4.63 -7.29 -0.33
CA ALA A 19 -5.65 -6.62 0.48
C ALA A 19 -6.41 -5.60 -0.35
N LEU A 20 -5.69 -4.85 -1.19
CA LEU A 20 -6.28 -3.74 -1.93
C LEU A 20 -6.86 -4.21 -3.25
N SER A 21 -8.02 -3.66 -3.61
CA SER A 21 -8.62 -3.91 -4.90
C SER A 21 -7.90 -3.15 -6.00
N SER A 22 -8.21 -3.48 -7.26
CA SER A 22 -7.63 -2.79 -8.40
C SER A 22 -7.96 -1.31 -8.38
N SER A 23 -9.12 -0.97 -7.83
CA SER A 23 -9.51 0.42 -7.66
C SER A 23 -8.74 1.08 -6.53
N GLU A 24 -8.57 0.36 -5.43
CA GLU A 24 -7.80 0.86 -4.29
C GLU A 24 -6.33 1.02 -4.64
N LEU A 25 -5.84 0.13 -5.51
CA LEU A 25 -4.45 0.19 -5.96
C LEU A 25 -4.22 1.38 -6.89
N THR A 26 -5.21 1.68 -7.71
CA THR A 26 -5.19 2.90 -8.52
C THR A 26 -5.26 4.13 -7.64
N GLU A 27 -6.11 4.08 -6.61
CA GLU A 27 -6.21 5.18 -5.65
C GLU A 27 -4.94 5.30 -4.83
N LEU A 28 -4.28 4.17 -4.59
CA LEU A 28 -2.99 4.17 -3.92
C LEU A 28 -1.96 4.97 -4.70
N LYS A 29 -1.91 4.75 -6.00
CA LYS A 29 -1.09 5.56 -6.89
C LYS A 29 -1.45 7.04 -6.78
N TYR A 30 -2.75 7.33 -6.73
CA TYR A 30 -3.23 8.69 -6.60
C TYR A 30 -2.86 9.27 -5.24
N LEU A 31 -2.82 8.40 -4.22
CA LEU A 31 -2.34 8.79 -2.91
C LEU A 31 -0.85 9.16 -2.95
N CYS A 32 -0.08 8.39 -3.72
CA CYS A 32 1.34 8.66 -3.88
C CYS A 32 1.57 9.98 -4.62
N LEU A 33 0.71 10.27 -5.59
CA LEU A 33 0.93 11.38 -6.50
C LEU A 33 0.11 12.59 -6.09
N GLY A 34 -1.21 12.45 -6.08
CA GLY A 34 -2.11 13.58 -5.87
C GLY A 34 -2.60 13.61 -4.42
N ARG A 35 -2.05 12.74 -3.58
CA ARG A 35 -2.42 12.68 -2.18
C ARG A 35 -3.90 12.39 -2.01
N VAL A 36 -4.45 11.56 -2.89
CA VAL A 36 -5.85 11.18 -2.81
C VAL A 36 -6.03 9.92 -1.98
N GLY A 37 -6.77 10.04 -0.87
CA GLY A 37 -6.93 8.93 0.06
C GLY A 37 -8.37 8.42 0.06
N LYS A 38 -8.85 8.05 -1.12
CA LYS A 38 -10.20 7.50 -1.25
C LYS A 38 -10.21 5.99 -1.10
N ARG A 39 -11.27 5.47 -0.50
CA ARG A 39 -11.40 4.03 -0.28
C ARG A 39 -12.45 3.42 -1.21
N LYS A 40 -12.03 2.44 -1.99
CA LYS A 40 -12.94 1.78 -2.94
C LYS A 40 -12.85 0.27 -2.83
N LEU A 41 -13.39 -0.27 -1.74
CA LEU A 41 -13.26 -1.69 -1.46
C LEU A 41 -13.96 -2.54 -2.51
N GLU A 42 -13.19 -3.33 -3.24
CA GLU A 42 -13.72 -4.17 -4.30
C GLU A 42 -12.97 -5.50 -4.38
N ARG A 43 -13.23 -6.25 -5.46
CA ARG A 43 -12.53 -7.50 -5.69
C ARG A 43 -11.02 -7.32 -5.57
N VAL A 44 -10.42 -8.04 -4.62
CA VAL A 44 -8.98 -7.95 -4.38
C VAL A 44 -8.20 -8.69 -5.46
N GLN A 45 -6.91 -8.40 -5.56
CA GLN A 45 -6.07 -8.93 -6.62
C GLN A 45 -5.21 -10.09 -6.13
N SER A 46 -4.66 -10.85 -7.07
CA SER A 46 -3.85 -12.02 -6.72
C SER A 46 -2.66 -12.16 -7.67
N GLY A 47 -2.07 -11.02 -8.04
CA GLY A 47 -0.96 -11.01 -8.99
C GLY A 47 -1.38 -10.44 -10.33
N VAL A 48 -1.75 -9.16 -10.34
CA VAL A 48 -2.30 -8.53 -11.53
C VAL A 48 -1.59 -7.22 -11.84
N ARG A 49 -1.62 -6.30 -10.88
CA ARG A 49 -1.12 -4.95 -11.11
C ARG A 49 0.40 -4.88 -11.02
N ASP A 50 1.07 -5.24 -12.10
CA ASP A 50 2.53 -5.20 -12.16
C ASP A 50 3.03 -3.76 -12.11
N LEU A 51 2.12 -2.81 -12.31
CA LEU A 51 2.44 -1.40 -12.16
C LEU A 51 2.95 -1.09 -10.76
N LEU A 52 2.54 -1.90 -9.79
CA LEU A 52 2.99 -1.73 -8.41
C LEU A 52 4.49 -1.96 -8.28
N ASP A 53 4.99 -2.95 -9.01
CA ASP A 53 6.42 -3.26 -9.00
C ASP A 53 7.23 -2.14 -9.65
N ILE A 54 6.67 -1.55 -10.69
CA ILE A 54 7.28 -0.39 -11.35
C ILE A 54 7.37 0.79 -10.39
N LEU A 55 6.27 1.05 -9.68
CA LEU A 55 6.24 2.14 -8.71
C LEU A 55 7.15 1.86 -7.52
N ARG A 56 7.28 0.57 -7.18
CA ARG A 56 8.19 0.15 -6.13
C ARG A 56 9.63 0.53 -6.45
N GLU A 57 10.06 0.19 -7.67
CA GLU A 57 11.41 0.52 -8.13
C GLU A 57 11.55 2.02 -8.39
N ARG A 58 10.48 2.63 -8.88
CA ARG A 58 10.49 4.06 -9.16
C ARG A 58 10.77 4.87 -7.91
N GLY A 59 10.09 4.52 -6.82
CA GLY A 59 10.25 5.23 -5.55
C GLY A 59 8.95 5.84 -5.08
N LYS A 60 7.84 5.19 -5.43
CA LYS A 60 6.52 5.64 -4.98
C LYS A 60 5.90 4.65 -3.99
N LEU A 61 6.32 3.39 -4.10
CA LEU A 61 5.86 2.36 -3.18
C LEU A 61 7.03 1.71 -2.45
N SER A 62 7.96 2.54 -1.99
CA SER A 62 9.10 2.05 -1.20
C SER A 62 8.68 1.75 0.24
N VAL A 63 9.63 1.27 1.03
CA VAL A 63 9.37 0.94 2.42
C VAL A 63 8.85 2.15 3.19
N GLY A 64 9.56 3.28 3.06
CA GLY A 64 9.17 4.51 3.73
C GLY A 64 7.83 5.03 3.21
N ASP A 65 7.61 4.87 1.91
CA ASP A 65 6.36 5.29 1.30
C ASP A 65 5.18 4.52 1.87
N LEU A 66 5.29 3.19 1.87
CA LEU A 66 4.20 2.33 2.31
C LEU A 66 3.85 2.59 3.78
N ALA A 67 4.88 2.89 4.57
CA ALA A 67 4.68 3.28 5.96
C ALA A 67 3.60 4.35 6.09
N GLU A 68 3.77 5.44 5.36
CA GLU A 68 2.79 6.51 5.35
C GLU A 68 1.52 6.10 4.63
N LEU A 69 1.68 5.52 3.44
CA LEU A 69 0.54 5.22 2.57
C LEU A 69 -0.48 4.35 3.28
N LEU A 70 0.00 3.33 3.99
CA LEU A 70 -0.87 2.41 4.71
C LEU A 70 -1.51 3.09 5.92
N TYR A 71 -0.75 3.98 6.55
CA TYR A 71 -1.28 4.80 7.63
C TYR A 71 -2.41 5.70 7.15
N ARG A 72 -2.21 6.32 6.00
CA ARG A 72 -3.17 7.28 5.46
C ARG A 72 -4.52 6.63 5.20
N VAL A 73 -4.49 5.42 4.68
CA VAL A 73 -5.71 4.67 4.39
C VAL A 73 -6.13 3.83 5.60
N ARG A 74 -5.20 3.62 6.52
CA ARG A 74 -5.51 2.92 7.77
C ARG A 74 -6.02 1.51 7.49
N ARG A 75 -5.36 0.81 6.57
CA ARG A 75 -5.76 -0.54 6.19
C ARG A 75 -4.99 -1.58 7.00
N PHE A 76 -5.65 -2.13 8.01
CA PHE A 76 -4.98 -3.00 8.98
C PHE A 76 -4.66 -4.35 8.37
N ASP A 77 -5.26 -4.64 7.22
CA ASP A 77 -4.95 -5.86 6.48
C ASP A 77 -3.54 -5.81 5.91
N LEU A 78 -2.93 -4.63 5.92
CA LEU A 78 -1.56 -4.46 5.45
C LEU A 78 -0.66 -3.93 6.56
N LEU A 79 -1.23 -3.14 7.46
CA LEU A 79 -0.50 -2.62 8.60
C LEU A 79 0.01 -3.75 9.49
N LYS A 80 -0.82 -4.77 9.69
CA LYS A 80 -0.48 -5.88 10.57
C LYS A 80 0.23 -6.98 9.79
N ARG A 81 0.18 -6.90 8.47
CA ARG A 81 0.86 -7.86 7.61
C ARG A 81 2.24 -7.37 7.21
N ILE A 82 2.27 -6.28 6.46
CA ILE A 82 3.53 -5.73 5.96
C ILE A 82 4.34 -5.08 7.07
N LEU A 83 3.70 -4.20 7.82
CA LEU A 83 4.38 -3.43 8.86
C LEU A 83 4.31 -4.13 10.20
N LYS A 84 3.34 -5.04 10.34
CA LYS A 84 3.23 -5.87 11.53
C LYS A 84 3.05 -5.01 12.78
N MET A 85 2.13 -4.05 12.70
CA MET A 85 1.83 -3.19 13.84
C MET A 85 0.58 -2.35 13.57
N ASP A 86 0.03 -1.77 14.63
CA ASP A 86 -1.13 -0.89 14.50
C ASP A 86 -0.74 0.44 13.86
N ARG A 87 -1.74 1.17 13.37
CA ARG A 87 -1.50 2.43 12.67
C ARG A 87 -0.93 3.47 13.61
N LYS A 88 -1.22 3.33 14.90
CA LYS A 88 -0.67 4.23 15.91
C LYS A 88 0.81 3.98 16.13
N ALA A 89 1.21 2.71 16.10
CA ALA A 89 2.62 2.35 16.14
C ALA A 89 3.36 2.88 14.92
N VAL A 90 2.72 2.79 13.76
CA VAL A 90 3.26 3.37 12.54
C VAL A 90 3.45 4.88 12.67
N GLU A 91 2.42 5.55 13.18
CA GLU A 91 2.50 6.98 13.46
C GLU A 91 3.73 7.31 14.29
N THR A 92 3.94 6.55 15.37
CA THR A 92 5.11 6.73 16.22
C THR A 92 6.39 6.62 15.43
N HIS A 93 6.44 5.67 14.50
CA HIS A 93 7.63 5.42 13.70
C HIS A 93 7.50 6.03 12.31
N LEU A 94 6.72 7.10 12.21
CA LEU A 94 6.51 7.78 10.94
C LEU A 94 6.67 9.28 11.09
N HIS A 7 14.68 -0.38 -0.97
CA HIS A 7 13.48 -0.51 -1.78
C HIS A 7 12.52 -1.52 -1.16
N MET A 8 11.49 -1.88 -1.92
CA MET A 8 10.45 -2.78 -1.42
C MET A 8 10.62 -4.18 -1.99
N SER A 9 10.34 -5.18 -1.17
CA SER A 9 10.49 -6.58 -1.58
C SER A 9 9.27 -7.07 -2.33
N ALA A 10 9.43 -8.19 -3.04
CA ALA A 10 8.32 -8.79 -3.77
C ALA A 10 7.24 -9.29 -2.82
N GLU A 11 7.65 -9.71 -1.63
CA GLU A 11 6.73 -10.24 -0.64
C GLU A 11 5.80 -9.14 -0.13
N VAL A 12 6.36 -7.98 0.16
CA VAL A 12 5.59 -6.84 0.62
C VAL A 12 4.53 -6.44 -0.39
N ILE A 13 4.97 -6.18 -1.62
CA ILE A 13 4.09 -5.69 -2.67
C ILE A 13 3.07 -6.75 -3.08
N HIS A 14 3.46 -8.02 -2.93
CA HIS A 14 2.54 -9.13 -3.12
C HIS A 14 1.36 -9.04 -2.17
N GLN A 15 1.66 -8.86 -0.89
CA GLN A 15 0.62 -8.73 0.14
C GLN A 15 -0.26 -7.52 -0.12
N VAL A 16 0.35 -6.44 -0.60
CA VAL A 16 -0.39 -5.25 -0.99
C VAL A 16 -1.47 -5.57 -2.01
N GLU A 17 -1.11 -6.37 -3.01
CA GLU A 17 -2.06 -6.79 -4.04
C GLU A 17 -3.16 -7.66 -3.45
N GLU A 18 -2.79 -8.48 -2.47
CA GLU A 18 -3.75 -9.37 -1.82
C GLU A 18 -4.87 -8.58 -1.13
N ALA A 19 -4.48 -7.52 -0.43
CA ALA A 19 -5.43 -6.74 0.35
C ALA A 19 -6.17 -5.72 -0.51
N LEU A 20 -5.40 -4.91 -1.24
CA LEU A 20 -5.96 -3.79 -1.98
C LEU A 20 -6.50 -4.24 -3.33
N SER A 21 -7.63 -3.66 -3.74
CA SER A 21 -8.14 -3.85 -5.10
C SER A 21 -7.43 -2.93 -6.09
N SER A 22 -7.63 -3.20 -7.37
CA SER A 22 -7.08 -2.35 -8.43
C SER A 22 -7.64 -0.93 -8.32
N SER A 23 -8.87 -0.81 -7.82
CA SER A 23 -9.48 0.49 -7.60
C SER A 23 -8.86 1.20 -6.40
N GLU A 24 -8.67 0.44 -5.32
CA GLU A 24 -8.04 0.98 -4.12
C GLU A 24 -6.61 1.42 -4.39
N LEU A 25 -5.89 0.62 -5.18
CA LEU A 25 -4.55 0.99 -5.60
C LEU A 25 -4.55 2.28 -6.41
N THR A 26 -5.56 2.44 -7.26
CA THR A 26 -5.75 3.67 -8.00
C THR A 26 -6.02 4.85 -7.07
N GLU A 27 -6.78 4.59 -6.02
CA GLU A 27 -7.10 5.63 -5.03
C GLU A 27 -5.87 6.04 -4.25
N LEU A 28 -4.97 5.09 -4.00
CA LEU A 28 -3.71 5.38 -3.33
C LEU A 28 -2.77 6.16 -4.23
N LYS A 29 -2.85 5.90 -5.54
CA LYS A 29 -2.19 6.74 -6.52
C LYS A 29 -2.69 8.18 -6.44
N TYR A 30 -4.00 8.34 -6.36
CA TYR A 30 -4.60 9.67 -6.22
C TYR A 30 -4.30 10.27 -4.86
N LEU A 31 -4.14 9.41 -3.86
CA LEU A 31 -3.69 9.84 -2.54
C LEU A 31 -2.30 10.45 -2.59
N CYS A 32 -1.43 9.83 -3.39
CA CYS A 32 -0.09 10.37 -3.62
C CYS A 32 -0.15 11.67 -4.40
N LEU A 33 -1.09 11.75 -5.35
CA LEU A 33 -1.15 12.87 -6.27
C LEU A 33 -2.00 14.00 -5.70
N GLY A 34 -3.30 13.80 -5.65
CA GLY A 34 -4.24 14.86 -5.30
C GLY A 34 -4.72 14.70 -3.86
N ARG A 35 -4.15 13.74 -3.15
CA ARG A 35 -4.50 13.51 -1.76
C ARG A 35 -5.95 13.04 -1.62
N VAL A 36 -6.36 12.15 -2.51
CA VAL A 36 -7.71 11.60 -2.47
C VAL A 36 -7.77 10.36 -1.59
N GLY A 37 -8.80 10.27 -0.76
CA GLY A 37 -8.94 9.16 0.17
C GLY A 37 -9.30 7.87 -0.56
N LYS A 38 -9.35 6.77 0.18
CA LYS A 38 -9.59 5.46 -0.41
C LYS A 38 -11.07 5.10 -0.38
N ARG A 39 -11.54 4.46 -1.45
CA ARG A 39 -12.93 4.04 -1.52
C ARG A 39 -13.17 2.76 -0.74
N LYS A 40 -14.32 2.13 -0.97
CA LYS A 40 -14.68 0.91 -0.27
C LYS A 40 -13.99 -0.31 -0.89
N LEU A 41 -13.93 -1.40 -0.15
CA LEU A 41 -13.25 -2.60 -0.60
C LEU A 41 -13.95 -3.21 -1.81
N GLU A 42 -13.23 -3.32 -2.91
CA GLU A 42 -13.73 -4.00 -4.10
C GLU A 42 -12.97 -5.29 -4.37
N ARG A 43 -13.33 -5.98 -5.44
CA ARG A 43 -12.63 -7.18 -5.86
C ARG A 43 -11.11 -6.96 -5.85
N VAL A 44 -10.41 -7.73 -5.01
CA VAL A 44 -9.00 -7.49 -4.75
C VAL A 44 -8.17 -7.78 -5.99
N GLN A 45 -6.97 -7.19 -6.04
CA GLN A 45 -6.08 -7.35 -7.19
C GLN A 45 -5.64 -8.81 -7.34
N SER A 46 -5.73 -9.33 -8.55
CA SER A 46 -5.41 -10.72 -8.83
C SER A 46 -3.92 -10.98 -8.61
N GLY A 47 -3.11 -9.97 -8.86
CA GLY A 47 -1.68 -10.04 -8.54
C GLY A 47 -0.82 -9.87 -9.79
N VAL A 48 -1.28 -8.99 -10.68
CA VAL A 48 -0.60 -8.79 -11.96
C VAL A 48 -0.25 -7.33 -12.19
N ARG A 49 0.05 -6.63 -11.09
CA ARG A 49 0.42 -5.22 -11.17
C ARG A 49 1.89 -5.06 -11.53
N ASP A 50 2.19 -5.17 -12.82
CA ASP A 50 3.55 -4.96 -13.32
C ASP A 50 4.07 -3.58 -12.92
N LEU A 51 3.17 -2.60 -12.90
CA LEU A 51 3.53 -1.25 -12.48
C LEU A 51 4.13 -1.24 -11.08
N LEU A 52 3.45 -1.90 -10.15
CA LEU A 52 3.91 -1.95 -8.76
C LEU A 52 5.24 -2.67 -8.65
N ASP A 53 5.41 -3.73 -9.45
CA ASP A 53 6.66 -4.46 -9.49
C ASP A 53 7.80 -3.56 -9.95
N ILE A 54 7.53 -2.70 -10.92
CA ILE A 54 8.50 -1.71 -11.38
C ILE A 54 8.86 -0.75 -10.26
N LEU A 55 7.84 -0.26 -9.55
CA LEU A 55 8.03 0.76 -8.53
C LEU A 55 8.84 0.21 -7.35
N ARG A 56 8.51 -1.00 -6.93
CA ARG A 56 9.14 -1.59 -5.76
C ARG A 56 10.54 -2.09 -6.07
N GLU A 57 10.74 -2.53 -7.31
CA GLU A 57 12.05 -2.99 -7.75
C GLU A 57 13.00 -1.82 -7.97
N ARG A 58 12.49 -0.75 -8.57
CA ARG A 58 13.29 0.44 -8.84
C ARG A 58 13.61 1.19 -7.55
N GLY A 59 12.63 1.25 -6.65
CA GLY A 59 12.78 1.99 -5.39
C GLY A 59 11.94 3.25 -5.38
N LYS A 60 11.00 3.34 -6.31
CA LYS A 60 10.08 4.47 -6.35
C LYS A 60 8.96 4.32 -5.32
N LEU A 61 8.58 3.08 -5.05
CA LEU A 61 7.66 2.78 -3.96
C LEU A 61 8.34 1.95 -2.87
N SER A 62 8.80 2.63 -1.83
CA SER A 62 9.46 1.95 -0.71
C SER A 62 8.45 1.51 0.34
N VAL A 63 8.91 0.70 1.29
CA VAL A 63 8.06 0.24 2.37
C VAL A 63 7.62 1.40 3.26
N GLY A 64 8.52 2.35 3.47
CA GLY A 64 8.20 3.56 4.22
C GLY A 64 7.11 4.36 3.52
N ASP A 65 7.22 4.48 2.20
CA ASP A 65 6.18 5.14 1.40
C ASP A 65 4.84 4.44 1.57
N LEU A 66 4.86 3.11 1.47
CA LEU A 66 3.65 2.31 1.68
C LEU A 66 3.08 2.52 3.08
N ALA A 67 3.96 2.50 4.07
CA ALA A 67 3.54 2.64 5.46
C ALA A 67 2.70 3.90 5.66
N GLU A 68 3.16 5.01 5.08
CA GLU A 68 2.41 6.26 5.12
C GLU A 68 1.05 6.10 4.47
N LEU A 69 1.02 5.52 3.27
CA LEU A 69 -0.22 5.34 2.53
C LEU A 69 -1.21 4.49 3.31
N LEU A 70 -0.71 3.42 3.91
CA LEU A 70 -1.56 2.49 4.65
C LEU A 70 -2.07 3.14 5.93
N TYR A 71 -1.25 3.99 6.54
CA TYR A 71 -1.68 4.79 7.68
C TYR A 71 -2.85 5.70 7.32
N ARG A 72 -2.70 6.40 6.20
CA ARG A 72 -3.69 7.41 5.80
C ARG A 72 -5.05 6.78 5.54
N VAL A 73 -5.03 5.59 4.93
CA VAL A 73 -6.26 4.87 4.62
C VAL A 73 -6.63 3.92 5.76
N ARG A 74 -5.68 3.65 6.64
CA ARG A 74 -5.93 2.83 7.82
C ARG A 74 -6.39 1.43 7.43
N ARG A 75 -5.62 0.79 6.55
CA ARG A 75 -5.93 -0.58 6.12
C ARG A 75 -5.13 -1.59 6.92
N PHE A 76 -5.74 -2.14 7.96
CA PHE A 76 -5.03 -2.95 8.93
C PHE A 76 -4.78 -4.36 8.40
N ASP A 77 -5.33 -4.65 7.23
CA ASP A 77 -5.07 -5.92 6.55
C ASP A 77 -3.63 -5.99 6.05
N LEU A 78 -2.97 -4.84 6.03
CA LEU A 78 -1.56 -4.77 5.62
C LEU A 78 -0.69 -4.22 6.75
N LEU A 79 -1.26 -3.30 7.53
CA LEU A 79 -0.56 -2.73 8.68
C LEU A 79 -0.14 -3.82 9.66
N LYS A 80 -0.99 -4.83 9.82
CA LYS A 80 -0.76 -5.89 10.79
C LYS A 80 -0.10 -7.10 10.14
N ARG A 81 0.22 -6.97 8.86
CA ARG A 81 0.88 -8.05 8.12
C ARG A 81 2.26 -7.62 7.65
N ILE A 82 2.30 -6.61 6.78
CA ILE A 82 3.56 -6.09 6.27
C ILE A 82 4.36 -5.40 7.37
N LEU A 83 3.69 -4.56 8.14
CA LEU A 83 4.34 -3.78 9.19
C LEU A 83 4.19 -4.45 10.55
N LYS A 84 3.16 -5.27 10.69
CA LYS A 84 2.96 -6.07 11.89
C LYS A 84 2.87 -5.18 13.13
N MET A 85 2.11 -4.09 13.01
CA MET A 85 1.91 -3.18 14.13
C MET A 85 0.75 -2.22 13.87
N ASP A 86 0.24 -1.62 14.92
CA ASP A 86 -0.89 -0.70 14.81
C ASP A 86 -0.47 0.59 14.12
N ARG A 87 -1.45 1.32 13.59
CA ARG A 87 -1.18 2.52 12.82
C ARG A 87 -0.58 3.61 13.69
N LYS A 88 -0.80 3.52 14.99
CA LYS A 88 -0.19 4.43 15.95
C LYS A 88 1.32 4.25 15.99
N ALA A 89 1.76 3.00 16.00
CA ALA A 89 3.19 2.68 15.92
C ALA A 89 3.76 3.11 14.56
N VAL A 90 2.98 2.92 13.51
CA VAL A 90 3.38 3.33 12.17
C VAL A 90 3.68 4.83 12.13
N GLU A 91 2.77 5.61 12.68
CA GLU A 91 2.98 7.06 12.79
C GLU A 91 4.28 7.37 13.50
N THR A 92 4.54 6.67 14.60
CA THR A 92 5.79 6.84 15.35
C THR A 92 7.00 6.60 14.46
N HIS A 93 6.88 5.64 13.55
CA HIS A 93 7.98 5.26 12.69
C HIS A 93 7.88 5.94 11.33
N LEU A 94 7.18 7.06 11.29
CA LEU A 94 7.16 7.91 10.10
C LEU A 94 7.61 9.33 10.42
N HIS A 7 14.35 -2.97 -4.78
CA HIS A 7 14.58 -2.36 -3.48
C HIS A 7 13.81 -3.07 -2.38
N MET A 8 12.48 -3.01 -2.46
CA MET A 8 11.62 -3.59 -1.44
C MET A 8 11.36 -5.07 -1.72
N SER A 9 11.09 -5.82 -0.65
CA SER A 9 10.89 -7.26 -0.77
C SER A 9 9.71 -7.58 -1.68
N ALA A 10 9.83 -8.67 -2.44
CA ALA A 10 8.78 -9.09 -3.35
C ALA A 10 7.69 -9.86 -2.60
N GLU A 11 7.94 -10.15 -1.33
CA GLU A 11 6.96 -10.83 -0.49
C GLU A 11 5.83 -9.89 -0.10
N VAL A 12 6.19 -8.69 0.35
CA VAL A 12 5.22 -7.77 0.92
C VAL A 12 4.36 -7.11 -0.15
N ILE A 13 4.93 -6.96 -1.34
CA ILE A 13 4.22 -6.36 -2.47
C ILE A 13 3.11 -7.28 -2.96
N HIS A 14 3.30 -8.58 -2.78
CA HIS A 14 2.24 -9.54 -3.04
C HIS A 14 1.13 -9.44 -2.00
N GLN A 15 1.52 -9.24 -0.74
CA GLN A 15 0.56 -9.03 0.33
C GLN A 15 -0.23 -7.75 0.12
N VAL A 16 0.41 -6.75 -0.47
CA VAL A 16 -0.27 -5.51 -0.85
C VAL A 16 -1.42 -5.78 -1.81
N GLU A 17 -1.10 -6.41 -2.94
CA GLU A 17 -2.10 -6.70 -3.96
C GLU A 17 -3.09 -7.75 -3.47
N GLU A 18 -2.69 -8.51 -2.46
CA GLU A 18 -3.57 -9.48 -1.84
C GLU A 18 -4.73 -8.80 -1.12
N ALA A 19 -4.39 -7.88 -0.22
CA ALA A 19 -5.39 -7.26 0.66
C ALA A 19 -6.02 -6.06 -0.01
N LEU A 20 -5.22 -5.28 -0.73
CA LEU A 20 -5.68 -4.05 -1.35
C LEU A 20 -6.13 -4.29 -2.79
N SER A 21 -7.08 -3.49 -3.25
CA SER A 21 -7.46 -3.50 -4.65
C SER A 21 -6.63 -2.51 -5.46
N SER A 22 -6.66 -2.65 -6.78
CA SER A 22 -6.01 -1.70 -7.67
C SER A 22 -6.69 -0.35 -7.64
N SER A 23 -7.96 -0.34 -7.24
CA SER A 23 -8.72 0.90 -7.11
C SER A 23 -8.32 1.67 -5.87
N GLU A 24 -8.05 0.96 -4.80
CA GLU A 24 -7.52 1.57 -3.57
C GLU A 24 -6.14 2.15 -3.83
N LEU A 25 -5.29 1.40 -4.53
CA LEU A 25 -3.96 1.86 -4.87
C LEU A 25 -4.01 3.09 -5.75
N THR A 26 -4.94 3.10 -6.69
CA THR A 26 -5.15 4.26 -7.57
C THR A 26 -5.62 5.46 -6.77
N GLU A 27 -6.56 5.23 -5.86
CA GLU A 27 -7.12 6.31 -5.06
C GLU A 27 -6.09 6.86 -4.08
N LEU A 28 -5.21 5.98 -3.60
CA LEU A 28 -4.09 6.39 -2.76
C LEU A 28 -3.18 7.37 -3.48
N LYS A 29 -2.91 7.08 -4.74
CA LYS A 29 -2.22 8.03 -5.61
C LYS A 29 -2.97 9.34 -5.71
N TYR A 30 -4.30 9.26 -5.87
CA TYR A 30 -5.12 10.44 -6.03
C TYR A 30 -5.16 11.25 -4.73
N LEU A 31 -5.08 10.56 -3.60
CA LEU A 31 -4.98 11.22 -2.30
C LEU A 31 -3.70 12.04 -2.20
N CYS A 32 -2.61 11.51 -2.75
CA CYS A 32 -1.34 12.22 -2.77
C CYS A 32 -1.30 13.25 -3.89
N LEU A 33 -2.12 13.05 -4.91
CA LEU A 33 -2.15 13.93 -6.06
C LEU A 33 -3.13 15.07 -5.87
N GLY A 34 -4.42 14.76 -5.96
CA GLY A 34 -5.46 15.77 -5.93
C GLY A 34 -6.25 15.73 -4.63
N ARG A 35 -5.83 14.84 -3.72
CA ARG A 35 -6.52 14.67 -2.45
C ARG A 35 -7.96 14.22 -2.65
N VAL A 36 -8.14 13.23 -3.52
CA VAL A 36 -9.47 12.72 -3.83
C VAL A 36 -9.87 11.58 -2.90
N GLY A 37 -11.08 11.67 -2.34
CA GLY A 37 -11.56 10.67 -1.39
C GLY A 37 -11.44 9.27 -1.97
N LYS A 38 -10.95 8.34 -1.16
CA LYS A 38 -10.69 6.98 -1.62
C LYS A 38 -11.96 6.15 -1.63
N ARG A 39 -11.94 5.06 -2.39
CA ARG A 39 -13.10 4.18 -2.49
C ARG A 39 -12.70 2.72 -2.29
N LYS A 40 -13.56 1.97 -1.62
CA LYS A 40 -13.30 0.55 -1.37
C LYS A 40 -14.46 -0.32 -1.87
N LEU A 41 -14.96 0.01 -3.06
CA LEU A 41 -16.15 -0.64 -3.59
C LEU A 41 -15.77 -1.80 -4.49
N GLU A 42 -14.50 -1.86 -4.89
CA GLU A 42 -14.02 -2.87 -5.81
C GLU A 42 -13.39 -4.05 -5.08
N ARG A 43 -13.26 -5.17 -5.77
CA ARG A 43 -12.61 -6.35 -5.20
C ARG A 43 -11.09 -6.22 -5.24
N VAL A 44 -10.40 -7.10 -4.53
CA VAL A 44 -8.96 -7.02 -4.39
C VAL A 44 -8.27 -7.27 -5.73
N GLN A 45 -7.02 -6.82 -5.83
CA GLN A 45 -6.26 -6.95 -7.07
C GLN A 45 -5.96 -8.42 -7.39
N SER A 46 -6.01 -8.76 -8.67
CA SER A 46 -5.75 -10.13 -9.10
C SER A 46 -4.48 -10.20 -9.93
N GLY A 47 -3.46 -9.45 -9.54
CA GLY A 47 -2.17 -9.49 -10.20
C GLY A 47 -2.24 -8.84 -11.58
N VAL A 48 -2.86 -7.65 -11.63
CA VAL A 48 -3.07 -6.96 -12.90
C VAL A 48 -2.25 -5.68 -12.97
N ARG A 49 -1.68 -5.29 -11.84
CA ARG A 49 -0.86 -4.08 -11.76
C ARG A 49 0.61 -4.42 -11.62
N ASP A 50 1.28 -4.62 -12.75
CA ASP A 50 2.70 -4.96 -12.76
C ASP A 50 3.56 -3.77 -12.33
N LEU A 51 2.95 -2.59 -12.30
CA LEU A 51 3.64 -1.38 -11.89
C LEU A 51 4.16 -1.50 -10.46
N LEU A 52 3.47 -2.31 -9.66
CA LEU A 52 3.88 -2.53 -8.27
C LEU A 52 5.25 -3.17 -8.19
N ASP A 53 5.48 -4.17 -9.05
CA ASP A 53 6.78 -4.85 -9.10
C ASP A 53 7.85 -3.98 -9.72
N ILE A 54 7.47 -3.21 -10.74
CA ILE A 54 8.40 -2.29 -11.40
C ILE A 54 8.92 -1.24 -10.43
N LEU A 55 8.00 -0.62 -9.68
CA LEU A 55 8.36 0.44 -8.75
C LEU A 55 8.99 -0.12 -7.48
N ARG A 56 8.66 -1.37 -7.18
CA ARG A 56 9.30 -2.09 -6.08
C ARG A 56 10.79 -2.20 -6.30
N GLU A 57 11.19 -2.56 -7.52
CA GLU A 57 12.60 -2.64 -7.88
C GLU A 57 13.19 -1.25 -8.11
N ARG A 58 12.41 -0.37 -8.71
CA ARG A 58 12.86 0.98 -9.02
C ARG A 58 13.24 1.74 -7.75
N GLY A 59 12.44 1.58 -6.70
CA GLY A 59 12.69 2.23 -5.44
C GLY A 59 11.67 3.33 -5.16
N LYS A 60 10.54 3.27 -5.87
CA LYS A 60 9.47 4.24 -5.69
C LYS A 60 8.40 3.70 -4.75
N LEU A 61 8.44 2.39 -4.49
CA LEU A 61 7.62 1.78 -3.46
C LEU A 61 8.48 1.15 -2.37
N SER A 62 9.14 1.99 -1.59
CA SER A 62 9.94 1.53 -0.46
C SER A 62 9.06 1.16 0.74
N VAL A 63 9.68 0.63 1.78
CA VAL A 63 8.97 0.29 3.00
C VAL A 63 8.28 1.50 3.61
N GLY A 64 8.99 2.62 3.64
CA GLY A 64 8.43 3.86 4.15
C GLY A 64 7.28 4.35 3.28
N ASP A 65 7.45 4.23 1.96
CA ASP A 65 6.41 4.60 1.02
C ASP A 65 5.15 3.77 1.23
N LEU A 66 5.33 2.46 1.38
CA LEU A 66 4.22 1.56 1.62
C LEU A 66 3.54 1.84 2.95
N ALA A 67 4.35 2.14 3.96
CA ALA A 67 3.81 2.48 5.28
C ALA A 67 2.82 3.63 5.20
N GLU A 68 3.16 4.65 4.42
CA GLU A 68 2.25 5.75 4.16
C GLU A 68 0.98 5.29 3.47
N LEU A 69 1.16 4.48 2.42
CA LEU A 69 0.03 3.98 1.64
C LEU A 69 -0.93 3.18 2.52
N LEU A 70 -0.37 2.34 3.38
CA LEU A 70 -1.17 1.52 4.28
C LEU A 70 -1.82 2.36 5.37
N TYR A 71 -1.11 3.40 5.80
CA TYR A 71 -1.65 4.34 6.78
C TYR A 71 -2.87 5.06 6.25
N ARG A 72 -2.76 5.56 5.02
CA ARG A 72 -3.83 6.35 4.41
C ARG A 72 -5.07 5.50 4.16
N VAL A 73 -4.85 4.31 3.61
CA VAL A 73 -5.95 3.41 3.27
C VAL A 73 -6.52 2.76 4.52
N ARG A 74 -5.74 2.73 5.59
CA ARG A 74 -6.17 2.15 6.85
C ARG A 74 -6.42 0.65 6.70
N ARG A 75 -5.43 -0.06 6.19
CA ARG A 75 -5.54 -1.51 5.98
C ARG A 75 -4.78 -2.28 7.06
N PHE A 76 -5.47 -2.57 8.15
CA PHE A 76 -4.83 -3.18 9.31
C PHE A 76 -4.41 -4.62 9.02
N ASP A 77 -4.97 -5.19 7.95
CA ASP A 77 -4.60 -6.52 7.52
C ASP A 77 -3.14 -6.58 7.09
N LEU A 78 -2.60 -5.42 6.69
CA LEU A 78 -1.21 -5.34 6.25
C LEU A 78 -0.36 -4.57 7.25
N LEU A 79 -0.97 -3.62 7.93
CA LEU A 79 -0.28 -2.83 8.94
C LEU A 79 0.28 -3.72 10.05
N LYS A 80 -0.49 -4.73 10.43
CA LYS A 80 -0.08 -5.66 11.48
C LYS A 80 0.46 -6.95 10.87
N ARG A 81 0.71 -6.92 9.57
CA ARG A 81 1.25 -8.09 8.87
C ARG A 81 2.60 -7.77 8.23
N ILE A 82 2.58 -6.85 7.27
CA ILE A 82 3.82 -6.39 6.64
C ILE A 82 4.67 -5.60 7.63
N LEU A 83 4.05 -4.65 8.32
CA LEU A 83 4.77 -3.79 9.26
C LEU A 83 4.73 -4.34 10.67
N LYS A 84 3.75 -5.21 10.94
CA LYS A 84 3.67 -5.90 12.22
C LYS A 84 3.60 -4.92 13.37
N MET A 85 2.74 -3.91 13.23
CA MET A 85 2.56 -2.91 14.28
C MET A 85 1.23 -2.18 14.12
N ASP A 86 0.81 -1.48 15.18
CA ASP A 86 -0.42 -0.71 15.14
C ASP A 86 -0.28 0.48 14.18
N ARG A 87 -1.42 0.92 13.64
CA ARG A 87 -1.43 2.06 12.73
C ARG A 87 -0.83 3.30 13.39
N LYS A 88 -1.08 3.45 14.69
CA LYS A 88 -0.53 4.56 15.44
C LYS A 88 0.98 4.46 15.56
N ALA A 89 1.47 3.23 15.72
CA ALA A 89 2.91 2.97 15.72
C ALA A 89 3.54 3.33 14.38
N VAL A 90 2.83 3.02 13.30
CA VAL A 90 3.27 3.41 11.97
C VAL A 90 3.38 4.93 11.84
N GLU A 91 2.36 5.63 12.32
CA GLU A 91 2.38 7.09 12.35
C GLU A 91 3.64 7.60 13.05
N THR A 92 3.94 7.02 14.21
CA THR A 92 5.15 7.39 14.96
C THR A 92 6.39 7.19 14.11
N HIS A 93 6.43 6.11 13.35
CA HIS A 93 7.59 5.78 12.54
C HIS A 93 7.36 6.16 11.08
N LEU A 94 6.54 7.16 10.86
CA LEU A 94 6.24 7.63 9.51
C LEU A 94 6.33 9.14 9.41
N HIS A 7 14.99 -2.06 2.64
CA HIS A 7 13.53 -2.09 2.65
C HIS A 7 13.01 -3.53 2.61
N MET A 8 11.70 -3.67 2.52
CA MET A 8 11.07 -4.99 2.55
C MET A 8 11.12 -5.66 1.19
N SER A 9 11.08 -6.99 1.18
CA SER A 9 11.10 -7.75 -0.07
C SER A 9 9.76 -7.66 -0.79
N ALA A 10 9.73 -8.17 -2.02
CA ALA A 10 8.56 -8.02 -2.87
C ALA A 10 7.34 -8.70 -2.27
N GLU A 11 7.58 -9.57 -1.30
CA GLU A 11 6.49 -10.26 -0.59
C GLU A 11 5.40 -9.29 -0.18
N VAL A 12 5.81 -8.12 0.32
CA VAL A 12 4.87 -7.17 0.89
C VAL A 12 4.09 -6.45 -0.21
N ILE A 13 4.69 -6.36 -1.39
CA ILE A 13 3.97 -5.90 -2.57
C ILE A 13 2.84 -6.84 -2.93
N HIS A 14 3.07 -8.15 -2.77
CA HIS A 14 2.05 -9.15 -3.04
C HIS A 14 1.00 -9.17 -1.93
N GLN A 15 1.43 -8.87 -0.71
CA GLN A 15 0.51 -8.75 0.41
C GLN A 15 -0.48 -7.60 0.20
N VAL A 16 0.03 -6.48 -0.32
CA VAL A 16 -0.82 -5.37 -0.73
C VAL A 16 -1.70 -5.75 -1.91
N GLU A 17 -1.10 -6.42 -2.89
CA GLU A 17 -1.81 -6.75 -4.13
C GLU A 17 -3.01 -7.64 -3.85
N GLU A 18 -2.84 -8.59 -2.93
CA GLU A 18 -3.87 -9.58 -2.65
C GLU A 18 -4.78 -9.12 -1.52
N ALA A 19 -4.62 -7.87 -1.10
CA ALA A 19 -5.44 -7.29 -0.04
C ALA A 19 -6.34 -6.19 -0.58
N LEU A 20 -5.79 -5.36 -1.45
CA LEU A 20 -6.51 -4.22 -2.00
C LEU A 20 -6.91 -4.47 -3.44
N SER A 21 -7.90 -3.70 -3.92
CA SER A 21 -8.30 -3.75 -5.32
C SER A 21 -7.43 -2.83 -6.16
N SER A 22 -7.47 -3.01 -7.47
CA SER A 22 -6.75 -2.14 -8.40
C SER A 22 -7.33 -0.73 -8.39
N SER A 23 -8.61 -0.62 -8.05
CA SER A 23 -9.26 0.68 -7.95
C SER A 23 -8.83 1.41 -6.70
N GLU A 24 -8.65 0.68 -5.61
CA GLU A 24 -8.09 1.23 -4.38
C GLU A 24 -6.64 1.65 -4.59
N LEU A 25 -5.87 0.80 -5.25
CA LEU A 25 -4.45 1.08 -5.50
C LEU A 25 -4.29 2.28 -6.42
N THR A 26 -5.20 2.43 -7.37
CA THR A 26 -5.22 3.58 -8.25
C THR A 26 -5.40 4.88 -7.47
N GLU A 27 -6.36 4.86 -6.53
CA GLU A 27 -6.62 6.03 -5.70
C GLU A 27 -5.49 6.30 -4.73
N LEU A 28 -4.86 5.23 -4.25
CA LEU A 28 -3.71 5.35 -3.36
C LEU A 28 -2.51 5.92 -4.10
N LYS A 29 -2.38 5.59 -5.37
CA LYS A 29 -1.39 6.21 -6.24
C LYS A 29 -1.57 7.73 -6.27
N TYR A 30 -2.82 8.17 -6.43
CA TYR A 30 -3.13 9.59 -6.44
C TYR A 30 -3.00 10.19 -5.04
N LEU A 31 -3.17 9.35 -4.03
CA LEU A 31 -2.99 9.77 -2.64
C LEU A 31 -1.54 10.10 -2.35
N CYS A 32 -0.64 9.29 -2.87
CA CYS A 32 0.79 9.51 -2.70
C CYS A 32 1.31 10.51 -3.72
N LEU A 33 0.55 10.71 -4.79
CA LEU A 33 0.95 11.63 -5.84
C LEU A 33 0.43 13.03 -5.57
N GLY A 34 -0.88 13.22 -5.70
CA GLY A 34 -1.49 14.54 -5.62
C GLY A 34 -2.21 14.72 -4.29
N ARG A 35 -2.04 13.78 -3.38
CA ARG A 35 -2.69 13.83 -2.08
C ARG A 35 -4.20 13.79 -2.22
N VAL A 36 -4.69 12.90 -3.08
CA VAL A 36 -6.13 12.73 -3.27
C VAL A 36 -6.71 11.73 -2.28
N GLY A 37 -7.43 12.24 -1.29
CA GLY A 37 -7.96 11.41 -0.21
C GLY A 37 -9.25 10.72 -0.64
N LYS A 38 -9.14 9.81 -1.60
CA LYS A 38 -10.30 9.06 -2.08
C LYS A 38 -10.04 7.56 -2.02
N ARG A 39 -11.11 6.77 -2.08
CA ARG A 39 -11.00 5.32 -2.05
C ARG A 39 -12.15 4.66 -2.80
N LYS A 40 -11.83 3.63 -3.57
CA LYS A 40 -12.83 2.91 -4.34
C LYS A 40 -12.83 1.42 -4.00
N LEU A 41 -13.53 1.06 -2.93
CA LEU A 41 -13.57 -0.32 -2.46
C LEU A 41 -14.18 -1.24 -3.53
N GLU A 42 -13.39 -2.19 -4.00
CA GLU A 42 -13.85 -3.13 -5.01
C GLU A 42 -13.27 -4.52 -4.78
N ARG A 43 -13.50 -5.42 -5.74
CA ARG A 43 -12.94 -6.76 -5.67
C ARG A 43 -11.42 -6.74 -5.67
N VAL A 44 -10.82 -7.47 -4.73
CA VAL A 44 -9.37 -7.47 -4.56
C VAL A 44 -8.69 -8.19 -5.72
N GLN A 45 -7.41 -7.88 -5.94
CA GLN A 45 -6.66 -8.44 -7.06
C GLN A 45 -5.91 -9.69 -6.63
N SER A 46 -5.38 -10.42 -7.61
CA SER A 46 -4.67 -11.67 -7.33
C SER A 46 -3.34 -11.69 -8.08
N GLY A 47 -2.79 -10.52 -8.36
CA GLY A 47 -1.54 -10.41 -9.11
C GLY A 47 -1.76 -9.71 -10.44
N VAL A 48 -2.24 -8.47 -10.39
CA VAL A 48 -2.50 -7.69 -11.59
C VAL A 48 -1.64 -6.43 -11.62
N ARG A 49 -1.70 -5.65 -10.56
CA ARG A 49 -0.98 -4.38 -10.49
C ARG A 49 0.48 -4.59 -10.15
N ASP A 50 1.26 -5.04 -11.13
CA ASP A 50 2.68 -5.28 -10.92
C ASP A 50 3.45 -3.97 -10.75
N LEU A 51 2.76 -2.86 -11.00
CA LEU A 51 3.36 -1.54 -10.85
C LEU A 51 3.82 -1.29 -9.42
N LEU A 52 3.24 -2.05 -8.48
CA LEU A 52 3.62 -1.95 -7.08
C LEU A 52 5.09 -2.29 -6.88
N ASP A 53 5.61 -3.17 -7.75
CA ASP A 53 7.01 -3.57 -7.68
C ASP A 53 7.86 -2.77 -8.66
N ILE A 54 7.28 -2.45 -9.81
CA ILE A 54 7.97 -1.69 -10.84
C ILE A 54 8.28 -0.28 -10.35
N LEU A 55 7.28 0.40 -9.82
CA LEU A 55 7.42 1.77 -9.35
C LEU A 55 8.16 1.82 -8.02
N ARG A 56 8.24 0.68 -7.35
CA ARG A 56 9.08 0.54 -6.16
C ARG A 56 10.55 0.77 -6.51
N GLU A 57 11.00 0.16 -7.59
CA GLU A 57 12.36 0.35 -8.09
C GLU A 57 12.55 1.78 -8.61
N ARG A 58 11.51 2.31 -9.24
CA ARG A 58 11.55 3.65 -9.81
C ARG A 58 11.58 4.70 -8.70
N GLY A 59 10.91 4.40 -7.59
CA GLY A 59 10.89 5.29 -6.44
C GLY A 59 9.59 6.09 -6.39
N LYS A 60 8.56 5.57 -7.05
CA LYS A 60 7.24 6.20 -7.02
C LYS A 60 6.31 5.48 -6.06
N LEU A 61 6.42 4.16 -6.01
CA LEU A 61 5.69 3.37 -5.04
C LEU A 61 6.61 2.44 -4.26
N SER A 62 7.50 3.03 -3.45
CA SER A 62 8.44 2.26 -2.66
C SER A 62 7.77 1.66 -1.45
N VAL A 63 8.51 0.81 -0.72
CA VAL A 63 8.01 0.20 0.50
C VAL A 63 7.61 1.27 1.53
N GLY A 64 8.44 2.28 1.66
CA GLY A 64 8.14 3.41 2.54
C GLY A 64 6.89 4.14 2.10
N ASP A 65 6.76 4.34 0.79
CA ASP A 65 5.57 4.97 0.22
C ASP A 65 4.32 4.17 0.52
N LEU A 66 4.41 2.85 0.35
CA LEU A 66 3.29 1.97 0.62
C LEU A 66 2.92 1.97 2.10
N ALA A 67 3.95 2.01 2.95
CA ALA A 67 3.74 2.05 4.38
C ALA A 67 2.87 3.24 4.79
N GLU A 68 3.17 4.40 4.22
CA GLU A 68 2.34 5.58 4.42
C GLU A 68 0.92 5.35 3.94
N LEU A 69 0.79 4.78 2.74
CA LEU A 69 -0.52 4.53 2.15
C LEU A 69 -1.33 3.55 2.99
N LEU A 70 -0.65 2.55 3.54
CA LEU A 70 -1.28 1.58 4.42
C LEU A 70 -1.83 2.24 5.67
N TYR A 71 -1.07 3.19 6.22
CA TYR A 71 -1.53 3.99 7.35
C TYR A 71 -2.78 4.78 6.99
N ARG A 72 -2.72 5.49 5.87
CA ARG A 72 -3.78 6.41 5.48
C ARG A 72 -5.06 5.67 5.16
N VAL A 73 -4.94 4.54 4.49
CA VAL A 73 -6.08 3.68 4.19
C VAL A 73 -6.52 2.90 5.43
N ARG A 74 -5.58 2.70 6.35
CA ARG A 74 -5.91 2.12 7.65
C ARG A 74 -6.30 0.66 7.52
N ARG A 75 -5.53 -0.08 6.74
CA ARG A 75 -5.77 -1.51 6.56
C ARG A 75 -4.93 -2.34 7.54
N PHE A 76 -5.56 -2.73 8.65
CA PHE A 76 -4.83 -3.34 9.75
C PHE A 76 -4.34 -4.74 9.39
N ASP A 77 -4.96 -5.33 8.38
CA ASP A 77 -4.54 -6.62 7.88
C ASP A 77 -3.10 -6.58 7.38
N LEU A 78 -2.67 -5.40 6.92
CA LEU A 78 -1.33 -5.24 6.38
C LEU A 78 -0.45 -4.46 7.34
N LEU A 79 -1.05 -3.56 8.10
CA LEU A 79 -0.32 -2.77 9.08
C LEU A 79 0.33 -3.68 10.13
N LYS A 80 -0.40 -4.70 10.56
CA LYS A 80 0.10 -5.64 11.56
C LYS A 80 0.72 -6.87 10.91
N ARG A 81 0.91 -6.80 9.59
CA ARG A 81 1.50 -7.90 8.84
C ARG A 81 2.80 -7.46 8.17
N ILE A 82 2.68 -6.53 7.21
CA ILE A 82 3.85 -5.96 6.55
C ILE A 82 4.70 -5.15 7.51
N LEU A 83 4.05 -4.26 8.25
CA LEU A 83 4.75 -3.38 9.18
C LEU A 83 4.80 -3.98 10.58
N LYS A 84 3.96 -4.98 10.82
CA LYS A 84 4.02 -5.75 12.06
C LYS A 84 3.87 -4.84 13.28
N MET A 85 2.93 -3.91 13.21
CA MET A 85 2.64 -3.02 14.32
C MET A 85 1.29 -2.32 14.14
N ASP A 86 0.76 -1.77 15.23
CA ASP A 86 -0.52 -1.09 15.20
C ASP A 86 -0.43 0.21 14.41
N ARG A 87 -1.57 0.69 13.92
CA ARG A 87 -1.62 1.90 13.11
C ARG A 87 -0.97 3.07 13.83
N LYS A 88 -1.24 3.19 15.13
CA LYS A 88 -0.68 4.25 15.94
C LYS A 88 0.84 4.14 16.01
N ALA A 89 1.33 2.91 16.10
CA ALA A 89 2.77 2.65 16.10
C ALA A 89 3.40 3.05 14.76
N VAL A 90 2.68 2.78 13.68
CA VAL A 90 3.13 3.19 12.35
C VAL A 90 3.30 4.70 12.26
N GLU A 91 2.31 5.43 12.76
CA GLU A 91 2.40 6.89 12.83
C GLU A 91 3.68 7.34 13.50
N THR A 92 3.99 6.73 14.66
CA THR A 92 5.22 7.03 15.38
C THR A 92 6.44 6.81 14.49
N HIS A 93 6.41 5.74 13.70
CA HIS A 93 7.53 5.41 12.84
C HIS A 93 7.27 5.81 11.39
N LEU A 94 6.46 6.86 11.22
CA LEU A 94 6.14 7.36 9.89
C LEU A 94 6.29 8.88 9.82
N HIS A 7 14.85 -2.47 1.59
CA HIS A 7 14.96 -3.41 2.69
C HIS A 7 14.11 -4.66 2.45
N MET A 8 12.79 -4.46 2.39
CA MET A 8 11.86 -5.56 2.14
C MET A 8 11.71 -5.82 0.65
N SER A 9 11.32 -7.04 0.30
CA SER A 9 11.21 -7.44 -1.10
C SER A 9 9.86 -7.05 -1.68
N ALA A 10 9.63 -7.42 -2.93
CA ALA A 10 8.38 -7.10 -3.61
C ALA A 10 7.20 -7.78 -2.94
N GLU A 11 7.49 -8.74 -2.08
CA GLU A 11 6.45 -9.40 -1.28
C GLU A 11 5.50 -8.37 -0.68
N VAL A 12 6.04 -7.23 -0.27
CA VAL A 12 5.24 -6.20 0.40
C VAL A 12 4.10 -5.72 -0.49
N ILE A 13 4.44 -5.21 -1.67
CA ILE A 13 3.46 -4.65 -2.58
C ILE A 13 2.51 -5.73 -3.09
N HIS A 14 3.00 -6.96 -3.15
CA HIS A 14 2.18 -8.10 -3.56
C HIS A 14 1.11 -8.39 -2.53
N GLN A 15 1.47 -8.27 -1.26
CA GLN A 15 0.49 -8.40 -0.17
C GLN A 15 -0.53 -7.27 -0.21
N VAL A 16 -0.06 -6.08 -0.56
CA VAL A 16 -0.95 -4.94 -0.76
C VAL A 16 -1.98 -5.23 -1.85
N GLU A 17 -1.52 -5.85 -2.93
CA GLU A 17 -2.41 -6.22 -4.03
C GLU A 17 -3.48 -7.21 -3.58
N GLU A 18 -3.09 -8.10 -2.68
CA GLU A 18 -4.02 -9.11 -2.16
C GLU A 18 -5.08 -8.47 -1.28
N ALA A 19 -4.72 -7.40 -0.59
CA ALA A 19 -5.61 -6.75 0.36
C ALA A 19 -6.49 -5.72 -0.33
N LEU A 20 -5.96 -5.10 -1.37
CA LEU A 20 -6.66 -4.01 -2.04
C LEU A 20 -7.08 -4.40 -3.46
N SER A 21 -8.16 -3.80 -3.93
CA SER A 21 -8.61 -4.03 -5.30
C SER A 21 -7.77 -3.24 -6.30
N SER A 22 -7.85 -3.63 -7.57
CA SER A 22 -7.13 -2.93 -8.63
C SER A 22 -7.51 -1.46 -8.67
N SER A 23 -8.81 -1.18 -8.54
CA SER A 23 -9.30 0.19 -8.46
C SER A 23 -8.70 0.93 -7.29
N GLU A 24 -8.65 0.27 -6.14
CA GLU A 24 -8.08 0.87 -4.93
C GLU A 24 -6.57 1.05 -5.06
N LEU A 25 -5.92 0.12 -5.75
CA LEU A 25 -4.49 0.20 -5.97
C LEU A 25 -4.13 1.41 -6.83
N THR A 26 -4.99 1.72 -7.80
CA THR A 26 -4.87 2.95 -8.57
C THR A 26 -5.05 4.17 -7.68
N GLU A 27 -6.04 4.13 -6.81
CA GLU A 27 -6.27 5.20 -5.85
C GLU A 27 -5.12 5.31 -4.86
N LEU A 28 -4.50 4.18 -4.54
CA LEU A 28 -3.32 4.17 -3.68
C LEU A 28 -2.18 4.96 -4.31
N LYS A 29 -1.92 4.71 -5.58
CA LYS A 29 -0.96 5.49 -6.34
C LYS A 29 -1.31 6.98 -6.31
N TYR A 30 -2.59 7.28 -6.49
CA TYR A 30 -3.04 8.66 -6.51
C TYR A 30 -2.90 9.31 -5.14
N LEU A 31 -3.08 8.51 -4.09
CA LEU A 31 -2.83 8.96 -2.73
C LEU A 31 -1.38 9.37 -2.54
N CYS A 32 -0.46 8.57 -3.08
CA CYS A 32 0.96 8.90 -3.04
C CYS A 32 1.26 10.16 -3.84
N LEU A 33 0.61 10.29 -4.99
CA LEU A 33 0.92 11.38 -5.91
C LEU A 33 0.12 12.63 -5.59
N GLY A 34 -1.19 12.57 -5.84
CA GLY A 34 -2.03 13.76 -5.77
C GLY A 34 -2.81 13.80 -4.46
N ARG A 35 -2.53 12.83 -3.59
CA ARG A 35 -3.15 12.80 -2.26
C ARG A 35 -4.65 12.56 -2.37
N VAL A 36 -5.04 11.65 -3.26
CA VAL A 36 -6.44 11.28 -3.40
C VAL A 36 -6.85 10.22 -2.40
N GLY A 37 -8.01 10.40 -1.78
CA GLY A 37 -8.46 9.51 -0.72
C GLY A 37 -8.78 8.12 -1.25
N LYS A 38 -9.01 7.18 -0.34
CA LYS A 38 -9.22 5.78 -0.72
C LYS A 38 -10.64 5.57 -1.22
N ARG A 39 -10.84 4.49 -1.97
CA ARG A 39 -12.15 4.19 -2.55
C ARG A 39 -12.71 2.90 -1.99
N LYS A 40 -14.04 2.81 -1.97
CA LYS A 40 -14.72 1.61 -1.48
C LYS A 40 -14.08 0.35 -2.03
N LEU A 41 -13.70 -0.56 -1.13
CA LEU A 41 -12.93 -1.74 -1.50
C LEU A 41 -13.73 -2.65 -2.42
N GLU A 42 -13.18 -2.90 -3.61
CA GLU A 42 -13.78 -3.86 -4.53
C GLU A 42 -13.10 -5.22 -4.44
N ARG A 43 -13.50 -6.13 -5.32
CA ARG A 43 -12.86 -7.44 -5.40
C ARG A 43 -11.34 -7.31 -5.43
N VAL A 44 -10.69 -7.89 -4.42
CA VAL A 44 -9.25 -7.81 -4.30
C VAL A 44 -8.55 -8.64 -5.38
N GLN A 45 -7.27 -8.38 -5.58
CA GLN A 45 -6.53 -8.98 -6.69
C GLN A 45 -5.61 -10.09 -6.21
N SER A 46 -5.10 -10.88 -7.15
CA SER A 46 -4.15 -11.94 -6.83
C SER A 46 -2.71 -11.49 -7.05
N GLY A 47 -2.56 -10.30 -7.63
CA GLY A 47 -1.23 -9.77 -7.93
C GLY A 47 -1.06 -9.53 -9.43
N VAL A 48 -1.84 -8.58 -9.96
CA VAL A 48 -1.88 -8.34 -11.39
C VAL A 48 -1.26 -7.00 -11.75
N ARG A 49 -1.06 -6.16 -10.74
CA ARG A 49 -0.61 -4.79 -10.96
C ARG A 49 0.90 -4.69 -10.85
N ASP A 50 1.60 -5.25 -11.83
CA ASP A 50 3.06 -5.29 -11.81
C ASP A 50 3.65 -3.88 -11.93
N LEU A 51 2.83 -2.94 -12.38
CA LEU A 51 3.24 -1.54 -12.48
C LEU A 51 3.64 -1.01 -11.11
N LEU A 52 3.01 -1.52 -10.06
CA LEU A 52 3.29 -1.08 -8.70
C LEU A 52 4.68 -1.51 -8.27
N ASP A 53 5.09 -2.70 -8.68
CA ASP A 53 6.44 -3.20 -8.41
C ASP A 53 7.48 -2.39 -9.16
N ILE A 54 7.14 -1.97 -10.38
CA ILE A 54 8.01 -1.09 -11.16
C ILE A 54 8.20 0.24 -10.45
N LEU A 55 7.12 0.79 -9.91
CA LEU A 55 7.18 2.05 -9.16
C LEU A 55 8.08 1.92 -7.95
N ARG A 56 8.03 0.74 -7.30
CA ARG A 56 8.92 0.45 -6.18
C ARG A 56 10.38 0.55 -6.59
N GLU A 57 10.71 -0.05 -7.73
CA GLU A 57 12.07 -0.01 -8.24
C GLU A 57 12.46 1.40 -8.65
N ARG A 58 11.50 2.15 -9.19
CA ARG A 58 11.72 3.53 -9.59
C ARG A 58 11.94 4.42 -8.37
N GLY A 59 11.30 4.07 -7.26
CA GLY A 59 11.36 4.88 -6.05
C GLY A 59 10.13 5.76 -5.93
N LYS A 60 9.11 5.47 -6.73
CA LYS A 60 7.85 6.22 -6.69
C LYS A 60 6.86 5.57 -5.73
N LEU A 61 7.05 4.29 -5.47
CA LEU A 61 6.21 3.56 -4.52
C LEU A 61 7.02 2.51 -3.77
N SER A 62 7.92 2.96 -2.91
CA SER A 62 8.78 2.04 -2.16
C SER A 62 8.04 1.46 -0.96
N VAL A 63 8.69 0.52 -0.29
CA VAL A 63 8.10 -0.10 0.90
C VAL A 63 7.87 0.92 2.01
N GLY A 64 8.83 1.82 2.18
CA GLY A 64 8.69 2.91 3.13
C GLY A 64 7.52 3.82 2.76
N ASP A 65 7.38 4.10 1.48
CA ASP A 65 6.26 4.88 0.97
C ASP A 65 4.93 4.18 1.28
N LEU A 66 4.89 2.88 1.06
CA LEU A 66 3.69 2.09 1.33
C LEU A 66 3.31 2.15 2.80
N ALA A 67 4.31 2.05 3.67
CA ALA A 67 4.07 2.11 5.11
C ALA A 67 3.33 3.38 5.50
N GLU A 68 3.77 4.51 4.96
CA GLU A 68 3.06 5.77 5.15
C GLU A 68 1.63 5.69 4.63
N LEU A 69 1.48 5.17 3.41
CA LEU A 69 0.17 5.11 2.77
C LEU A 69 -0.79 4.22 3.55
N LEU A 70 -0.26 3.14 4.12
CA LEU A 70 -1.07 2.22 4.90
C LEU A 70 -1.65 2.91 6.14
N TYR A 71 -0.87 3.79 6.74
CA TYR A 71 -1.35 4.63 7.82
C TYR A 71 -2.46 5.57 7.34
N ARG A 72 -2.25 6.18 6.19
CA ARG A 72 -3.18 7.17 5.67
C ARG A 72 -4.55 6.56 5.41
N VAL A 73 -4.56 5.33 4.90
CA VAL A 73 -5.79 4.62 4.63
C VAL A 73 -6.23 3.80 5.83
N ARG A 74 -5.28 3.52 6.74
CA ARG A 74 -5.57 2.76 7.95
C ARG A 74 -6.10 1.37 7.61
N ARG A 75 -5.35 0.65 6.79
CA ARG A 75 -5.74 -0.70 6.38
C ARG A 75 -5.29 -1.74 7.41
N PHE A 76 -6.23 -2.21 8.20
CA PHE A 76 -5.91 -3.05 9.35
C PHE A 76 -5.08 -4.26 8.93
N ASP A 77 -5.54 -4.96 7.90
CA ASP A 77 -4.92 -6.21 7.49
C ASP A 77 -3.45 -6.02 7.16
N LEU A 78 -3.15 -5.00 6.37
CA LEU A 78 -1.80 -4.77 5.88
C LEU A 78 -0.91 -4.18 6.96
N LEU A 79 -1.51 -3.40 7.86
CA LEU A 79 -0.82 -2.87 9.02
C LEU A 79 -0.36 -3.99 9.94
N LYS A 80 -1.16 -5.04 10.03
CA LYS A 80 -0.85 -6.19 10.88
C LYS A 80 -0.07 -7.24 10.11
N ARG A 81 -0.19 -7.22 8.79
CA ARG A 81 0.47 -8.20 7.93
C ARG A 81 1.86 -7.75 7.54
N ILE A 82 1.96 -6.62 6.84
CA ILE A 82 3.22 -6.11 6.37
C ILE A 82 4.05 -5.52 7.51
N LEU A 83 3.44 -4.60 8.26
CA LEU A 83 4.16 -3.84 9.27
C LEU A 83 4.06 -4.53 10.63
N LYS A 84 2.98 -5.26 10.85
CA LYS A 84 2.80 -6.05 12.06
C LYS A 84 2.83 -5.15 13.30
N MET A 85 2.00 -4.11 13.28
CA MET A 85 1.94 -3.17 14.40
C MET A 85 0.69 -2.29 14.30
N ASP A 86 0.36 -1.62 15.40
CA ASP A 86 -0.73 -0.65 15.41
C ASP A 86 -0.39 0.57 14.58
N ARG A 87 -1.41 1.24 14.06
CA ARG A 87 -1.21 2.44 13.26
C ARG A 87 -0.60 3.56 14.10
N LYS A 88 -0.79 3.48 15.40
CA LYS A 88 -0.14 4.41 16.33
C LYS A 88 1.37 4.19 16.37
N ALA A 89 1.77 2.93 16.34
CA ALA A 89 3.19 2.58 16.26
C ALA A 89 3.79 3.02 14.94
N VAL A 90 3.01 2.88 13.87
CA VAL A 90 3.43 3.36 12.55
C VAL A 90 3.68 4.86 12.55
N GLU A 91 2.74 5.60 13.11
CA GLU A 91 2.90 7.05 13.28
C GLU A 91 4.18 7.38 14.03
N THR A 92 4.42 6.67 15.12
CA THR A 92 5.63 6.86 15.91
C THR A 92 6.87 6.68 15.05
N HIS A 93 6.85 5.71 14.16
CA HIS A 93 7.98 5.42 13.29
C HIS A 93 7.76 5.99 11.89
N LEU A 94 6.99 7.06 11.81
CA LEU A 94 6.70 7.70 10.53
C LEU A 94 6.89 9.20 10.60
N HIS A 7 14.87 -5.19 2.42
CA HIS A 7 13.77 -5.26 3.38
C HIS A 7 12.47 -5.66 2.70
N MET A 8 11.92 -4.76 1.90
CA MET A 8 10.65 -5.00 1.21
C MET A 8 10.83 -6.04 0.11
N SER A 9 10.33 -7.26 0.35
CA SER A 9 10.34 -8.30 -0.66
C SER A 9 9.11 -8.23 -1.55
N ALA A 10 9.10 -9.01 -2.62
CA ALA A 10 7.97 -9.05 -3.54
C ALA A 10 6.70 -9.46 -2.83
N GLU A 11 6.85 -10.29 -1.80
CA GLU A 11 5.70 -10.79 -1.04
C GLU A 11 4.94 -9.65 -0.37
N VAL A 12 5.66 -8.58 -0.04
CA VAL A 12 5.07 -7.44 0.66
C VAL A 12 4.04 -6.74 -0.22
N ILE A 13 4.45 -6.39 -1.43
CA ILE A 13 3.56 -5.69 -2.36
C ILE A 13 2.46 -6.63 -2.88
N HIS A 14 2.75 -7.92 -2.87
CA HIS A 14 1.74 -8.92 -3.19
C HIS A 14 0.62 -8.92 -2.17
N GLN A 15 0.98 -8.79 -0.90
CA GLN A 15 -0.01 -8.67 0.17
C GLN A 15 -0.86 -7.42 0.01
N VAL A 16 -0.22 -6.32 -0.39
CA VAL A 16 -0.94 -5.09 -0.70
C VAL A 16 -1.98 -5.31 -1.80
N GLU A 17 -1.57 -6.01 -2.85
CA GLU A 17 -2.47 -6.30 -3.97
C GLU A 17 -3.64 -7.18 -3.51
N GLU A 18 -3.36 -8.07 -2.57
CA GLU A 18 -4.40 -8.93 -2.01
C GLU A 18 -5.44 -8.12 -1.24
N ALA A 19 -4.97 -7.22 -0.39
CA ALA A 19 -5.84 -6.48 0.51
C ALA A 19 -6.65 -5.43 -0.24
N LEU A 20 -5.98 -4.72 -1.13
CA LEU A 20 -6.61 -3.62 -1.86
C LEU A 20 -7.15 -4.09 -3.21
N SER A 21 -8.28 -3.55 -3.62
CA SER A 21 -8.84 -3.83 -4.94
C SER A 21 -8.02 -3.17 -6.03
N SER A 22 -8.19 -3.63 -7.27
CA SER A 22 -7.51 -3.05 -8.41
C SER A 22 -7.70 -1.54 -8.45
N SER A 23 -8.94 -1.10 -8.21
CA SER A 23 -9.26 0.33 -8.19
C SER A 23 -8.58 1.02 -7.02
N GLU A 24 -8.59 0.38 -5.86
CA GLU A 24 -7.95 0.94 -4.67
C GLU A 24 -6.44 1.02 -4.85
N LEU A 25 -5.88 0.10 -5.63
CA LEU A 25 -4.47 0.11 -5.94
C LEU A 25 -4.10 1.29 -6.84
N THR A 26 -4.99 1.61 -7.77
CA THR A 26 -4.88 2.83 -8.56
C THR A 26 -5.03 4.06 -7.68
N GLU A 27 -5.97 4.01 -6.75
CA GLU A 27 -6.17 5.11 -5.81
C GLU A 27 -5.00 5.24 -4.85
N LEU A 28 -4.35 4.11 -4.56
CA LEU A 28 -3.13 4.11 -3.76
C LEU A 28 -2.03 4.93 -4.42
N LYS A 29 -1.84 4.71 -5.73
CA LYS A 29 -0.97 5.55 -6.52
C LYS A 29 -1.34 7.03 -6.39
N TYR A 30 -2.64 7.31 -6.50
CA TYR A 30 -3.13 8.68 -6.41
C TYR A 30 -2.98 9.23 -5.00
N LEU A 31 -3.05 8.34 -4.01
CA LEU A 31 -2.82 8.72 -2.63
C LEU A 31 -1.39 9.22 -2.42
N CYS A 32 -0.45 8.55 -3.05
CA CYS A 32 0.96 8.97 -3.00
C CYS A 32 1.16 10.27 -3.76
N LEU A 33 0.57 10.36 -4.95
CA LEU A 33 0.84 11.47 -5.85
C LEU A 33 -0.02 12.68 -5.51
N GLY A 34 -1.34 12.51 -5.63
CA GLY A 34 -2.26 13.63 -5.53
C GLY A 34 -2.95 13.66 -4.17
N ARG A 35 -2.52 12.78 -3.27
CA ARG A 35 -3.08 12.71 -1.93
C ARG A 35 -4.57 12.39 -1.98
N VAL A 36 -4.96 11.51 -2.90
CA VAL A 36 -6.35 11.09 -3.02
C VAL A 36 -6.64 9.87 -2.16
N GLY A 37 -7.53 10.03 -1.19
CA GLY A 37 -7.84 8.95 -0.25
C GLY A 37 -9.26 8.44 -0.46
N LYS A 38 -9.57 8.05 -1.69
CA LYS A 38 -10.89 7.51 -2.01
C LYS A 38 -10.89 5.98 -1.96
N ARG A 39 -12.01 5.41 -1.53
CA ARG A 39 -12.14 3.97 -1.44
C ARG A 39 -13.03 3.42 -2.56
N LYS A 40 -12.65 2.27 -3.10
CA LYS A 40 -13.40 1.65 -4.18
C LYS A 40 -13.43 0.13 -4.05
N LEU A 41 -14.47 -0.38 -3.41
CA LEU A 41 -14.54 -1.80 -3.07
C LEU A 41 -14.81 -2.65 -4.31
N GLU A 42 -13.78 -2.81 -5.14
CA GLU A 42 -13.88 -3.67 -6.32
C GLU A 42 -13.18 -5.00 -6.09
N ARG A 43 -13.14 -5.82 -7.14
CA ARG A 43 -12.47 -7.12 -7.07
C ARG A 43 -10.97 -6.94 -6.94
N VAL A 44 -10.35 -7.72 -6.05
CA VAL A 44 -8.91 -7.69 -5.86
C VAL A 44 -8.20 -8.55 -6.90
N GLN A 45 -6.93 -8.25 -7.13
CA GLN A 45 -6.13 -8.99 -8.12
C GLN A 45 -5.20 -9.98 -7.43
N SER A 46 -4.78 -11.01 -8.18
CA SER A 46 -3.94 -12.06 -7.63
C SER A 46 -2.59 -12.11 -8.33
N GLY A 47 -2.04 -10.93 -8.61
CA GLY A 47 -0.74 -10.84 -9.27
C GLY A 47 -0.87 -10.27 -10.68
N VAL A 48 -1.61 -9.18 -10.80
CA VAL A 48 -1.88 -8.58 -12.10
C VAL A 48 -1.29 -7.17 -12.20
N ARG A 49 -1.44 -6.39 -11.14
CA ARG A 49 -1.05 -5.00 -11.15
C ARG A 49 0.45 -4.85 -10.93
N ASP A 50 1.23 -5.15 -11.97
CA ASP A 50 2.68 -5.08 -11.88
C ASP A 50 3.16 -3.64 -11.71
N LEU A 51 2.29 -2.69 -12.02
CA LEU A 51 2.58 -1.28 -11.79
C LEU A 51 3.06 -1.05 -10.37
N LEU A 52 2.55 -1.84 -9.43
CA LEU A 52 2.92 -1.70 -8.02
C LEU A 52 4.41 -1.89 -7.83
N ASP A 53 4.99 -2.83 -8.56
CA ASP A 53 6.42 -3.09 -8.49
C ASP A 53 7.22 -1.97 -9.14
N ILE A 54 6.67 -1.43 -10.23
CA ILE A 54 7.28 -0.27 -10.88
C ILE A 54 7.31 0.94 -9.95
N LEU A 55 6.19 1.19 -9.28
CA LEU A 55 6.09 2.31 -8.35
C LEU A 55 7.02 2.13 -7.17
N ARG A 56 7.20 0.88 -6.74
CA ARG A 56 8.17 0.56 -5.70
C ARG A 56 9.58 0.99 -6.10
N GLU A 57 9.96 0.66 -7.32
CA GLU A 57 11.28 1.01 -7.83
C GLU A 57 11.41 2.51 -8.02
N ARG A 58 10.32 3.15 -8.43
CA ARG A 58 10.31 4.60 -8.62
C ARG A 58 10.47 5.34 -7.31
N GLY A 59 9.98 4.73 -6.23
CA GLY A 59 10.08 5.33 -4.91
C GLY A 59 8.74 5.90 -4.46
N LYS A 60 7.67 5.36 -5.01
CA LYS A 60 6.31 5.76 -4.60
C LYS A 60 5.71 4.74 -3.64
N LEU A 61 6.10 3.48 -3.79
CA LEU A 61 5.69 2.44 -2.86
C LEU A 61 6.89 1.80 -2.18
N SER A 62 7.83 2.63 -1.76
CA SER A 62 9.03 2.15 -1.06
C SER A 62 8.70 1.73 0.35
N VAL A 63 9.71 1.24 1.07
CA VAL A 63 9.54 0.82 2.46
C VAL A 63 8.87 1.92 3.28
N GLY A 64 9.45 3.11 3.26
CA GLY A 64 8.97 4.21 4.07
C GLY A 64 7.68 4.79 3.49
N ASP A 65 7.61 4.87 2.17
CA ASP A 65 6.49 5.51 1.50
C ASP A 65 5.22 4.67 1.62
N LEU A 66 5.36 3.37 1.39
CA LEU A 66 4.24 2.44 1.54
C LEU A 66 3.70 2.47 2.97
N ALA A 67 4.61 2.41 3.93
CA ALA A 67 4.22 2.44 5.34
C ALA A 67 3.36 3.64 5.66
N GLU A 68 3.77 4.81 5.17
CA GLU A 68 2.99 6.03 5.33
C GLU A 68 1.61 5.90 4.69
N LEU A 69 1.58 5.37 3.47
CA LEU A 69 0.34 5.19 2.75
C LEU A 69 -0.61 4.25 3.48
N LEU A 70 -0.04 3.21 4.09
CA LEU A 70 -0.83 2.27 4.87
C LEU A 70 -1.44 2.94 6.09
N TYR A 71 -0.68 3.85 6.70
CA TYR A 71 -1.19 4.67 7.78
C TYR A 71 -2.35 5.53 7.32
N ARG A 72 -2.19 6.16 6.16
CA ARG A 72 -3.19 7.09 5.65
C ARG A 72 -4.53 6.41 5.47
N VAL A 73 -4.51 5.18 4.95
CA VAL A 73 -5.74 4.41 4.74
C VAL A 73 -6.11 3.63 5.99
N ARG A 74 -5.14 3.45 6.88
CA ARG A 74 -5.38 2.77 8.16
C ARG A 74 -5.85 1.34 7.94
N ARG A 75 -5.20 0.64 7.02
CA ARG A 75 -5.59 -0.73 6.68
C ARG A 75 -4.80 -1.74 7.49
N PHE A 76 -5.40 -2.23 8.57
CA PHE A 76 -4.70 -3.07 9.53
C PHE A 76 -4.43 -4.45 8.95
N ASP A 77 -5.12 -4.79 7.88
CA ASP A 77 -4.87 -6.02 7.16
C ASP A 77 -3.47 -6.06 6.58
N LEU A 78 -2.91 -4.88 6.34
CA LEU A 78 -1.56 -4.76 5.78
C LEU A 78 -0.58 -4.30 6.84
N LEU A 79 -1.06 -3.50 7.79
CA LEU A 79 -0.23 -3.02 8.88
C LEU A 79 0.25 -4.18 9.75
N LYS A 80 -0.59 -5.21 9.87
CA LYS A 80 -0.26 -6.37 10.70
C LYS A 80 0.51 -7.41 9.92
N ARG A 81 0.19 -7.55 8.63
CA ARG A 81 0.80 -8.56 7.79
C ARG A 81 2.18 -8.12 7.31
N ILE A 82 2.29 -6.86 6.92
CA ILE A 82 3.55 -6.32 6.42
C ILE A 82 4.40 -5.76 7.56
N LEU A 83 3.86 -4.76 8.24
CA LEU A 83 4.63 -4.00 9.22
C LEU A 83 4.55 -4.64 10.60
N LYS A 84 3.50 -5.42 10.83
CA LYS A 84 3.33 -6.13 12.09
C LYS A 84 3.27 -5.16 13.27
N MET A 85 2.45 -4.13 13.13
CA MET A 85 2.31 -3.11 14.17
C MET A 85 1.04 -2.30 13.99
N ASP A 86 0.65 -1.58 15.03
CA ASP A 86 -0.48 -0.67 14.96
C ASP A 86 -0.16 0.55 14.12
N ARG A 87 -1.20 1.24 13.64
CA ARG A 87 -1.02 2.42 12.82
C ARG A 87 -0.42 3.56 13.63
N LYS A 88 -0.60 3.51 14.94
CA LYS A 88 0.00 4.49 15.84
C LYS A 88 1.51 4.32 15.91
N ALA A 89 1.96 3.07 15.98
CA ALA A 89 3.38 2.77 15.91
C ALA A 89 4.00 3.25 14.61
N VAL A 90 3.27 3.07 13.52
CA VAL A 90 3.69 3.57 12.21
C VAL A 90 3.78 5.09 12.23
N GLU A 91 2.77 5.74 12.81
CA GLU A 91 2.75 7.20 12.91
C GLU A 91 4.06 7.73 13.47
N THR A 92 4.56 7.09 14.51
CA THR A 92 5.77 7.54 15.19
C THR A 92 7.01 7.28 14.35
N HIS A 93 6.83 6.53 13.26
CA HIS A 93 7.92 6.23 12.35
C HIS A 93 7.89 7.12 11.13
N LEU A 94 6.94 8.06 11.11
CA LEU A 94 6.80 8.98 9.99
C LEU A 94 7.42 10.33 10.30
N HIS A 7 15.56 -1.86 -1.86
CA HIS A 7 14.17 -1.56 -2.21
C HIS A 7 13.22 -2.49 -1.49
N MET A 8 11.93 -2.15 -1.50
CA MET A 8 10.91 -2.95 -0.85
C MET A 8 10.77 -4.31 -1.53
N SER A 9 10.59 -5.35 -0.73
CA SER A 9 10.52 -6.72 -1.24
C SER A 9 9.24 -6.95 -2.02
N ALA A 10 9.34 -7.77 -3.07
CA ALA A 10 8.17 -8.12 -3.87
C ALA A 10 7.10 -8.79 -3.01
N GLU A 11 7.53 -9.54 -2.01
CA GLU A 11 6.61 -10.17 -1.08
C GLU A 11 5.63 -9.16 -0.48
N VAL A 12 6.14 -7.95 -0.23
CA VAL A 12 5.35 -6.92 0.43
C VAL A 12 4.26 -6.38 -0.49
N ILE A 13 4.67 -5.99 -1.70
CA ILE A 13 3.74 -5.40 -2.66
C ILE A 13 2.70 -6.42 -3.12
N HIS A 14 3.06 -7.70 -3.05
CA HIS A 14 2.12 -8.78 -3.31
C HIS A 14 1.03 -8.84 -2.25
N GLN A 15 1.44 -8.65 -0.99
CA GLN A 15 0.49 -8.58 0.12
C GLN A 15 -0.41 -7.36 -0.01
N VAL A 16 0.16 -6.26 -0.50
CA VAL A 16 -0.62 -5.04 -0.72
C VAL A 16 -1.74 -5.27 -1.73
N GLU A 17 -1.38 -5.79 -2.90
CA GLU A 17 -2.35 -6.03 -3.96
C GLU A 17 -3.29 -7.18 -3.60
N GLU A 18 -2.87 -7.99 -2.64
CA GLU A 18 -3.73 -9.03 -2.10
C GLU A 18 -4.86 -8.45 -1.26
N ALA A 19 -4.52 -7.48 -0.41
CA ALA A 19 -5.48 -6.90 0.52
C ALA A 19 -6.28 -5.78 -0.14
N LEU A 20 -5.76 -5.27 -1.26
CA LEU A 20 -6.41 -4.17 -1.97
C LEU A 20 -6.92 -4.63 -3.34
N SER A 21 -7.99 -4.01 -3.79
CA SER A 21 -8.47 -4.21 -5.16
C SER A 21 -7.70 -3.34 -6.14
N SER A 22 -7.85 -3.65 -7.44
CA SER A 22 -7.22 -2.85 -8.48
C SER A 22 -7.67 -1.40 -8.41
N SER A 23 -8.94 -1.19 -8.08
CA SER A 23 -9.48 0.16 -7.94
C SER A 23 -8.89 0.87 -6.73
N GLU A 24 -8.74 0.13 -5.63
CA GLU A 24 -8.12 0.66 -4.42
C GLU A 24 -6.63 0.94 -4.66
N LEU A 25 -6.00 0.11 -5.47
CA LEU A 25 -4.60 0.31 -5.83
C LEU A 25 -4.41 1.50 -6.75
N THR A 26 -5.41 1.75 -7.59
CA THR A 26 -5.46 2.97 -8.39
C THR A 26 -5.55 4.20 -7.49
N GLU A 27 -6.41 4.13 -6.48
CA GLU A 27 -6.51 5.20 -5.49
C GLU A 27 -5.26 5.29 -4.64
N LEU A 28 -4.63 4.16 -4.40
CA LEU A 28 -3.35 4.12 -3.68
C LEU A 28 -2.31 4.98 -4.37
N LYS A 29 -2.23 4.85 -5.69
CA LYS A 29 -1.38 5.73 -6.50
C LYS A 29 -1.71 7.19 -6.25
N TYR A 30 -3.00 7.51 -6.28
CA TYR A 30 -3.44 8.89 -6.10
C TYR A 30 -3.25 9.34 -4.66
N LEU A 31 -3.26 8.39 -3.74
CA LEU A 31 -2.96 8.66 -2.34
C LEU A 31 -1.53 9.14 -2.17
N CYS A 32 -0.61 8.54 -2.93
CA CYS A 32 0.76 9.00 -2.98
C CYS A 32 0.87 10.36 -3.67
N LEU A 33 0.15 10.49 -4.78
CA LEU A 33 0.25 11.69 -5.61
C LEU A 33 -0.54 12.85 -5.00
N GLY A 34 -1.86 12.78 -5.10
CA GLY A 34 -2.72 13.89 -4.73
C GLY A 34 -3.36 13.67 -3.36
N ARG A 35 -2.95 12.60 -2.69
CA ARG A 35 -3.45 12.30 -1.36
C ARG A 35 -4.95 12.03 -1.38
N VAL A 36 -5.40 11.26 -2.36
CA VAL A 36 -6.80 10.88 -2.46
C VAL A 36 -7.02 9.44 -2.02
N GLY A 37 -7.71 9.26 -0.90
CA GLY A 37 -7.90 7.94 -0.32
C GLY A 37 -9.36 7.52 -0.36
N LYS A 38 -9.94 7.53 -1.56
CA LYS A 38 -11.32 7.10 -1.74
C LYS A 38 -11.47 5.60 -1.55
N ARG A 39 -12.52 5.20 -0.86
CA ARG A 39 -12.78 3.79 -0.58
C ARG A 39 -13.38 3.09 -1.79
N LYS A 40 -12.63 2.13 -2.35
CA LYS A 40 -13.07 1.42 -3.53
C LYS A 40 -13.15 -0.08 -3.27
N LEU A 41 -13.72 -0.45 -2.13
CA LEU A 41 -13.80 -1.85 -1.74
C LEU A 41 -14.37 -2.71 -2.85
N GLU A 42 -13.52 -3.53 -3.45
CA GLU A 42 -13.93 -4.42 -4.53
C GLU A 42 -13.18 -5.75 -4.47
N ARG A 43 -13.35 -6.56 -5.51
CA ARG A 43 -12.59 -7.80 -5.64
C ARG A 43 -11.09 -7.54 -5.66
N VAL A 44 -10.35 -8.29 -4.86
CA VAL A 44 -8.92 -8.06 -4.70
C VAL A 44 -8.16 -8.37 -5.98
N GLN A 45 -7.03 -7.69 -6.18
CA GLN A 45 -6.25 -7.85 -7.40
C GLN A 45 -5.50 -9.17 -7.41
N SER A 46 -5.64 -9.91 -8.50
CA SER A 46 -4.94 -11.19 -8.65
C SER A 46 -3.55 -10.99 -9.24
N GLY A 47 -3.30 -9.80 -9.77
CA GLY A 47 -2.01 -9.48 -10.36
C GLY A 47 -2.18 -8.82 -11.73
N VAL A 48 -2.50 -7.53 -11.71
CA VAL A 48 -2.75 -6.79 -12.94
C VAL A 48 -1.79 -5.60 -13.06
N ARG A 49 -1.76 -4.77 -12.02
CA ARG A 49 -0.99 -3.53 -12.06
C ARG A 49 0.49 -3.79 -11.83
N ASP A 50 1.19 -4.18 -12.88
CA ASP A 50 2.62 -4.43 -12.80
C ASP A 50 3.39 -3.14 -12.50
N LEU A 51 2.75 -2.01 -12.74
CA LEU A 51 3.32 -0.72 -12.40
C LEU A 51 3.78 -0.68 -10.94
N LEU A 52 3.03 -1.35 -10.07
CA LEU A 52 3.35 -1.39 -8.65
C LEU A 52 4.70 -2.06 -8.42
N ASP A 53 4.99 -3.12 -9.16
CA ASP A 53 6.27 -3.79 -9.08
C ASP A 53 7.38 -2.95 -9.68
N ILE A 54 7.06 -2.23 -10.76
CA ILE A 54 8.02 -1.33 -11.39
C ILE A 54 8.41 -0.21 -10.43
N LEU A 55 7.42 0.42 -9.80
CA LEU A 55 7.68 1.50 -8.87
C LEU A 55 8.36 1.00 -7.61
N ARG A 56 8.07 -0.24 -7.23
CA ARG A 56 8.74 -0.88 -6.11
C ARG A 56 10.25 -0.96 -6.34
N GLU A 57 10.64 -1.44 -7.51
CA GLU A 57 12.04 -1.52 -7.87
C GLU A 57 12.62 -0.15 -8.17
N ARG A 58 11.79 0.73 -8.71
CA ARG A 58 12.21 2.09 -9.04
C ARG A 58 12.61 2.86 -7.78
N GLY A 59 11.86 2.66 -6.71
CA GLY A 59 12.13 3.34 -5.44
C GLY A 59 11.04 4.35 -5.12
N LYS A 60 9.91 4.23 -5.82
CA LYS A 60 8.77 5.11 -5.57
C LYS A 60 7.79 4.47 -4.60
N LEU A 61 7.86 3.15 -4.47
CA LEU A 61 7.10 2.44 -3.45
C LEU A 61 8.02 1.68 -2.50
N SER A 62 8.75 2.41 -1.68
CA SER A 62 9.61 1.81 -0.67
C SER A 62 8.81 1.40 0.56
N VAL A 63 9.49 0.76 1.51
CA VAL A 63 8.86 0.34 2.76
C VAL A 63 8.28 1.54 3.51
N GLY A 64 9.08 2.60 3.61
CA GLY A 64 8.64 3.82 4.29
C GLY A 64 7.47 4.47 3.55
N ASP A 65 7.56 4.51 2.22
CA ASP A 65 6.48 5.05 1.40
C ASP A 65 5.18 4.31 1.65
N LEU A 66 5.22 2.99 1.60
CA LEU A 66 4.04 2.17 1.81
C LEU A 66 3.48 2.36 3.21
N ALA A 67 4.35 2.36 4.21
CA ALA A 67 3.94 2.52 5.60
C ALA A 67 3.06 3.75 5.77
N GLU A 68 3.48 4.87 5.18
CA GLU A 68 2.70 6.10 5.21
C GLU A 68 1.36 5.91 4.51
N LEU A 69 1.40 5.31 3.32
CA LEU A 69 0.19 5.09 2.53
C LEU A 69 -0.82 4.22 3.27
N LEU A 70 -0.31 3.18 3.93
CA LEU A 70 -1.17 2.27 4.70
C LEU A 70 -1.76 2.98 5.91
N TYR A 71 -0.98 3.86 6.52
CA TYR A 71 -1.47 4.71 7.60
C TYR A 71 -2.63 5.59 7.12
N ARG A 72 -2.43 6.25 5.98
CA ARG A 72 -3.41 7.21 5.48
C ARG A 72 -4.70 6.52 5.07
N VAL A 73 -4.58 5.38 4.39
CA VAL A 73 -5.73 4.64 3.93
C VAL A 73 -6.38 3.85 5.07
N ARG A 74 -5.59 3.57 6.10
CA ARG A 74 -6.12 2.97 7.33
C ARG A 74 -6.54 1.53 7.09
N ARG A 75 -5.69 0.78 6.40
CA ARG A 75 -5.95 -0.64 6.16
C ARG A 75 -5.17 -1.52 7.13
N PHE A 76 -5.82 -1.91 8.21
CA PHE A 76 -5.15 -2.60 9.31
C PHE A 76 -4.74 -4.01 8.90
N ASP A 77 -5.32 -4.49 7.81
CA ASP A 77 -4.98 -5.81 7.27
C ASP A 77 -3.54 -5.86 6.79
N LEU A 78 -2.98 -4.69 6.51
CA LEU A 78 -1.61 -4.58 6.04
C LEU A 78 -0.72 -3.92 7.09
N LEU A 79 -1.32 -3.08 7.92
CA LEU A 79 -0.61 -2.45 9.02
C LEU A 79 -0.17 -3.47 10.06
N LYS A 80 -1.01 -4.48 10.28
CA LYS A 80 -0.71 -5.54 11.24
C LYS A 80 -0.09 -6.75 10.55
N ARG A 81 0.13 -6.64 9.24
CA ARG A 81 0.67 -7.73 8.46
C ARG A 81 2.05 -7.38 7.90
N ILE A 82 2.10 -6.33 7.08
CA ILE A 82 3.37 -5.84 6.54
C ILE A 82 4.16 -5.09 7.59
N LEU A 83 3.52 -4.12 8.23
CA LEU A 83 4.16 -3.32 9.27
C LEU A 83 4.24 -4.09 10.58
N LYS A 84 3.26 -4.96 10.82
CA LYS A 84 3.26 -5.81 12.01
C LYS A 84 3.27 -4.97 13.28
N MET A 85 2.39 -3.98 13.34
CA MET A 85 2.27 -3.12 14.51
C MET A 85 1.02 -2.25 14.44
N ASP A 86 0.68 -1.62 15.56
CA ASP A 86 -0.48 -0.73 15.60
C ASP A 86 -0.29 0.46 14.67
N ARG A 87 -1.41 0.99 14.17
CA ARG A 87 -1.37 2.13 13.27
C ARG A 87 -0.68 3.33 13.91
N LYS A 88 -0.89 3.48 15.22
CA LYS A 88 -0.25 4.55 15.97
C LYS A 88 1.26 4.36 16.01
N ALA A 89 1.70 3.11 16.15
CA ALA A 89 3.11 2.78 16.10
C ALA A 89 3.71 3.11 14.74
N VAL A 90 2.96 2.78 13.69
CA VAL A 90 3.37 3.13 12.32
C VAL A 90 3.55 4.63 12.17
N GLU A 91 2.59 5.39 12.67
CA GLU A 91 2.67 6.85 12.67
C GLU A 91 4.02 7.32 13.24
N THR A 92 4.39 6.76 14.38
CA THR A 92 5.66 7.09 15.02
C THR A 92 6.83 6.85 14.07
N HIS A 93 6.72 5.79 13.27
CA HIS A 93 7.80 5.39 12.39
C HIS A 93 7.60 5.92 10.98
N LEU A 94 6.87 7.02 10.87
CA LEU A 94 6.78 7.76 9.61
C LEU A 94 7.77 8.92 9.58
N HIS A 7 13.74 -0.22 3.23
CA HIS A 7 12.70 -0.92 2.47
C HIS A 7 12.81 -2.42 2.65
N MET A 8 11.86 -3.15 2.06
CA MET A 8 11.82 -4.60 2.19
C MET A 8 11.77 -5.27 0.82
N SER A 9 11.37 -6.54 0.79
CA SER A 9 11.31 -7.30 -0.45
C SER A 9 9.97 -7.10 -1.14
N ALA A 10 9.86 -7.61 -2.37
CA ALA A 10 8.66 -7.44 -3.16
C ALA A 10 7.48 -8.21 -2.58
N GLU A 11 7.79 -9.13 -1.67
CA GLU A 11 6.76 -9.86 -0.95
C GLU A 11 5.76 -8.90 -0.30
N VAL A 12 6.25 -7.77 0.19
CA VAL A 12 5.40 -6.74 0.77
C VAL A 12 4.38 -6.24 -0.24
N ILE A 13 4.85 -5.94 -1.45
CA ILE A 13 3.98 -5.50 -2.53
C ILE A 13 2.89 -6.53 -2.81
N HIS A 14 3.27 -7.80 -2.81
CA HIS A 14 2.32 -8.89 -3.02
C HIS A 14 1.27 -8.91 -1.92
N GLN A 15 1.69 -8.64 -0.69
CA GLN A 15 0.76 -8.54 0.44
C GLN A 15 -0.16 -7.34 0.29
N VAL A 16 0.39 -6.23 -0.19
CA VAL A 16 -0.40 -5.03 -0.39
C VAL A 16 -1.50 -5.25 -1.41
N GLU A 17 -1.15 -5.79 -2.57
CA GLU A 17 -2.10 -6.02 -3.65
C GLU A 17 -3.04 -7.16 -3.31
N GLU A 18 -2.62 -8.01 -2.38
CA GLU A 18 -3.48 -9.10 -1.89
C GLU A 18 -4.74 -8.55 -1.26
N ALA A 19 -4.59 -7.58 -0.36
CA ALA A 19 -5.70 -7.08 0.42
C ALA A 19 -6.42 -5.95 -0.31
N LEU A 20 -5.66 -5.16 -1.07
CA LEU A 20 -6.20 -4.01 -1.77
C LEU A 20 -6.72 -4.40 -3.16
N SER A 21 -7.76 -3.72 -3.62
CA SER A 21 -8.22 -3.85 -4.99
C SER A 21 -7.37 -2.99 -5.93
N SER A 22 -7.52 -3.24 -7.23
CA SER A 22 -6.82 -2.44 -8.24
C SER A 22 -7.27 -0.98 -8.19
N SER A 23 -8.52 -0.77 -7.77
CA SER A 23 -9.04 0.58 -7.60
C SER A 23 -8.43 1.25 -6.37
N GLU A 24 -8.29 0.50 -5.29
CA GLU A 24 -7.64 1.00 -4.08
C GLU A 24 -6.17 1.30 -4.33
N LEU A 25 -5.51 0.42 -5.09
CA LEU A 25 -4.12 0.64 -5.46
C LEU A 25 -3.96 1.88 -6.30
N THR A 26 -4.93 2.14 -7.17
CA THR A 26 -4.98 3.39 -7.93
C THR A 26 -5.11 4.59 -7.01
N GLU A 27 -5.93 4.45 -5.98
CA GLU A 27 -6.12 5.52 -5.00
C GLU A 27 -4.86 5.76 -4.19
N LEU A 28 -4.09 4.71 -3.95
CA LEU A 28 -2.78 4.82 -3.33
C LEU A 28 -1.86 5.71 -4.16
N LYS A 29 -1.89 5.51 -5.47
CA LYS A 29 -1.19 6.40 -6.40
C LYS A 29 -1.71 7.83 -6.31
N TYR A 30 -3.03 7.96 -6.22
CA TYR A 30 -3.68 9.26 -6.16
C TYR A 30 -3.32 9.99 -4.86
N LEU A 31 -3.12 9.23 -3.80
CA LEU A 31 -2.63 9.78 -2.55
C LEU A 31 -1.25 10.41 -2.71
N CYS A 32 -0.38 9.74 -3.47
CA CYS A 32 0.93 10.27 -3.78
C CYS A 32 0.85 11.49 -4.68
N LEU A 33 -0.17 11.51 -5.55
CA LEU A 33 -0.33 12.57 -6.52
C LEU A 33 -1.15 13.73 -5.96
N GLY A 34 -2.46 13.52 -5.87
CA GLY A 34 -3.38 14.59 -5.53
C GLY A 34 -3.91 14.46 -4.11
N ARG A 35 -3.38 13.47 -3.39
CA ARG A 35 -3.79 13.23 -2.01
C ARG A 35 -5.25 12.80 -1.93
N VAL A 36 -5.65 11.91 -2.82
CA VAL A 36 -7.02 11.41 -2.85
C VAL A 36 -7.06 9.92 -2.54
N GLY A 37 -7.51 9.58 -1.34
CA GLY A 37 -7.55 8.19 -0.90
C GLY A 37 -8.99 7.72 -0.67
N LYS A 38 -9.79 7.78 -1.72
CA LYS A 38 -11.21 7.41 -1.64
C LYS A 38 -11.37 5.91 -1.46
N ARG A 39 -12.35 5.51 -0.66
CA ARG A 39 -12.63 4.10 -0.42
C ARG A 39 -13.15 3.43 -1.68
N LYS A 40 -12.53 2.32 -2.06
CA LYS A 40 -12.94 1.57 -3.25
C LYS A 40 -13.20 0.11 -2.92
N LEU A 41 -14.38 -0.19 -2.42
CA LEU A 41 -14.74 -1.55 -2.03
C LEU A 41 -14.95 -2.42 -3.26
N GLU A 42 -13.86 -2.80 -3.91
CA GLU A 42 -13.92 -3.62 -5.12
C GLU A 42 -13.22 -4.95 -4.91
N ARG A 43 -13.24 -5.78 -5.94
CA ARG A 43 -12.55 -7.07 -5.91
C ARG A 43 -11.04 -6.89 -5.81
N VAL A 44 -10.40 -7.66 -4.93
CA VAL A 44 -8.98 -7.51 -4.68
C VAL A 44 -8.15 -7.84 -5.92
N GLN A 45 -6.97 -7.24 -6.01
CA GLN A 45 -6.07 -7.51 -7.13
C GLN A 45 -5.69 -8.98 -7.18
N SER A 46 -5.76 -9.57 -8.37
CA SER A 46 -5.51 -11.00 -8.54
C SER A 46 -4.13 -11.39 -8.05
N GLY A 47 -3.18 -10.47 -8.18
CA GLY A 47 -1.84 -10.66 -7.62
C GLY A 47 -0.78 -10.61 -8.71
N VAL A 48 -0.99 -9.74 -9.70
CA VAL A 48 -0.10 -9.64 -10.84
C VAL A 48 0.27 -8.19 -11.13
N ARG A 49 0.07 -7.32 -10.14
CA ARG A 49 0.29 -5.90 -10.31
C ARG A 49 1.76 -5.54 -10.20
N ASP A 50 2.53 -5.90 -11.22
CA ASP A 50 3.97 -5.68 -11.21
C ASP A 50 4.31 -4.20 -11.32
N LEU A 51 3.31 -3.40 -11.70
CA LEU A 51 3.47 -1.95 -11.74
C LEU A 51 3.99 -1.41 -10.42
N LEU A 52 3.54 -2.01 -9.33
CA LEU A 52 3.95 -1.59 -7.99
C LEU A 52 5.44 -1.81 -7.78
N ASP A 53 5.95 -2.92 -8.31
CA ASP A 53 7.38 -3.21 -8.25
C ASP A 53 8.17 -2.27 -9.14
N ILE A 54 7.62 -1.94 -10.29
CA ILE A 54 8.22 -0.96 -11.18
C ILE A 54 8.30 0.41 -10.52
N LEU A 55 7.22 0.81 -9.87
CA LEU A 55 7.14 2.13 -9.24
C LEU A 55 7.91 2.15 -7.92
N ARG A 56 8.15 0.97 -7.36
CA ARG A 56 9.08 0.83 -6.26
C ARG A 56 10.50 1.22 -6.66
N GLU A 57 10.95 0.68 -7.79
CA GLU A 57 12.27 1.03 -8.32
C GLU A 57 12.31 2.47 -8.79
N ARG A 58 11.20 2.94 -9.36
CA ARG A 58 11.10 4.32 -9.82
C ARG A 58 11.17 5.30 -8.66
N GLY A 59 10.53 4.95 -7.55
CA GLY A 59 10.54 5.79 -6.36
C GLY A 59 9.21 6.52 -6.20
N LYS A 60 8.14 5.92 -6.73
CA LYS A 60 6.81 6.50 -6.61
C LYS A 60 5.97 5.73 -5.60
N LEU A 61 6.04 4.41 -5.66
CA LEU A 61 5.36 3.57 -4.69
C LEU A 61 6.30 2.50 -4.13
N SER A 62 7.30 2.93 -3.37
CA SER A 62 8.23 2.02 -2.73
C SER A 62 7.61 1.38 -1.49
N VAL A 63 8.32 0.43 -0.89
CA VAL A 63 7.85 -0.25 0.30
C VAL A 63 7.55 0.74 1.42
N GLY A 64 8.49 1.65 1.66
CA GLY A 64 8.30 2.70 2.64
C GLY A 64 7.09 3.56 2.31
N ASP A 65 6.96 3.93 1.03
CA ASP A 65 5.83 4.71 0.56
C ASP A 65 4.51 4.00 0.83
N LEU A 66 4.45 2.71 0.49
CA LEU A 66 3.24 1.93 0.64
C LEU A 66 2.82 1.85 2.11
N ALA A 67 3.80 1.65 2.98
CA ALA A 67 3.55 1.58 4.42
C ALA A 67 2.85 2.84 4.91
N GLU A 68 3.36 3.99 4.49
CA GLU A 68 2.72 5.27 4.80
C GLU A 68 1.30 5.32 4.25
N LEU A 69 1.14 4.91 3.00
CA LEU A 69 -0.17 4.95 2.34
C LEU A 69 -1.17 4.07 3.06
N LEU A 70 -0.71 2.92 3.55
CA LEU A 70 -1.56 2.00 4.29
C LEU A 70 -2.08 2.64 5.57
N TYR A 71 -1.22 3.42 6.23
CA TYR A 71 -1.64 4.22 7.38
C TYR A 71 -2.68 5.24 6.98
N ARG A 72 -2.46 5.92 5.87
CA ARG A 72 -3.34 6.98 5.42
C ARG A 72 -4.75 6.48 5.17
N VAL A 73 -4.85 5.27 4.60
CA VAL A 73 -6.14 4.65 4.37
C VAL A 73 -6.58 3.80 5.55
N ARG A 74 -5.62 3.50 6.43
CA ARG A 74 -5.92 2.77 7.66
C ARG A 74 -6.48 1.39 7.36
N ARG A 75 -5.82 0.67 6.45
CA ARG A 75 -6.16 -0.71 6.17
C ARG A 75 -5.51 -1.66 7.16
N PHE A 76 -6.19 -1.93 8.26
CA PHE A 76 -5.59 -2.60 9.40
C PHE A 76 -5.18 -4.03 9.05
N ASP A 77 -5.82 -4.58 8.03
CA ASP A 77 -5.44 -5.89 7.50
C ASP A 77 -3.96 -5.93 7.15
N LEU A 78 -3.47 -4.86 6.53
CA LEU A 78 -2.10 -4.80 6.05
C LEU A 78 -1.19 -4.13 7.06
N LEU A 79 -1.78 -3.36 7.97
CA LEU A 79 -1.04 -2.78 9.09
C LEU A 79 -0.66 -3.84 10.12
N LYS A 80 -1.36 -4.97 10.06
CA LYS A 80 -1.02 -6.12 10.90
C LYS A 80 -0.28 -7.18 10.10
N ARG A 81 -0.63 -7.31 8.82
CA ARG A 81 0.01 -8.29 7.95
C ARG A 81 1.44 -7.87 7.59
N ILE A 82 1.60 -6.60 7.24
CA ILE A 82 2.90 -6.11 6.79
C ILE A 82 3.62 -5.35 7.89
N LEU A 83 2.95 -4.35 8.45
CA LEU A 83 3.54 -3.51 9.49
C LEU A 83 3.62 -4.25 10.82
N LYS A 84 2.64 -5.12 11.07
CA LYS A 84 2.65 -5.95 12.27
C LYS A 84 2.72 -5.11 13.53
N MET A 85 1.95 -4.03 13.56
CA MET A 85 1.91 -3.14 14.71
C MET A 85 0.73 -2.18 14.64
N ASP A 86 0.41 -1.56 15.76
CA ASP A 86 -0.67 -0.59 15.82
C ASP A 86 -0.35 0.64 14.98
N ARG A 87 -1.40 1.29 14.47
CA ARG A 87 -1.24 2.38 13.52
C ARG A 87 -0.43 3.52 14.12
N LYS A 88 -0.48 3.62 15.44
CA LYS A 88 0.32 4.62 16.15
C LYS A 88 1.81 4.33 15.99
N ALA A 89 2.19 3.07 16.12
CA ALA A 89 3.57 2.65 15.90
C ALA A 89 3.95 2.77 14.43
N VAL A 90 3.00 2.49 13.55
CA VAL A 90 3.23 2.60 12.11
C VAL A 90 3.67 4.01 11.74
N GLU A 91 2.92 5.01 12.20
CA GLU A 91 3.30 6.40 12.01
C GLU A 91 4.64 6.70 12.65
N THR A 92 4.83 6.22 13.88
CA THR A 92 6.05 6.48 14.63
C THR A 92 7.28 6.04 13.84
N HIS A 93 7.17 4.88 13.20
CA HIS A 93 8.31 4.28 12.52
C HIS A 93 8.29 4.58 11.03
N LEU A 94 7.62 5.67 10.66
CA LEU A 94 7.63 6.16 9.28
C LEU A 94 7.94 7.64 9.23
N HIS A 7 12.99 -4.02 7.22
CA HIS A 7 12.77 -3.76 5.80
C HIS A 7 12.10 -4.94 5.12
N MET A 8 11.08 -4.65 4.32
CA MET A 8 10.31 -5.70 3.66
C MET A 8 10.91 -6.07 2.31
N SER A 9 10.65 -7.29 1.86
CA SER A 9 11.11 -7.73 0.54
C SER A 9 10.24 -7.16 -0.56
N ALA A 10 10.65 -7.38 -1.80
CA ALA A 10 9.94 -6.83 -2.96
C ALA A 10 8.50 -7.30 -2.99
N GLU A 11 8.25 -8.48 -2.45
CA GLU A 11 6.92 -9.07 -2.48
C GLU A 11 5.88 -8.15 -1.84
N VAL A 12 6.35 -7.29 -0.94
CA VAL A 12 5.45 -6.42 -0.18
C VAL A 12 4.51 -5.66 -1.11
N ILE A 13 4.98 -5.38 -2.33
CA ILE A 13 4.20 -4.60 -3.28
C ILE A 13 2.97 -5.37 -3.76
N HIS A 14 3.05 -6.69 -3.68
CA HIS A 14 1.91 -7.54 -4.06
C HIS A 14 1.14 -7.98 -2.83
N GLN A 15 1.80 -8.00 -1.67
CA GLN A 15 1.14 -8.28 -0.42
C GLN A 15 0.03 -7.27 -0.13
N VAL A 16 0.28 -6.02 -0.49
CA VAL A 16 -0.75 -4.98 -0.44
C VAL A 16 -1.92 -5.34 -1.35
N GLU A 17 -1.60 -5.84 -2.55
CA GLU A 17 -2.62 -6.13 -3.56
C GLU A 17 -3.56 -7.22 -3.08
N GLU A 18 -3.06 -8.11 -2.23
CA GLU A 18 -3.83 -9.26 -1.77
C GLU A 18 -4.91 -8.84 -0.80
N ALA A 19 -4.84 -7.60 -0.34
CA ALA A 19 -5.79 -7.09 0.65
C ALA A 19 -6.70 -6.03 0.05
N LEU A 20 -6.18 -5.30 -0.93
CA LEU A 20 -6.90 -4.17 -1.51
C LEU A 20 -7.39 -4.49 -2.92
N SER A 21 -8.35 -3.73 -3.40
CA SER A 21 -8.88 -3.89 -4.75
C SER A 21 -8.02 -3.16 -5.78
N SER A 22 -8.23 -3.47 -7.05
CA SER A 22 -7.48 -2.81 -8.12
C SER A 22 -7.77 -1.33 -8.16
N SER A 23 -8.99 -0.95 -7.77
CA SER A 23 -9.36 0.46 -7.70
C SER A 23 -8.61 1.16 -6.57
N GLU A 24 -8.55 0.52 -5.41
CA GLU A 24 -7.82 1.06 -4.27
C GLU A 24 -6.33 1.17 -4.57
N LEU A 25 -5.81 0.18 -5.28
CA LEU A 25 -4.39 0.16 -5.65
C LEU A 25 -4.05 1.34 -6.57
N THR A 26 -4.96 1.65 -7.49
CA THR A 26 -4.83 2.82 -8.33
C THR A 26 -4.83 4.10 -7.50
N GLU A 27 -5.70 4.14 -6.50
CA GLU A 27 -5.81 5.32 -5.64
C GLU A 27 -4.54 5.54 -4.83
N LEU A 28 -3.87 4.45 -4.48
CA LEU A 28 -2.61 4.52 -3.76
C LEU A 28 -1.56 5.30 -4.56
N LYS A 29 -1.52 5.05 -5.87
CA LYS A 29 -0.67 5.83 -6.76
C LYS A 29 -0.97 7.32 -6.66
N TYR A 30 -2.26 7.66 -6.69
CA TYR A 30 -2.68 9.05 -6.63
C TYR A 30 -2.60 9.58 -5.20
N LEU A 31 -2.62 8.67 -4.23
CA LEU A 31 -2.50 9.05 -2.83
C LEU A 31 -1.09 9.52 -2.50
N CYS A 32 -0.11 8.83 -3.05
CA CYS A 32 1.29 9.23 -2.90
C CYS A 32 1.66 10.35 -3.85
N LEU A 33 0.86 10.51 -4.91
CA LEU A 33 1.10 11.55 -5.89
C LEU A 33 0.36 12.83 -5.53
N GLY A 34 -0.95 12.83 -5.71
CA GLY A 34 -1.74 14.04 -5.56
C GLY A 34 -2.55 14.02 -4.27
N ARG A 35 -2.32 13.00 -3.45
CA ARG A 35 -2.98 12.89 -2.16
C ARG A 35 -4.48 12.63 -2.32
N VAL A 36 -4.82 11.75 -3.25
CA VAL A 36 -6.22 11.35 -3.45
C VAL A 36 -6.59 10.18 -2.55
N GLY A 37 -7.74 10.28 -1.91
CA GLY A 37 -8.16 9.32 -0.91
C GLY A 37 -8.46 7.96 -1.54
N LYS A 38 -8.69 6.96 -0.70
CA LYS A 38 -8.87 5.59 -1.17
C LYS A 38 -10.27 5.39 -1.75
N ARG A 39 -10.42 4.36 -2.57
CA ARG A 39 -11.71 4.07 -3.20
C ARG A 39 -12.46 3.00 -2.42
N LYS A 40 -13.79 3.04 -2.51
CA LYS A 40 -14.62 2.01 -1.89
C LYS A 40 -14.13 0.62 -2.24
N LEU A 41 -14.13 -0.26 -1.24
CA LEU A 41 -13.61 -1.62 -1.41
C LEU A 41 -14.35 -2.36 -2.51
N GLU A 42 -13.60 -2.88 -3.48
CA GLU A 42 -14.18 -3.70 -4.55
C GLU A 42 -13.49 -5.05 -4.64
N ARG A 43 -13.58 -5.66 -5.82
CA ARG A 43 -12.92 -6.94 -6.06
C ARG A 43 -11.46 -6.91 -5.63
N VAL A 44 -11.12 -7.72 -4.63
CA VAL A 44 -9.76 -7.74 -4.09
C VAL A 44 -8.84 -8.57 -4.98
N GLN A 45 -7.63 -8.06 -5.19
CA GLN A 45 -6.69 -8.67 -6.12
C GLN A 45 -5.79 -9.67 -5.40
N SER A 46 -4.84 -10.23 -6.13
CA SER A 46 -3.91 -11.20 -5.56
C SER A 46 -2.49 -10.99 -6.09
N GLY A 47 -2.26 -9.82 -6.67
CA GLY A 47 -0.96 -9.48 -7.25
C GLY A 47 -1.01 -9.48 -8.77
N VAL A 48 -1.42 -8.36 -9.33
CA VAL A 48 -1.60 -8.25 -10.78
C VAL A 48 -1.01 -6.96 -11.31
N ARG A 49 -0.92 -5.96 -10.45
CA ARG A 49 -0.55 -4.61 -10.86
C ARG A 49 0.97 -4.49 -11.02
N ASP A 50 1.49 -4.95 -12.14
CA ASP A 50 2.92 -4.87 -12.41
C ASP A 50 3.39 -3.42 -12.47
N LEU A 51 2.46 -2.52 -12.76
CA LEU A 51 2.76 -1.09 -12.79
C LEU A 51 3.22 -0.59 -11.43
N LEU A 52 2.67 -1.19 -10.37
CA LEU A 52 3.05 -0.82 -9.01
C LEU A 52 4.39 -1.40 -8.62
N ASP A 53 4.68 -2.59 -9.15
CA ASP A 53 6.01 -3.18 -9.02
C ASP A 53 7.06 -2.33 -9.71
N ILE A 54 6.70 -1.77 -10.86
CA ILE A 54 7.57 -0.83 -11.56
C ILE A 54 7.81 0.42 -10.72
N LEU A 55 6.75 0.94 -10.11
CA LEU A 55 6.86 2.10 -9.24
C LEU A 55 7.74 1.82 -8.04
N ARG A 56 7.69 0.59 -7.54
CA ARG A 56 8.57 0.15 -6.47
C ARG A 56 10.03 0.26 -6.89
N GLU A 57 10.35 -0.25 -8.08
CA GLU A 57 11.70 -0.15 -8.62
C GLU A 57 12.05 1.29 -8.95
N ARG A 58 11.06 2.06 -9.39
CA ARG A 58 11.27 3.46 -9.72
C ARG A 58 11.65 4.27 -8.50
N GLY A 59 11.06 3.94 -7.36
CA GLY A 59 11.31 4.65 -6.11
C GLY A 59 10.11 5.48 -5.69
N LYS A 60 8.94 5.12 -6.22
CA LYS A 60 7.70 5.81 -5.88
C LYS A 60 6.90 5.02 -4.85
N LEU A 61 7.03 3.70 -4.89
CA LEU A 61 6.39 2.84 -3.91
C LEU A 61 7.41 1.94 -3.21
N SER A 62 8.28 2.56 -2.41
CA SER A 62 9.21 1.80 -1.58
C SER A 62 8.51 1.26 -0.34
N VAL A 63 9.25 0.49 0.46
CA VAL A 63 8.71 -0.06 1.70
C VAL A 63 8.24 1.06 2.63
N GLY A 64 9.05 2.10 2.76
CA GLY A 64 8.70 3.25 3.58
C GLY A 64 7.49 3.97 3.02
N ASP A 65 7.44 4.11 1.70
CA ASP A 65 6.31 4.74 1.04
C ASP A 65 5.01 3.97 1.30
N LEU A 66 5.08 2.66 1.16
CA LEU A 66 3.92 1.81 1.38
C LEU A 66 3.46 1.88 2.84
N ALA A 67 4.41 1.91 3.75
CA ALA A 67 4.10 2.02 5.18
C ALA A 67 3.25 3.25 5.46
N GLU A 68 3.64 4.39 4.89
CA GLU A 68 2.84 5.61 4.99
C GLU A 68 1.46 5.42 4.40
N LEU A 69 1.40 4.83 3.21
CA LEU A 69 0.14 4.62 2.51
C LEU A 69 -0.80 3.75 3.32
N LEU A 70 -0.25 2.70 3.94
CA LEU A 70 -1.04 1.79 4.75
C LEU A 70 -1.66 2.50 5.95
N TYR A 71 -0.90 3.43 6.53
CA TYR A 71 -1.42 4.29 7.58
C TYR A 71 -2.57 5.14 7.08
N ARG A 72 -2.38 5.77 5.92
CA ARG A 72 -3.35 6.72 5.38
C ARG A 72 -4.69 6.04 5.10
N VAL A 73 -4.62 4.82 4.57
CA VAL A 73 -5.83 4.05 4.28
C VAL A 73 -6.30 3.27 5.51
N ARG A 74 -5.38 3.04 6.44
CA ARG A 74 -5.71 2.37 7.69
C ARG A 74 -6.23 0.95 7.43
N ARG A 75 -5.48 0.18 6.66
CA ARG A 75 -5.86 -1.18 6.34
C ARG A 75 -5.38 -2.17 7.39
N PHE A 76 -6.30 -2.63 8.24
CA PHE A 76 -5.94 -3.41 9.41
C PHE A 76 -5.07 -4.60 9.04
N ASP A 77 -5.52 -5.37 8.04
CA ASP A 77 -4.85 -6.62 7.66
C ASP A 77 -3.39 -6.37 7.31
N LEU A 78 -3.16 -5.32 6.51
CA LEU A 78 -1.81 -5.04 6.01
C LEU A 78 -0.95 -4.37 7.09
N LEU A 79 -1.60 -3.62 7.97
CA LEU A 79 -0.91 -3.03 9.11
C LEU A 79 -0.39 -4.11 10.05
N LYS A 80 -1.13 -5.21 10.16
CA LYS A 80 -0.73 -6.31 11.03
C LYS A 80 0.11 -7.33 10.27
N ARG A 81 -0.04 -7.35 8.95
CA ARG A 81 0.71 -8.28 8.11
C ARG A 81 2.07 -7.72 7.72
N ILE A 82 2.06 -6.63 6.98
CA ILE A 82 3.29 -6.05 6.45
C ILE A 82 4.08 -5.35 7.53
N LEU A 83 3.42 -4.47 8.28
CA LEU A 83 4.09 -3.63 9.26
C LEU A 83 4.05 -4.26 10.65
N LYS A 84 3.03 -5.07 10.90
CA LYS A 84 2.94 -5.84 12.13
C LYS A 84 2.90 -4.93 13.35
N MET A 85 1.97 -3.98 13.34
CA MET A 85 1.82 -3.05 14.46
C MET A 85 0.58 -2.18 14.28
N ASP A 86 0.20 -1.49 15.36
CA ASP A 86 -0.92 -0.57 15.30
C ASP A 86 -0.61 0.64 14.42
N ARG A 87 -1.65 1.25 13.87
CA ARG A 87 -1.49 2.39 12.98
C ARG A 87 -0.86 3.57 13.70
N LYS A 88 -1.04 3.62 15.01
CA LYS A 88 -0.40 4.65 15.84
C LYS A 88 1.10 4.42 15.95
N ALA A 89 1.49 3.16 16.09
CA ALA A 89 2.90 2.79 16.06
C ALA A 89 3.52 3.12 14.72
N VAL A 90 2.77 2.90 13.65
CA VAL A 90 3.21 3.28 12.31
C VAL A 90 3.43 4.78 12.20
N GLU A 91 2.45 5.54 12.68
CA GLU A 91 2.57 7.00 12.74
C GLU A 91 3.89 7.41 13.39
N THR A 92 4.22 6.77 14.51
CA THR A 92 5.47 7.03 15.20
C THR A 92 6.67 6.81 14.28
N HIS A 93 6.57 5.81 13.42
CA HIS A 93 7.67 5.46 12.52
C HIS A 93 7.47 6.09 11.15
N LEU A 94 6.72 7.17 11.10
CA LEU A 94 6.60 7.98 9.89
C LEU A 94 7.12 9.39 10.12
N HIS A 7 15.80 -2.46 1.10
CA HIS A 7 14.35 -2.30 1.03
C HIS A 7 13.66 -3.64 1.23
N MET A 8 12.33 -3.61 1.30
CA MET A 8 11.54 -4.82 1.49
C MET A 8 11.34 -5.56 0.18
N SER A 9 11.03 -6.86 0.28
CA SER A 9 10.90 -7.70 -0.90
C SER A 9 9.57 -7.47 -1.60
N ALA A 10 9.42 -8.07 -2.78
CA ALA A 10 8.24 -7.86 -3.60
C ALA A 10 6.98 -8.36 -2.90
N GLU A 11 7.17 -9.28 -1.95
CA GLU A 11 6.05 -9.82 -1.20
C GLU A 11 5.15 -8.72 -0.64
N VAL A 12 5.77 -7.62 -0.23
CA VAL A 12 5.03 -6.50 0.31
C VAL A 12 4.03 -5.95 -0.69
N ILE A 13 4.49 -5.71 -1.91
CA ILE A 13 3.63 -5.24 -2.99
C ILE A 13 2.53 -6.25 -3.29
N HIS A 14 2.88 -7.53 -3.26
CA HIS A 14 1.93 -8.60 -3.51
C HIS A 14 0.84 -8.62 -2.46
N GLN A 15 1.22 -8.32 -1.21
CA GLN A 15 0.26 -8.24 -0.12
C GLN A 15 -0.69 -7.06 -0.32
N VAL A 16 -0.15 -5.94 -0.77
CA VAL A 16 -0.95 -4.74 -0.99
C VAL A 16 -2.05 -5.00 -2.03
N GLU A 17 -1.66 -5.56 -3.17
CA GLU A 17 -2.60 -5.83 -4.24
C GLU A 17 -3.53 -6.98 -3.88
N GLU A 18 -3.08 -7.83 -2.96
CA GLU A 18 -3.93 -8.89 -2.41
C GLU A 18 -5.06 -8.31 -1.56
N ALA A 19 -4.70 -7.42 -0.64
CA ALA A 19 -5.66 -6.90 0.32
C ALA A 19 -6.59 -5.89 -0.33
N LEU A 20 -6.04 -5.09 -1.23
CA LEU A 20 -6.79 -3.98 -1.83
C LEU A 20 -7.42 -4.39 -3.16
N SER A 21 -8.55 -3.78 -3.48
CA SER A 21 -9.15 -3.94 -4.80
C SER A 21 -8.45 -3.07 -5.84
N SER A 22 -8.77 -3.29 -7.11
CA SER A 22 -8.21 -2.49 -8.19
C SER A 22 -8.63 -1.03 -8.08
N SER A 23 -9.80 -0.80 -7.48
CA SER A 23 -10.28 0.55 -7.23
C SER A 23 -9.56 1.18 -6.05
N GLU A 24 -9.29 0.38 -5.03
CA GLU A 24 -8.52 0.83 -3.87
C GLU A 24 -7.06 1.04 -4.24
N LEU A 25 -6.57 0.26 -5.19
CA LEU A 25 -5.23 0.43 -5.73
C LEU A 25 -5.14 1.69 -6.60
N THR A 26 -6.25 2.01 -7.25
CA THR A 26 -6.39 3.30 -7.94
C THR A 26 -6.33 4.46 -6.95
N GLU A 27 -6.99 4.30 -5.81
CA GLU A 27 -6.93 5.28 -4.74
C GLU A 27 -5.54 5.33 -4.13
N LEU A 28 -4.88 4.18 -4.07
CA LEU A 28 -3.48 4.12 -3.64
C LEU A 28 -2.60 5.00 -4.50
N LYS A 29 -2.78 4.93 -5.81
CA LYS A 29 -2.13 5.84 -6.74
C LYS A 29 -2.49 7.29 -6.41
N TYR A 30 -3.76 7.53 -6.11
CA TYR A 30 -4.23 8.87 -5.81
C TYR A 30 -3.62 9.39 -4.51
N LEU A 31 -3.31 8.48 -3.59
CA LEU A 31 -2.59 8.81 -2.37
C LEU A 31 -1.19 9.33 -2.70
N CYS A 32 -0.56 8.71 -3.69
CA CYS A 32 0.75 9.16 -4.16
C CYS A 32 0.64 10.50 -4.87
N LEU A 33 -0.48 10.72 -5.55
CA LEU A 33 -0.66 11.91 -6.37
C LEU A 33 -1.25 13.05 -5.56
N GLY A 34 -2.55 12.96 -5.27
CA GLY A 34 -3.29 14.06 -4.68
C GLY A 34 -3.61 13.79 -3.21
N ARG A 35 -3.10 12.67 -2.70
CA ARG A 35 -3.33 12.29 -1.31
C ARG A 35 -4.81 12.02 -1.05
N VAL A 36 -5.44 11.31 -1.97
CA VAL A 36 -6.86 10.99 -1.85
C VAL A 36 -7.08 9.49 -1.66
N GLY A 37 -7.46 9.11 -0.46
CA GLY A 37 -7.66 7.70 -0.13
C GLY A 37 -9.11 7.42 0.20
N LYS A 38 -9.97 7.41 -0.81
CA LYS A 38 -11.38 7.13 -0.63
C LYS A 38 -11.64 5.64 -0.47
N ARG A 39 -12.73 5.30 0.20
CA ARG A 39 -13.08 3.91 0.45
C ARG A 39 -13.70 3.26 -0.78
N LYS A 40 -13.00 2.31 -1.37
CA LYS A 40 -13.46 1.62 -2.57
C LYS A 40 -13.53 0.12 -2.36
N LEU A 41 -14.02 -0.29 -1.19
CA LEU A 41 -14.08 -1.71 -0.84
C LEU A 41 -14.76 -2.51 -1.93
N GLU A 42 -13.97 -3.31 -2.65
CA GLU A 42 -14.49 -4.14 -3.73
C GLU A 42 -13.75 -5.46 -3.82
N ARG A 43 -14.01 -6.20 -4.89
CA ARG A 43 -13.27 -7.44 -5.16
C ARG A 43 -11.78 -7.16 -5.31
N VAL A 44 -10.97 -7.96 -4.63
CA VAL A 44 -9.53 -7.73 -4.57
C VAL A 44 -8.89 -7.94 -5.95
N GLN A 45 -7.72 -7.34 -6.14
CA GLN A 45 -6.98 -7.48 -7.39
C GLN A 45 -6.43 -8.89 -7.54
N SER A 46 -6.31 -9.34 -8.78
CA SER A 46 -6.02 -10.75 -9.07
C SER A 46 -4.52 -10.99 -9.18
N GLY A 47 -3.74 -10.05 -8.65
CA GLY A 47 -2.28 -10.21 -8.56
C GLY A 47 -1.63 -9.96 -9.91
N VAL A 48 -1.77 -8.74 -10.41
CA VAL A 48 -1.26 -8.40 -11.74
C VAL A 48 -0.44 -7.12 -11.69
N ARG A 49 -0.30 -6.55 -10.50
CA ARG A 49 0.31 -5.23 -10.34
C ARG A 49 1.83 -5.32 -10.38
N ASP A 50 2.38 -5.53 -11.57
CA ASP A 50 3.82 -5.55 -11.77
C ASP A 50 4.41 -4.16 -11.65
N LEU A 51 3.61 -3.16 -12.03
CA LEU A 51 4.06 -1.77 -12.00
C LEU A 51 4.51 -1.37 -10.61
N LEU A 52 3.72 -1.73 -9.60
CA LEU A 52 4.02 -1.37 -8.22
C LEU A 52 5.34 -1.96 -7.76
N ASP A 53 5.63 -3.18 -8.22
CA ASP A 53 6.91 -3.82 -7.93
C ASP A 53 8.06 -3.12 -8.64
N ILE A 54 7.81 -2.69 -9.87
CA ILE A 54 8.78 -1.90 -10.62
C ILE A 54 9.09 -0.59 -9.91
N LEU A 55 8.04 0.07 -9.42
CA LEU A 55 8.20 1.33 -8.71
C LEU A 55 8.94 1.14 -7.40
N ARG A 56 8.71 0.00 -6.75
CA ARG A 56 9.46 -0.36 -5.54
C ARG A 56 10.95 -0.43 -5.81
N GLU A 57 11.32 -1.13 -6.88
CA GLU A 57 12.73 -1.23 -7.27
C GLU A 57 13.24 0.11 -7.82
N ARG A 58 12.37 0.83 -8.49
CA ARG A 58 12.74 2.12 -9.08
C ARG A 58 13.14 3.12 -8.00
N GLY A 59 12.39 3.13 -6.90
CA GLY A 59 12.65 4.06 -5.81
C GLY A 59 11.47 5.00 -5.60
N LYS A 60 10.36 4.71 -6.28
CA LYS A 60 9.15 5.50 -6.13
C LYS A 60 8.29 4.97 -5.00
N LEU A 61 8.44 3.68 -4.70
CA LEU A 61 7.77 3.08 -3.55
C LEU A 61 8.78 2.46 -2.58
N SER A 62 9.51 3.31 -1.88
CA SER A 62 10.47 2.85 -0.88
C SER A 62 9.76 2.37 0.39
N VAL A 63 10.53 1.87 1.33
CA VAL A 63 9.98 1.40 2.60
C VAL A 63 9.18 2.50 3.30
N GLY A 64 9.77 3.70 3.36
CA GLY A 64 9.11 4.83 3.98
C GLY A 64 7.86 5.24 3.21
N ASP A 65 7.96 5.23 1.88
CA ASP A 65 6.85 5.58 1.02
C ASP A 65 5.66 4.66 1.25
N LEU A 66 5.93 3.35 1.24
CA LEU A 66 4.88 2.36 1.42
C LEU A 66 4.28 2.42 2.81
N ALA A 67 5.13 2.66 3.81
CA ALA A 67 4.66 2.81 5.18
C ALA A 67 3.65 3.94 5.31
N GLU A 68 3.96 5.07 4.68
CA GLU A 68 3.05 6.21 4.67
C GLU A 68 1.74 5.85 3.96
N LEU A 69 1.86 5.22 2.80
CA LEU A 69 0.68 4.86 2.00
C LEU A 69 -0.23 3.92 2.77
N LEU A 70 0.38 2.95 3.46
CA LEU A 70 -0.38 1.99 4.27
C LEU A 70 -1.06 2.68 5.44
N TYR A 71 -0.38 3.67 6.02
CA TYR A 71 -0.97 4.50 7.06
C TYR A 71 -2.19 5.26 6.54
N ARG A 72 -2.04 5.87 5.36
CA ARG A 72 -3.08 6.72 4.81
C ARG A 72 -4.32 5.92 4.44
N VAL A 73 -4.10 4.77 3.81
CA VAL A 73 -5.20 3.91 3.38
C VAL A 73 -5.82 3.18 4.56
N ARG A 74 -5.02 2.96 5.61
CA ARG A 74 -5.53 2.41 6.85
C ARG A 74 -6.10 1.02 6.65
N ARG A 75 -5.36 0.17 5.96
CA ARG A 75 -5.77 -1.21 5.73
C ARG A 75 -5.26 -2.14 6.82
N PHE A 76 -6.16 -2.58 7.68
CA PHE A 76 -5.79 -3.33 8.87
C PHE A 76 -4.88 -4.50 8.52
N ASP A 77 -5.29 -5.30 7.54
CA ASP A 77 -4.56 -6.49 7.17
C ASP A 77 -3.12 -6.17 6.79
N LEU A 78 -2.94 -5.09 6.03
CA LEU A 78 -1.62 -4.71 5.55
C LEU A 78 -0.77 -4.10 6.65
N LEU A 79 -1.43 -3.42 7.58
CA LEU A 79 -0.75 -2.85 8.74
C LEU A 79 -0.17 -3.95 9.63
N LYS A 80 -0.84 -5.10 9.66
CA LYS A 80 -0.43 -6.21 10.51
C LYS A 80 0.51 -7.15 9.76
N ARG A 81 0.30 -7.30 8.47
CA ARG A 81 1.09 -8.21 7.65
C ARG A 81 2.42 -7.58 7.26
N ILE A 82 2.35 -6.38 6.71
CA ILE A 82 3.55 -5.71 6.19
C ILE A 82 4.30 -4.98 7.29
N LEU A 83 3.62 -4.03 7.94
CA LEU A 83 4.27 -3.17 8.91
C LEU A 83 4.26 -3.81 10.30
N LYS A 84 3.32 -4.72 10.53
CA LYS A 84 3.30 -5.51 11.74
C LYS A 84 3.20 -4.63 12.99
N MET A 85 2.21 -3.74 12.99
CA MET A 85 1.98 -2.86 14.12
C MET A 85 0.69 -2.07 13.96
N ASP A 86 0.24 -1.45 15.04
CA ASP A 86 -0.96 -0.63 15.01
C ASP A 86 -0.76 0.63 14.16
N ARG A 87 -1.85 1.16 13.63
CA ARG A 87 -1.79 2.35 12.81
C ARG A 87 -1.10 3.50 13.53
N LYS A 88 -1.43 3.66 14.80
CA LYS A 88 -0.80 4.70 15.63
C LYS A 88 0.70 4.44 15.77
N ALA A 89 1.08 3.18 15.88
CA ALA A 89 2.48 2.81 15.96
C ALA A 89 3.21 3.14 14.67
N VAL A 90 2.54 2.95 13.54
CA VAL A 90 3.09 3.31 12.24
C VAL A 90 3.43 4.79 12.19
N GLU A 91 2.50 5.63 12.64
CA GLU A 91 2.75 7.07 12.73
C GLU A 91 4.00 7.37 13.55
N THR A 92 4.10 6.72 14.71
CA THR A 92 5.27 6.88 15.57
C THR A 92 6.56 6.54 14.83
N HIS A 93 6.51 5.49 14.01
CA HIS A 93 7.67 5.03 13.27
C HIS A 93 7.63 5.50 11.82
N LEU A 94 6.97 6.63 11.59
CA LEU A 94 6.87 7.20 10.25
C LEU A 94 7.25 8.67 10.24
#